data_8ADI
#
_entry.id   8ADI
#
loop_
_entity.id
_entity.type
_entity.pdbx_description
1 polymer 'Outer membrane protein assembly factor BamA'
2 polymer 'Outer membrane protein assembly factor BamB'
3 polymer 'Outer membrane protein assembly factor BamC'
4 polymer 'Outer membrane protein assembly factor BamD'
5 polymer 'Outer membrane protein assembly factor BamE'
6 polymer 'TRP-ASN-UX8, Darobactin 9'
#
loop_
_entity_poly.entity_id
_entity_poly.type
_entity_poly.pdbx_seq_one_letter_code
_entity_poly.pdbx_strand_id
1 'polypeptide(L)'
;MGSMAMKKLLIASLLFSSATVYGAEGFVVKDIHFEGLQRVAVGAALLSMPVRTGDTVNDEDISNTIRALFATGNFEDVRV
LRDGDTLLVQVKERPTIASITFSGNKSVKDDMLKQNLEASGVRVGESLDRTTIADIEKGLEDFYYSVGKYSASVKAVVTP
LPRNRVDLKLVFQEGVSAEIQQINIVGNHAFTTDELISHFQLRDEVPWWNVVGDRKYQKQKLAGDLETLRSYYLDRGYAR
FNIDSTQVSLTPDKKGIYVTVNITEGDQYKLSGVEVSGNLAGHSAEIEQLTKIEPGELYNGTKVTKMEDDIKKLLGRYGY
AYPRVQSMPEINDADKTVKLRVNVDAGNRFYVRKIRFEGNDTSKDAVLRREMRQMEGAWLGSDLVDQGKERLNRLGFFET
VDTDTQRVPGSPDQVDVVYKVKERNTGSFNFGIGYGTESGVSFQAGVQQDNWLGTGYAVGINGTKNDYQTYAELSVTNPY
FTVDGVSLGGRLFYNDFQADDADLSDYTNKSYGTDVTLGFPINEYNSLRAGLGYVHNSLSNMQPQVAMWRYLYSMGEHPS
TSDQDNSFKTDDFTFNYGWTYNKLDRGYFPTDGSRVNLTGKVTIPGSDNEYYKVTLDTATYVPIDDDHKWVVLGRTRWGY
GDGLGGKEMPFYENFYAGGSSTVRGFQSNTIGPKAVYFPHQASNYDPDYDYECATQDGAKDLCKSDDAVGGNAMAVASLE
FITPTPFISDKYANSVRTSFFWDMGTVWDTNWDSSQYSGYPDYSDPSNIRMSAGIALQWMSPLGPLVFSYAQPFKKYDGD
KAEQFQFNIGKTW
;
A
2 'polypeptide(L)'
;MGSMQLRKLLLPGLLSVTLLSGCSLFNSEEDVVKMSPLPTVENQFTPTTAWSTSVGSGIGNFYSNLHPALADNVVYAADR
AGLVKALNADDGKEIWSVSLAEKDGWFSKEPALLSGGVTVSGGHVYIGSEKAQVYALNTSDGTVAWQTKVAGEALSRPVV
SDGLVLIHTSNGQLQALNEADGAVKWTVNLDMPSLSLRGESAPTTAFGAAVVGGDNGRVSAVLMEQGQMIWQQRISQATG
STEIDRLSDVDTTPVVVNGVVFALAYNGNLTALDLRSGQIMWKRELGSVNDFIVDGNRIYLVDQNDRVMALTIDGGVTLW
TQSDLLHRLLTSPVLYNGNLVVGDSEGYLHWINVEDGRFVAQQKVDSSGFQTEPVAADGKLLIQAKDGTVYSITRKLWSH
PQFEK
;
B
3 'polypeptide(L)'
;MGSMAYSVQKSRLAKVAGVSLVLLLAACSSDSRYKRQVSGDEAYLEAAPLAELHAPAGMILPVTSGDYAIPVTNGSGAVG
KALDIRPPAQPLALVSGARTQFTGDTASLLVENGRGNTLWPQVVSVLQAKNYTITQRDDAGQTLTTDWVQWNRLDEDEQY
RGRYQISVKPQGYQQAVTVKLLNLEQAGKPVADAASMQRYSTEMMNVISAGLDKSATDAANAAQNRASTTMDVQSAADDT
GLPMLVVRGPFNVVWQRLPAALEKVGMKVTDSTRSQGNMAVTYKPLSDSDWQELGASDPGLASGDYKLQVGDLDNRSSLQ
FIDPKGHTLTQSQNDALVAVFQAAFSK
;
C
4 'polypeptide(L)'
;MGSMTRMKYLVAAATLSLFLAGCSGSKEEVPDNPPNEIYATAQQKLQDGNWRQAITQLEALDNRYPFGPYSQQVQLDLIY
AYYKNADLPLAQAAIDRFIRLNPTHPNIDYVMYMRGLTNMALDDSALQGFFGVDRSDRDPQHARAAFSDFSKLVRGYPNS
QYTTDATKRLVFLKDRLAKYEYSVAEYYTERGAWVAVVNRVEGMLRDYPDTQATRDALPLMENAYRQMQMNAQAEKVAKI
IAANSSNT
;
D
5 'polypeptide(L)'
;MGSMRCKTLTAAAAVLLMLTAGCSTLERVVYRPDINQGNYLTANDVSKIRVGMTQQQVAYALGTPLMSDPFGTNTWFYVF
RQQPGHEGVTQQTLTLTFNSSGVLTNIDNKPALSGNKLHHHHHH
;
E
6 'polypeptide(L)' WN(UX8)SKSW G
#
# COMPACT_ATOMS: atom_id res chain seq x y z
N PHE A 27 -40.19 1.09 -53.63
CA PHE A 27 -41.49 1.59 -53.22
C PHE A 27 -41.42 3.07 -52.85
N VAL A 28 -42.14 3.89 -53.61
CA VAL A 28 -42.19 5.32 -53.31
C VAL A 28 -42.87 5.53 -51.96
N VAL A 29 -42.35 6.49 -51.20
CA VAL A 29 -42.85 6.80 -49.86
C VAL A 29 -43.36 8.24 -49.86
N LYS A 30 -44.58 8.42 -49.38
CA LYS A 30 -45.18 9.75 -49.28
C LYS A 30 -45.35 10.23 -47.85
N ASP A 31 -45.33 9.33 -46.86
CA ASP A 31 -45.48 9.70 -45.47
C ASP A 31 -44.64 8.76 -44.61
N ILE A 32 -44.26 9.25 -43.43
CA ILE A 32 -43.48 8.48 -42.47
C ILE A 32 -44.18 8.55 -41.12
N HIS A 33 -44.36 7.40 -40.49
CA HIS A 33 -45.03 7.31 -39.21
C HIS A 33 -44.31 6.31 -38.32
N PHE A 34 -44.45 6.48 -37.01
CA PHE A 34 -43.84 5.61 -36.03
C PHE A 34 -44.86 5.25 -34.95
N GLU A 35 -44.65 4.10 -34.33
CA GLU A 35 -45.53 3.60 -33.27
C GLU A 35 -44.68 3.12 -32.12
N GLY A 36 -44.80 3.80 -30.96
CA GLY A 36 -44.07 3.42 -29.77
C GLY A 36 -43.00 4.40 -29.33
N LEU A 37 -42.87 5.55 -29.99
CA LEU A 37 -41.84 6.52 -29.62
C LEU A 37 -42.28 7.28 -28.37
N GLN A 38 -41.51 7.15 -27.30
CA GLN A 38 -41.78 7.83 -26.03
C GLN A 38 -40.69 8.82 -25.66
N ARG A 39 -39.43 8.38 -25.67
CA ARG A 39 -38.30 9.25 -25.32
C ARG A 39 -37.69 9.91 -26.55
N VAL A 40 -37.35 9.12 -27.57
CA VAL A 40 -36.69 9.65 -28.75
C VAL A 40 -37.64 10.58 -29.50
N ALA A 41 -37.14 11.74 -29.88
CA ALA A 41 -37.94 12.70 -30.62
C ALA A 41 -38.13 12.23 -32.07
N VAL A 42 -39.21 12.72 -32.70
CA VAL A 42 -39.50 12.34 -34.07
C VAL A 42 -38.39 12.82 -35.01
N GLY A 43 -37.92 14.05 -34.82
CA GLY A 43 -36.88 14.57 -35.69
C GLY A 43 -35.58 13.80 -35.58
N ALA A 44 -35.19 13.46 -34.34
CA ALA A 44 -33.96 12.68 -34.16
C ALA A 44 -34.08 11.31 -34.82
N ALA A 45 -35.23 10.66 -34.67
CA ALA A 45 -35.43 9.37 -35.32
C ALA A 45 -35.35 9.51 -36.83
N LEU A 46 -36.01 10.52 -37.39
CA LEU A 46 -35.98 10.72 -38.83
C LEU A 46 -34.55 10.95 -39.32
N LEU A 47 -33.77 11.72 -38.56
CA LEU A 47 -32.36 11.89 -38.90
C LEU A 47 -31.62 10.56 -38.85
N SER A 48 -31.95 9.73 -37.87
CA SER A 48 -31.25 8.45 -37.71
C SER A 48 -31.44 7.56 -38.95
N MET A 49 -32.68 7.45 -39.43
CA MET A 49 -32.94 6.58 -40.57
C MET A 49 -32.44 7.22 -41.85
N PRO A 50 -31.58 6.55 -42.63
CA PRO A 50 -31.17 7.13 -43.92
C PRO A 50 -32.34 7.39 -44.85
N VAL A 51 -33.38 6.56 -44.80
CA VAL A 51 -34.54 6.76 -45.66
C VAL A 51 -35.28 8.02 -45.25
N ARG A 52 -35.67 8.83 -46.24
CA ARG A 52 -36.38 10.07 -46.01
C ARG A 52 -37.66 10.07 -46.85
N THR A 53 -38.63 10.87 -46.40
CA THR A 53 -39.90 10.96 -47.11
C THR A 53 -39.68 11.47 -48.53
N GLY A 54 -40.33 10.83 -49.49
CA GLY A 54 -40.22 11.22 -50.88
C GLY A 54 -39.04 10.55 -51.57
N ASP A 55 -38.90 9.23 -51.38
CA ASP A 55 -37.83 8.48 -52.01
C ASP A 55 -38.28 7.04 -52.18
N THR A 56 -37.63 6.34 -53.11
CA THR A 56 -37.92 4.93 -53.33
C THR A 56 -37.35 4.09 -52.21
N VAL A 57 -38.09 3.06 -51.81
CA VAL A 57 -37.69 2.16 -50.74
C VAL A 57 -37.83 0.72 -51.21
N ASN A 58 -36.84 -0.10 -50.89
CA ASN A 58 -36.83 -1.52 -51.23
C ASN A 58 -36.54 -2.33 -49.97
N ASP A 59 -36.40 -3.65 -50.14
CA ASP A 59 -36.14 -4.52 -49.00
C ASP A 59 -34.81 -4.18 -48.34
N GLU A 60 -33.79 -3.87 -49.15
CA GLU A 60 -32.49 -3.54 -48.58
C GLU A 60 -32.57 -2.31 -47.68
N ASP A 61 -33.29 -1.28 -48.13
CA ASP A 61 -33.44 -0.07 -47.32
C ASP A 61 -34.16 -0.37 -46.01
N ILE A 62 -35.22 -1.17 -46.08
CA ILE A 62 -35.96 -1.51 -44.86
C ILE A 62 -35.08 -2.28 -43.90
N SER A 63 -34.30 -3.24 -44.41
CA SER A 63 -33.42 -4.02 -43.55
C SER A 63 -32.36 -3.13 -42.92
N ASN A 64 -31.79 -2.20 -43.70
CA ASN A 64 -30.77 -1.30 -43.16
C ASN A 64 -31.37 -0.40 -42.08
N THR A 65 -32.58 0.10 -42.30
CA THR A 65 -33.24 0.93 -41.28
C THR A 65 -33.50 0.12 -40.02
N ILE A 66 -33.94 -1.13 -40.18
CA ILE A 66 -34.20 -1.97 -39.01
C ILE A 66 -32.91 -2.21 -38.24
N ARG A 67 -31.81 -2.48 -38.94
CA ARG A 67 -30.53 -2.67 -38.28
C ARG A 67 -30.09 -1.41 -37.56
N ALA A 68 -30.29 -0.24 -38.18
CA ALA A 68 -29.93 1.02 -37.53
C ALA A 68 -30.73 1.23 -36.26
N LEU A 69 -32.04 0.94 -36.31
CA LEU A 69 -32.86 1.06 -35.11
C LEU A 69 -32.39 0.09 -34.03
N PHE A 70 -32.05 -1.14 -34.43
CA PHE A 70 -31.59 -2.13 -33.45
C PHE A 70 -30.30 -1.69 -32.78
N ALA A 71 -29.37 -1.12 -33.56
CA ALA A 71 -28.08 -0.72 -33.01
C ALA A 71 -28.19 0.56 -32.18
N THR A 72 -29.28 1.31 -32.30
CA THR A 72 -29.42 2.54 -31.54
C THR A 72 -29.43 2.28 -30.04
N GLY A 73 -29.85 1.07 -29.63
CA GLY A 73 -29.88 0.72 -28.23
C GLY A 73 -31.11 1.16 -27.48
N ASN A 74 -32.03 1.87 -28.12
CA ASN A 74 -33.27 2.31 -27.49
C ASN A 74 -34.46 1.40 -27.79
N PHE A 75 -34.25 0.35 -28.57
CA PHE A 75 -35.33 -0.52 -28.99
C PHE A 75 -34.91 -1.98 -28.86
N GLU A 76 -35.84 -2.83 -28.42
CA GLU A 76 -35.57 -4.25 -28.27
C GLU A 76 -36.02 -5.03 -29.50
N ASP A 77 -37.20 -4.72 -30.04
CA ASP A 77 -37.72 -5.37 -31.24
C ASP A 77 -38.17 -4.30 -32.21
N VAL A 78 -37.70 -4.39 -33.46
CA VAL A 78 -38.01 -3.42 -34.50
C VAL A 78 -38.70 -4.16 -35.64
N ARG A 79 -39.85 -3.63 -36.06
CA ARG A 79 -40.64 -4.20 -37.15
C ARG A 79 -41.07 -3.08 -38.08
N VAL A 80 -40.60 -3.13 -39.33
CA VAL A 80 -40.94 -2.15 -40.35
C VAL A 80 -41.78 -2.86 -41.40
N LEU A 81 -43.04 -2.45 -41.52
CA LEU A 81 -43.96 -3.01 -42.50
C LEU A 81 -44.61 -1.88 -43.29
N ARG A 82 -45.03 -2.21 -44.50
CA ARG A 82 -45.65 -1.23 -45.40
C ARG A 82 -47.16 -1.37 -45.33
N ASP A 83 -47.83 -0.28 -44.96
CA ASP A 83 -49.29 -0.24 -44.93
C ASP A 83 -49.78 -0.01 -46.36
N GLY A 84 -51.08 0.30 -46.51
CA GLY A 84 -51.64 0.48 -47.84
C GLY A 84 -50.91 1.54 -48.64
N ASP A 85 -50.64 2.68 -48.02
CA ASP A 85 -49.94 3.76 -48.70
C ASP A 85 -48.76 4.27 -47.87
N THR A 86 -48.87 4.20 -46.55
CA THR A 86 -47.85 4.71 -45.65
C THR A 86 -46.98 3.57 -45.13
N LEU A 87 -45.79 3.94 -44.66
CA LEU A 87 -44.84 2.99 -44.08
C LEU A 87 -44.98 3.06 -42.56
N LEU A 88 -45.71 2.11 -41.99
CA LEU A 88 -45.92 2.05 -40.56
C LEU A 88 -44.78 1.27 -39.90
N VAL A 89 -44.26 1.80 -38.80
CA VAL A 89 -43.15 1.21 -38.07
C VAL A 89 -43.62 0.84 -36.68
N GLN A 90 -43.44 -0.43 -36.32
CA GLN A 90 -43.78 -0.93 -34.99
C GLN A 90 -42.47 -1.23 -34.26
N VAL A 91 -42.23 -0.53 -33.14
CA VAL A 91 -40.98 -0.64 -32.41
C VAL A 91 -41.30 -0.71 -30.92
N LYS A 92 -40.60 -1.59 -30.21
CA LYS A 92 -40.78 -1.77 -28.76
C LYS A 92 -39.57 -1.16 -28.06
N GLU A 93 -39.74 0.07 -27.56
CA GLU A 93 -38.67 0.75 -26.87
C GLU A 93 -38.25 -0.04 -25.64
N ARG A 94 -36.94 -0.13 -25.43
CA ARG A 94 -36.42 -0.82 -24.26
C ARG A 94 -36.81 -0.06 -22.99
N PRO A 95 -37.18 -0.75 -21.92
CA PRO A 95 -37.52 -0.05 -20.69
C PRO A 95 -36.31 0.69 -20.12
N THR A 96 -36.58 1.83 -19.50
CA THR A 96 -35.52 2.65 -18.93
C THR A 96 -35.18 2.19 -17.52
N ILE A 97 -33.91 2.27 -17.16
CA ILE A 97 -33.43 1.84 -15.86
C ILE A 97 -33.79 2.89 -14.82
N ALA A 98 -34.37 2.45 -13.71
CA ALA A 98 -34.79 3.32 -12.63
C ALA A 98 -33.90 3.22 -11.39
N SER A 99 -33.51 2.01 -11.00
CA SER A 99 -32.67 1.83 -9.82
C SER A 99 -31.95 0.49 -9.92
N ILE A 100 -30.88 0.37 -9.15
CA ILE A 100 -30.07 -0.84 -9.09
C ILE A 100 -29.85 -1.21 -7.64
N THR A 101 -29.96 -2.50 -7.33
CA THR A 101 -29.81 -3.01 -5.97
C THR A 101 -28.78 -4.13 -5.94
N PHE A 102 -28.12 -4.27 -4.80
CA PHE A 102 -27.12 -5.31 -4.59
C PHE A 102 -27.41 -6.05 -3.29
N SER A 103 -27.14 -7.34 -3.28
CA SER A 103 -27.36 -8.17 -2.10
C SER A 103 -26.27 -9.23 -2.05
N GLY A 104 -25.48 -9.24 -0.98
CA GLY A 104 -24.43 -10.22 -0.79
C GLY A 104 -23.03 -9.74 -1.12
N ASN A 105 -22.84 -8.45 -1.40
CA ASN A 105 -21.50 -7.93 -1.70
C ASN A 105 -20.78 -7.60 -0.39
N LYS A 106 -20.53 -8.65 0.38
CA LYS A 106 -19.91 -8.48 1.70
C LYS A 106 -18.51 -7.91 1.58
N SER A 107 -17.68 -8.48 0.70
CA SER A 107 -16.28 -8.09 0.59
C SER A 107 -16.05 -7.02 -0.47
N VAL A 108 -17.11 -6.53 -1.11
CA VAL A 108 -16.99 -5.52 -2.16
C VAL A 108 -17.82 -4.32 -1.76
N LYS A 109 -17.22 -3.14 -1.76
CA LYS A 109 -17.93 -1.92 -1.45
C LYS A 109 -18.97 -1.63 -2.53
N ASP A 110 -20.11 -1.08 -2.13
CA ASP A 110 -21.18 -0.82 -3.07
C ASP A 110 -20.81 0.27 -4.07
N ASP A 111 -20.13 1.32 -3.59
CA ASP A 111 -19.81 2.45 -4.47
C ASP A 111 -18.89 2.02 -5.60
N MET A 112 -17.85 1.24 -5.30
CA MET A 112 -16.92 0.83 -6.33
C MET A 112 -17.56 -0.19 -7.28
N LEU A 113 -18.44 -1.05 -6.76
CA LEU A 113 -19.18 -1.95 -7.64
C LEU A 113 -20.07 -1.17 -8.60
N LYS A 114 -20.74 -0.13 -8.10
CA LYS A 114 -21.56 0.71 -8.97
C LYS A 114 -20.70 1.43 -10.00
N GLN A 115 -19.53 1.89 -9.60
CA GLN A 115 -18.61 2.51 -10.55
C GLN A 115 -18.21 1.51 -11.64
N ASN A 116 -17.91 0.27 -11.25
CA ASN A 116 -17.57 -0.75 -12.24
C ASN A 116 -18.73 -0.99 -13.20
N LEU A 117 -19.95 -1.07 -12.66
CA LEU A 117 -21.12 -1.27 -13.53
C LEU A 117 -21.27 -0.12 -14.51
N GLU A 118 -21.16 1.12 -14.03
CA GLU A 118 -21.37 2.28 -14.91
C GLU A 118 -20.26 2.36 -15.96
N ALA A 119 -19.03 2.02 -15.58
CA ALA A 119 -17.96 1.97 -16.57
C ALA A 119 -18.23 0.89 -17.61
N SER A 120 -18.76 -0.26 -17.18
CA SER A 120 -19.10 -1.31 -18.12
C SER A 120 -20.14 -0.85 -19.13
N GLY A 121 -21.00 0.09 -18.75
CA GLY A 121 -21.98 0.64 -19.66
C GLY A 121 -23.37 0.80 -19.06
N VAL A 122 -23.72 -0.07 -18.13
CA VAL A 122 -25.05 -0.05 -17.51
C VAL A 122 -25.05 0.99 -16.40
N ARG A 123 -25.95 1.96 -16.48
CA ARG A 123 -26.04 3.02 -15.50
C ARG A 123 -27.45 3.59 -15.51
N VAL A 124 -27.78 4.33 -14.46
CA VAL A 124 -29.12 4.90 -14.31
C VAL A 124 -29.38 5.89 -15.45
N GLY A 125 -30.65 5.97 -15.86
CA GLY A 125 -31.09 6.89 -16.88
C GLY A 125 -31.13 6.29 -18.27
N GLU A 126 -30.24 5.35 -18.59
CA GLU A 126 -30.19 4.75 -19.90
C GLU A 126 -31.16 3.56 -19.99
N SER A 127 -31.12 2.86 -21.11
CA SER A 127 -32.03 1.76 -21.38
C SER A 127 -31.36 0.43 -21.04
N LEU A 128 -32.20 -0.57 -20.74
CA LEU A 128 -31.76 -1.91 -20.42
C LEU A 128 -32.16 -2.86 -21.53
N ASP A 129 -31.21 -3.64 -22.02
CA ASP A 129 -31.47 -4.66 -23.02
C ASP A 129 -31.82 -5.98 -22.34
N ARG A 130 -32.72 -6.74 -22.95
CA ARG A 130 -33.14 -8.02 -22.42
C ARG A 130 -32.22 -9.16 -22.86
N THR A 131 -31.19 -8.88 -23.66
CA THR A 131 -30.26 -9.89 -24.11
C THR A 131 -28.84 -9.67 -23.59
N THR A 132 -28.58 -8.54 -22.93
CA THR A 132 -27.25 -8.23 -22.41
C THR A 132 -27.11 -8.58 -20.93
N ILE A 133 -28.09 -9.28 -20.35
CA ILE A 133 -27.98 -9.68 -18.95
C ILE A 133 -26.78 -10.58 -18.76
N ALA A 134 -26.57 -11.53 -19.69
CA ALA A 134 -25.42 -12.42 -19.59
C ALA A 134 -24.11 -11.63 -19.64
N ASP A 135 -24.07 -10.57 -20.45
CA ASP A 135 -22.85 -9.76 -20.53
C ASP A 135 -22.53 -9.12 -19.19
N ILE A 136 -23.55 -8.54 -18.53
CA ILE A 136 -23.34 -7.93 -17.22
C ILE A 136 -22.93 -8.98 -16.20
N GLU A 137 -23.58 -10.14 -16.26
CA GLU A 137 -23.23 -11.24 -15.36
C GLU A 137 -21.76 -11.61 -15.51
N LYS A 138 -21.29 -11.78 -16.74
CA LYS A 138 -19.91 -12.16 -16.97
C LYS A 138 -18.95 -11.03 -16.59
N GLY A 139 -19.36 -9.77 -16.77
CA GLY A 139 -18.51 -8.68 -16.32
C GLY A 139 -18.32 -8.69 -14.82
N LEU A 140 -19.40 -8.87 -14.07
CA LEU A 140 -19.28 -8.95 -12.62
C LEU A 140 -18.48 -10.18 -12.19
N GLU A 141 -18.66 -11.30 -12.90
CA GLU A 141 -17.86 -12.48 -12.62
C GLU A 141 -16.38 -12.19 -12.83
N ASP A 142 -16.05 -11.49 -13.91
CA ASP A 142 -14.66 -11.12 -14.15
C ASP A 142 -14.12 -10.24 -13.04
N PHE A 143 -14.94 -9.30 -12.57
CA PHE A 143 -14.50 -8.44 -11.48
C PHE A 143 -14.20 -9.26 -10.23
N TYR A 144 -15.08 -10.21 -9.90
CA TYR A 144 -14.83 -11.06 -8.74
C TYR A 144 -13.60 -11.94 -8.93
N TYR A 145 -13.39 -12.47 -10.14
CA TYR A 145 -12.16 -13.23 -10.36
C TYR A 145 -10.94 -12.34 -10.15
N SER A 146 -11.05 -11.06 -10.54
CA SER A 146 -9.94 -10.14 -10.32
C SER A 146 -9.69 -9.90 -8.84
N VAL A 147 -10.76 -9.73 -8.05
CA VAL A 147 -10.56 -9.35 -6.65
C VAL A 147 -10.12 -10.52 -5.78
N GLY A 148 -10.26 -11.76 -6.25
CA GLY A 148 -9.73 -12.89 -5.52
C GLY A 148 -10.65 -14.09 -5.45
N LYS A 149 -11.96 -13.88 -5.48
CA LYS A 149 -12.93 -14.96 -5.35
C LYS A 149 -13.15 -15.61 -6.70
N TYR A 150 -12.62 -16.81 -6.88
CA TYR A 150 -12.63 -17.49 -8.17
C TYR A 150 -13.88 -18.35 -8.39
N SER A 151 -14.73 -18.51 -7.37
CA SER A 151 -15.93 -19.32 -7.48
C SER A 151 -17.20 -18.51 -7.22
N ALA A 152 -17.14 -17.19 -7.39
CA ALA A 152 -18.30 -16.35 -7.13
C ALA A 152 -19.38 -16.56 -8.19
N SER A 153 -20.62 -16.33 -7.81
CA SER A 153 -21.77 -16.44 -8.70
C SER A 153 -22.60 -15.16 -8.60
N VAL A 154 -23.19 -14.76 -9.71
CA VAL A 154 -24.02 -13.55 -9.78
C VAL A 154 -25.31 -13.89 -10.49
N LYS A 155 -26.41 -13.35 -10.00
CA LYS A 155 -27.73 -13.55 -10.59
C LYS A 155 -28.41 -12.21 -10.79
N ALA A 156 -28.92 -11.98 -11.99
CA ALA A 156 -29.61 -10.74 -12.34
C ALA A 156 -31.11 -11.00 -12.41
N VAL A 157 -31.88 -10.15 -11.74
CA VAL A 157 -33.33 -10.23 -11.72
C VAL A 157 -33.88 -8.93 -12.31
N VAL A 158 -34.81 -9.06 -13.24
CA VAL A 158 -35.39 -7.93 -13.95
C VAL A 158 -36.84 -7.78 -13.50
N THR A 159 -37.18 -6.60 -12.97
CA THR A 159 -38.53 -6.31 -12.49
C THR A 159 -39.13 -5.18 -13.32
N PRO A 160 -40.06 -5.48 -14.23
CA PRO A 160 -40.73 -4.40 -14.96
C PRO A 160 -41.60 -3.55 -14.05
N LEU A 161 -41.74 -2.29 -14.41
CA LEU A 161 -42.53 -1.32 -13.68
C LEU A 161 -43.21 -0.39 -14.67
N PRO A 162 -44.32 0.24 -14.26
CA PRO A 162 -45.09 1.06 -15.22
C PRO A 162 -44.24 2.15 -15.85
N ARG A 163 -44.83 2.82 -16.84
CA ARG A 163 -44.14 3.84 -17.63
C ARG A 163 -42.92 3.26 -18.33
N ASN A 164 -42.99 1.97 -18.69
CA ASN A 164 -41.90 1.29 -19.40
C ASN A 164 -40.58 1.43 -18.64
N ARG A 165 -40.62 1.14 -17.35
CA ARG A 165 -39.43 1.20 -16.50
C ARG A 165 -39.03 -0.20 -16.08
N VAL A 166 -37.80 -0.32 -15.58
CA VAL A 166 -37.26 -1.62 -15.20
C VAL A 166 -36.30 -1.44 -14.04
N ASP A 167 -36.31 -2.40 -13.12
CA ASP A 167 -35.37 -2.44 -12.01
C ASP A 167 -34.50 -3.67 -12.14
N LEU A 168 -33.19 -3.48 -11.97
CA LEU A 168 -32.20 -4.54 -12.12
C LEU A 168 -31.62 -4.85 -10.74
N LYS A 169 -31.89 -6.04 -10.23
CA LYS A 169 -31.38 -6.48 -8.94
C LYS A 169 -30.29 -7.51 -9.16
N LEU A 170 -29.23 -7.43 -8.35
CA LEU A 170 -28.10 -8.34 -8.42
C LEU A 170 -27.96 -9.09 -7.11
N VAL A 171 -27.93 -10.43 -7.19
CA VAL A 171 -27.74 -11.29 -6.04
C VAL A 171 -26.37 -11.94 -6.19
N PHE A 172 -25.53 -11.78 -5.17
CA PHE A 172 -24.14 -12.22 -5.22
C PHE A 172 -23.91 -13.34 -4.23
N GLN A 173 -23.22 -14.38 -4.70
CA GLN A 173 -22.69 -15.45 -3.86
C GLN A 173 -21.17 -15.38 -4.01
N GLU A 174 -20.54 -14.65 -3.10
CA GLU A 174 -19.12 -14.36 -3.25
C GLU A 174 -18.28 -15.64 -3.24
N GLY A 175 -18.59 -16.56 -2.34
CA GLY A 175 -17.80 -17.77 -2.21
C GLY A 175 -16.57 -17.55 -1.35
N VAL A 176 -15.71 -18.57 -1.33
CA VAL A 176 -14.51 -18.57 -0.50
C VAL A 176 -13.34 -18.07 -1.32
N SER A 177 -12.59 -17.14 -0.77
CA SER A 177 -11.43 -16.59 -1.45
C SER A 177 -10.34 -17.64 -1.60
N ALA A 178 -9.54 -17.48 -2.66
CA ALA A 178 -8.42 -18.38 -2.93
C ALA A 178 -7.14 -17.80 -2.34
N GLU A 179 -6.45 -18.60 -1.53
CA GLU A 179 -5.24 -18.18 -0.84
C GLU A 179 -4.06 -19.02 -1.33
N ILE A 180 -2.87 -18.46 -1.15
CA ILE A 180 -1.66 -19.14 -1.62
C ILE A 180 -1.34 -20.30 -0.69
N GLN A 181 -1.05 -21.46 -1.28
CA GLN A 181 -0.65 -22.64 -0.53
C GLN A 181 0.83 -22.96 -0.66
N GLN A 182 1.52 -22.42 -1.66
CA GLN A 182 2.92 -22.74 -1.85
C GLN A 182 3.52 -21.79 -2.88
N ILE A 183 4.70 -21.27 -2.58
CA ILE A 183 5.53 -20.56 -3.53
C ILE A 183 6.81 -21.38 -3.69
N ASN A 184 6.98 -21.98 -4.85
CA ASN A 184 8.09 -22.88 -5.11
C ASN A 184 9.02 -22.28 -6.15
N ILE A 185 10.32 -22.53 -5.99
CA ILE A 185 11.34 -22.09 -6.93
C ILE A 185 12.18 -23.31 -7.27
N VAL A 186 12.27 -23.63 -8.56
CA VAL A 186 12.99 -24.80 -9.03
C VAL A 186 14.13 -24.32 -9.93
N GLY A 187 15.33 -24.85 -9.67
CA GLY A 187 16.52 -24.46 -10.40
C GLY A 187 17.55 -23.75 -9.55
N ASN A 188 17.24 -23.44 -8.30
CA ASN A 188 18.18 -22.75 -7.41
C ASN A 188 18.98 -23.80 -6.64
N HIS A 189 20.31 -23.76 -6.81
CA HIS A 189 21.20 -24.67 -6.10
C HIS A 189 22.04 -23.97 -5.04
N ALA A 190 22.15 -22.65 -5.09
CA ALA A 190 23.02 -21.92 -4.17
C ALA A 190 22.28 -21.43 -2.94
N PHE A 191 21.04 -21.00 -3.09
CA PHE A 191 20.24 -20.46 -1.99
C PHE A 191 19.01 -21.32 -1.82
N THR A 192 18.74 -21.73 -0.58
CA THR A 192 17.56 -22.53 -0.30
C THR A 192 16.30 -21.76 -0.60
N THR A 193 15.21 -22.48 -0.88
CA THR A 193 13.97 -21.85 -1.29
C THR A 193 13.42 -20.94 -0.20
N ASP A 194 13.50 -21.38 1.06
CA ASP A 194 12.93 -20.58 2.14
C ASP A 194 13.59 -19.21 2.23
N GLU A 195 14.91 -19.16 2.06
CA GLU A 195 15.60 -17.88 2.13
C GLU A 195 15.11 -16.92 1.05
N LEU A 196 14.99 -17.42 -0.19
CA LEU A 196 14.51 -16.56 -1.27
C LEU A 196 13.09 -16.10 -1.03
N ILE A 197 12.23 -17.00 -0.55
CA ILE A 197 10.83 -16.64 -0.31
C ILE A 197 10.67 -15.70 0.87
N SER A 198 11.65 -15.66 1.78
CA SER A 198 11.51 -14.81 2.96
C SER A 198 11.27 -13.36 2.58
N HIS A 199 11.88 -12.89 1.50
CA HIS A 199 11.80 -11.49 1.12
C HIS A 199 10.59 -11.17 0.24
N PHE A 200 9.86 -12.18 -0.23
CA PHE A 200 8.74 -11.94 -1.13
C PHE A 200 7.60 -11.24 -0.41
N GLN A 201 6.81 -10.50 -1.20
CA GLN A 201 5.57 -9.91 -0.67
C GLN A 201 4.48 -10.96 -0.53
N LEU A 202 4.32 -11.82 -1.53
CA LEU A 202 3.36 -12.92 -1.43
C LEU A 202 3.81 -13.91 -0.37
N ARG A 203 2.84 -14.43 0.38
CA ARG A 203 3.12 -15.31 1.50
C ARG A 203 2.37 -16.63 1.36
N ASP A 204 2.96 -17.69 1.91
CA ASP A 204 2.31 -18.99 1.99
C ASP A 204 2.16 -19.50 3.41
N GLU A 205 2.96 -19.00 4.36
CA GLU A 205 2.84 -19.32 5.77
C GLU A 205 2.65 -18.02 6.54
N VAL A 206 1.57 -17.94 7.31
CA VAL A 206 1.29 -16.76 8.12
C VAL A 206 1.01 -17.21 9.55
N PRO A 207 2.03 -17.31 10.41
CA PRO A 207 1.78 -17.81 11.76
C PRO A 207 0.87 -16.89 12.54
N TRP A 208 0.15 -17.47 13.49
CA TRP A 208 -0.76 -16.67 14.32
C TRP A 208 0.00 -15.77 15.28
N TRP A 209 1.19 -16.19 15.72
CA TRP A 209 1.97 -15.44 16.70
C TRP A 209 2.86 -14.38 16.08
N ASN A 210 2.78 -14.17 14.76
CA ASN A 210 3.63 -13.21 14.07
C ASN A 210 2.79 -12.36 13.14
N VAL A 211 3.38 -11.27 12.69
CA VAL A 211 2.74 -10.35 11.75
C VAL A 211 3.63 -10.29 10.52
N VAL A 212 3.34 -11.15 9.55
CA VAL A 212 4.08 -11.18 8.30
C VAL A 212 3.27 -10.63 7.12
N GLY A 213 1.97 -10.84 7.10
CA GLY A 213 1.13 -10.32 6.04
C GLY A 213 0.03 -11.30 5.71
N ASP A 214 -0.86 -10.85 4.83
CA ASP A 214 -1.96 -11.70 4.38
C ASP A 214 -1.40 -12.82 3.49
N ARG A 215 -2.30 -13.70 3.06
CA ARG A 215 -1.94 -14.85 2.24
C ARG A 215 -2.78 -14.89 0.98
N LYS A 216 -2.89 -13.75 0.31
CA LYS A 216 -3.67 -13.62 -0.92
C LYS A 216 -2.72 -13.56 -2.13
N TYR A 217 -3.31 -13.41 -3.31
CA TYR A 217 -2.56 -13.39 -4.56
C TYR A 217 -3.01 -12.21 -5.41
N GLN A 218 -2.05 -11.51 -5.99
CA GLN A 218 -2.32 -10.40 -6.90
C GLN A 218 -1.17 -10.31 -7.91
N LYS A 219 -1.53 -9.97 -9.15
CA LYS A 219 -0.53 -9.95 -10.22
C LYS A 219 0.58 -8.95 -9.92
N GLN A 220 0.22 -7.76 -9.44
CA GLN A 220 1.23 -6.74 -9.16
C GLN A 220 2.23 -7.25 -8.12
N LYS A 221 1.72 -7.92 -7.09
CA LYS A 221 2.61 -8.49 -6.08
C LYS A 221 3.54 -9.51 -6.71
N LEU A 222 3.03 -10.35 -7.60
CA LEU A 222 3.88 -11.36 -8.23
C LEU A 222 4.98 -10.73 -9.05
N ALA A 223 4.65 -9.70 -9.83
CA ALA A 223 5.68 -9.02 -10.62
C ALA A 223 6.73 -8.38 -9.73
N GLY A 224 6.28 -7.67 -8.69
CA GLY A 224 7.23 -7.07 -7.76
C GLY A 224 8.13 -8.10 -7.11
N ASP A 225 7.58 -9.27 -6.80
CA ASP A 225 8.38 -10.29 -6.13
C ASP A 225 9.36 -10.95 -7.09
N LEU A 226 8.97 -11.12 -8.35
CA LEU A 226 9.94 -11.58 -9.34
C LEU A 226 11.10 -10.59 -9.46
N GLU A 227 10.79 -9.30 -9.49
CA GLU A 227 11.86 -8.29 -9.52
C GLU A 227 12.71 -8.37 -8.26
N THR A 228 12.09 -8.61 -7.10
CA THR A 228 12.85 -8.74 -5.87
C THR A 228 13.80 -9.93 -5.93
N LEU A 229 13.34 -11.05 -6.47
CA LEU A 229 14.21 -12.22 -6.62
C LEU A 229 15.36 -11.93 -7.56
N ARG A 230 15.07 -11.26 -8.69
CA ARG A 230 16.13 -10.92 -9.62
C ARG A 230 17.18 -10.03 -8.97
N SER A 231 16.74 -9.05 -8.18
CA SER A 231 17.69 -8.20 -7.47
C SER A 231 18.43 -8.97 -6.39
N TYR A 232 17.79 -9.95 -5.77
CA TYR A 232 18.45 -10.75 -4.75
C TYR A 232 19.62 -11.52 -5.35
N TYR A 233 19.41 -12.14 -6.51
CA TYR A 233 20.52 -12.85 -7.16
C TYR A 233 21.55 -11.89 -7.73
N LEU A 234 21.12 -10.82 -8.41
CA LEU A 234 22.07 -9.95 -9.08
C LEU A 234 23.00 -9.23 -8.12
N ASP A 235 22.65 -9.17 -6.83
CA ASP A 235 23.52 -8.54 -5.84
C ASP A 235 24.64 -9.46 -5.37
N ARG A 236 24.64 -10.72 -5.80
CA ARG A 236 25.68 -11.66 -5.41
C ARG A 236 26.65 -11.98 -6.55
N GLY A 237 26.44 -11.41 -7.73
CA GLY A 237 27.33 -11.61 -8.85
C GLY A 237 26.81 -12.54 -9.93
N TYR A 238 25.59 -13.04 -9.81
CA TYR A 238 25.01 -13.92 -10.83
C TYR A 238 24.51 -13.06 -11.98
N ALA A 239 25.46 -12.58 -12.79
CA ALA A 239 25.13 -11.68 -13.88
C ALA A 239 24.23 -12.35 -14.91
N ARG A 240 24.42 -13.65 -15.14
CA ARG A 240 23.68 -14.38 -16.16
C ARG A 240 22.34 -14.91 -15.64
N PHE A 241 21.82 -14.33 -14.57
CA PHE A 241 20.56 -14.78 -14.01
C PHE A 241 19.42 -14.58 -15.01
N ASN A 242 18.45 -15.49 -14.96
CA ASN A 242 17.33 -15.47 -15.90
C ASN A 242 16.19 -16.27 -15.33
N ILE A 243 15.00 -15.67 -15.27
CA ILE A 243 13.80 -16.35 -14.80
C ILE A 243 13.13 -16.98 -16.02
N ASP A 244 13.23 -18.31 -16.13
CA ASP A 244 12.73 -18.98 -17.32
C ASP A 244 11.23 -18.77 -17.49
N SER A 245 10.45 -19.03 -16.44
CA SER A 245 9.01 -18.86 -16.59
C SER A 245 8.32 -19.05 -15.24
N THR A 246 7.18 -18.38 -15.08
CA THR A 246 6.39 -18.44 -13.86
C THR A 246 5.05 -19.09 -14.16
N GLN A 247 4.62 -19.99 -13.27
CA GLN A 247 3.34 -20.67 -13.38
C GLN A 247 2.49 -20.39 -12.14
N VAL A 248 1.19 -20.17 -12.36
CA VAL A 248 0.21 -20.04 -11.30
C VAL A 248 -0.89 -21.05 -11.56
N SER A 249 -1.19 -21.88 -10.57
CA SER A 249 -2.14 -22.97 -10.72
C SER A 249 -3.17 -22.90 -9.60
N LEU A 250 -4.36 -23.42 -9.88
CA LEU A 250 -5.43 -23.52 -8.90
C LEU A 250 -5.80 -24.98 -8.68
N THR A 251 -6.22 -25.29 -7.45
CA THR A 251 -6.76 -26.60 -7.18
C THR A 251 -8.13 -26.73 -7.83
N PRO A 252 -8.60 -27.95 -8.08
CA PRO A 252 -9.89 -28.09 -8.78
C PRO A 252 -11.04 -27.38 -8.09
N ASP A 253 -11.04 -27.34 -6.76
CA ASP A 253 -12.08 -26.62 -6.03
C ASP A 253 -11.84 -25.11 -6.00
N LYS A 254 -10.72 -24.65 -6.55
CA LYS A 254 -10.45 -23.21 -6.68
C LYS A 254 -10.43 -22.53 -5.32
N LYS A 255 -9.80 -23.17 -4.34
CA LYS A 255 -9.59 -22.59 -3.02
C LYS A 255 -8.12 -22.48 -2.64
N GLY A 256 -7.21 -22.79 -3.56
CA GLY A 256 -5.79 -22.68 -3.28
C GLY A 256 -5.03 -22.34 -4.53
N ILE A 257 -3.95 -21.58 -4.36
CA ILE A 257 -3.11 -21.13 -5.47
C ILE A 257 -1.70 -21.62 -5.24
N TYR A 258 -1.13 -22.26 -6.25
CA TYR A 258 0.24 -22.74 -6.22
C TYR A 258 1.07 -21.96 -7.23
N VAL A 259 2.17 -21.37 -6.76
CA VAL A 259 3.03 -20.54 -7.59
C VAL A 259 4.37 -21.24 -7.76
N THR A 260 4.90 -21.23 -8.98
CA THR A 260 6.20 -21.80 -9.30
C THR A 260 6.97 -20.80 -10.14
N VAL A 261 8.29 -20.73 -9.91
CA VAL A 261 9.16 -19.81 -10.63
C VAL A 261 10.37 -20.59 -11.11
N ASN A 262 10.32 -21.07 -12.35
CA ASN A 262 11.44 -21.78 -12.96
C ASN A 262 12.49 -20.77 -13.37
N ILE A 263 13.69 -20.86 -12.78
CA ILE A 263 14.77 -19.92 -13.02
C ILE A 263 16.01 -20.67 -13.47
N THR A 264 17.09 -19.92 -13.72
CA THR A 264 18.39 -20.52 -14.04
C THR A 264 19.46 -19.52 -13.64
N GLU A 265 20.30 -19.89 -12.67
CA GLU A 265 21.31 -19.01 -12.13
C GLU A 265 22.69 -19.44 -12.63
N GLY A 266 23.45 -18.48 -13.14
CA GLY A 266 24.78 -18.74 -13.63
C GLY A 266 25.80 -18.76 -12.52
N ASP A 267 27.06 -18.57 -12.89
CA ASP A 267 28.16 -18.54 -11.93
C ASP A 267 28.44 -17.10 -11.49
N GLN A 268 29.08 -16.98 -10.34
CA GLN A 268 29.46 -15.66 -9.84
C GLN A 268 30.46 -15.01 -10.78
N TYR A 269 30.32 -13.70 -10.96
CA TYR A 269 31.12 -12.95 -11.93
C TYR A 269 31.87 -11.83 -11.22
N LYS A 270 33.13 -11.62 -11.60
CA LYS A 270 33.94 -10.56 -11.05
C LYS A 270 33.91 -9.34 -11.95
N LEU A 271 34.14 -8.17 -11.34
CA LEU A 271 34.05 -6.88 -12.03
C LEU A 271 35.44 -6.45 -12.43
N SER A 272 35.77 -6.61 -13.73
CA SER A 272 37.11 -6.29 -14.19
C SER A 272 37.36 -4.79 -14.20
N GLY A 273 36.42 -4.02 -14.75
CA GLY A 273 36.62 -2.58 -14.87
C GLY A 273 35.38 -1.92 -15.42
N VAL A 274 35.46 -0.59 -15.51
CA VAL A 274 34.35 0.25 -15.97
C VAL A 274 34.90 1.32 -16.89
N GLU A 275 34.17 1.61 -17.96
CA GLU A 275 34.52 2.70 -18.87
C GLU A 275 33.29 3.57 -19.12
N VAL A 276 33.52 4.87 -19.27
CA VAL A 276 32.45 5.85 -19.46
C VAL A 276 32.68 6.54 -20.80
N SER A 277 31.62 6.63 -21.60
CA SER A 277 31.72 7.24 -22.92
C SER A 277 30.41 7.93 -23.26
N GLY A 278 30.52 9.06 -23.94
CA GLY A 278 29.36 9.84 -24.32
C GLY A 278 29.71 11.32 -24.34
N ASN A 279 28.67 12.15 -24.28
CA ASN A 279 28.86 13.60 -24.21
C ASN A 279 28.76 14.03 -22.76
N LEU A 280 29.84 13.78 -22.02
CA LEU A 280 29.88 14.08 -20.60
C LEU A 280 29.87 15.58 -20.31
N ALA A 281 30.05 16.41 -21.33
CA ALA A 281 30.08 17.87 -21.16
C ALA A 281 31.31 18.31 -20.37
N GLY A 282 32.46 17.75 -20.72
CA GLY A 282 33.71 18.16 -20.10
C GLY A 282 33.78 17.93 -18.61
N HIS A 283 33.36 16.74 -18.16
CA HIS A 283 33.43 16.37 -16.75
C HIS A 283 34.01 14.98 -16.57
N SER A 284 34.86 14.55 -17.51
CA SER A 284 35.45 13.22 -17.41
C SER A 284 36.30 13.09 -16.15
N ALA A 285 37.02 14.15 -15.80
CA ALA A 285 37.89 14.09 -14.62
C ALA A 285 37.09 13.81 -13.36
N GLU A 286 35.93 14.45 -13.22
CA GLU A 286 35.10 14.28 -12.04
C GLU A 286 34.15 13.09 -12.14
N ILE A 287 34.00 12.48 -13.31
CA ILE A 287 33.17 11.30 -13.47
C ILE A 287 33.99 10.02 -13.37
N GLU A 288 35.18 10.00 -13.98
CA GLU A 288 36.03 8.83 -13.89
C GLU A 288 36.40 8.50 -12.45
N GLN A 289 36.32 9.48 -11.55
CA GLN A 289 36.55 9.19 -10.13
C GLN A 289 35.40 8.38 -9.53
N LEU A 290 34.18 8.57 -10.03
CA LEU A 290 33.02 7.89 -9.50
C LEU A 290 32.93 6.43 -9.93
N THR A 291 33.72 6.01 -10.92
CA THR A 291 33.66 4.66 -11.46
C THR A 291 34.93 3.87 -11.12
N LYS A 292 35.42 4.02 -9.90
CA LYS A 292 36.59 3.29 -9.43
C LYS A 292 36.13 2.05 -8.67
N ILE A 293 36.72 0.91 -9.00
CA ILE A 293 36.37 -0.35 -8.36
C ILE A 293 37.63 -1.18 -8.18
N GLU A 294 37.72 -1.86 -7.04
CA GLU A 294 38.86 -2.72 -6.77
C GLU A 294 38.87 -3.89 -7.73
N PRO A 295 39.94 -4.10 -8.50
CA PRO A 295 39.97 -5.26 -9.41
C PRO A 295 39.78 -6.56 -8.65
N GLY A 296 38.77 -7.32 -9.06
CA GLY A 296 38.43 -8.56 -8.40
C GLY A 296 37.18 -8.50 -7.53
N GLU A 297 36.48 -7.38 -7.51
CA GLU A 297 35.23 -7.30 -6.76
C GLU A 297 34.16 -8.16 -7.43
N LEU A 298 33.32 -8.77 -6.60
CA LEU A 298 32.19 -9.53 -7.13
C LEU A 298 31.19 -8.59 -7.78
N TYR A 299 30.77 -8.92 -9.00
CA TYR A 299 29.79 -8.10 -9.68
C TYR A 299 28.58 -7.89 -8.79
N ASN A 300 28.01 -6.69 -8.87
CA ASN A 300 26.88 -6.32 -8.04
C ASN A 300 25.87 -5.54 -8.87
N GLY A 301 24.61 -5.63 -8.47
CA GLY A 301 23.55 -4.94 -9.17
C GLY A 301 23.14 -3.67 -8.45
N THR A 302 23.29 -3.67 -7.13
CA THR A 302 22.99 -2.47 -6.35
C THR A 302 24.09 -1.42 -6.50
N LYS A 303 25.35 -1.85 -6.49
CA LYS A 303 26.46 -0.89 -6.59
C LYS A 303 26.49 -0.22 -7.96
N VAL A 304 26.16 -0.96 -9.02
CA VAL A 304 26.14 -0.35 -10.34
C VAL A 304 25.01 0.67 -10.43
N THR A 305 23.85 0.35 -9.85
CA THR A 305 22.75 1.32 -9.83
C THR A 305 23.13 2.55 -9.03
N LYS A 306 23.83 2.36 -7.90
CA LYS A 306 24.27 3.50 -7.11
C LYS A 306 25.28 4.34 -7.89
N MET A 307 26.16 3.70 -8.65
CA MET A 307 27.12 4.44 -9.47
C MET A 307 26.39 5.26 -10.53
N GLU A 308 25.38 4.67 -11.18
CA GLU A 308 24.61 5.42 -12.15
C GLU A 308 23.90 6.60 -11.50
N ASP A 309 23.33 6.39 -10.31
CA ASP A 309 22.64 7.47 -9.61
C ASP A 309 23.62 8.58 -9.22
N ASP A 310 24.83 8.21 -8.81
CA ASP A 310 25.83 9.22 -8.45
C ASP A 310 26.25 10.02 -9.67
N ILE A 311 26.45 9.36 -10.82
CA ILE A 311 26.77 10.10 -12.04
C ILE A 311 25.63 11.03 -12.40
N LYS A 312 24.39 10.55 -12.25
CA LYS A 312 23.23 11.39 -12.56
C LYS A 312 23.18 12.61 -11.64
N LYS A 313 23.45 12.41 -10.35
CA LYS A 313 23.45 13.54 -9.42
C LYS A 313 24.57 14.52 -9.73
N LEU A 314 25.74 14.02 -10.10
CA LEU A 314 26.83 14.91 -10.48
C LEU A 314 26.47 15.74 -11.69
N LEU A 315 25.85 15.11 -12.70
CA LEU A 315 25.47 15.86 -13.89
C LEU A 315 24.33 16.83 -13.62
N GLY A 316 23.40 16.47 -12.73
CA GLY A 316 22.30 17.35 -12.40
C GLY A 316 22.68 18.49 -11.48
N ARG A 317 23.79 18.35 -10.74
CA ARG A 317 24.30 19.46 -9.95
C ARG A 317 24.82 20.59 -10.81
N TYR A 318 25.05 20.34 -12.10
CA TYR A 318 25.60 21.33 -13.01
C TYR A 318 24.55 21.97 -13.90
N GLY A 319 23.26 21.76 -13.60
CA GLY A 319 22.18 22.39 -14.32
C GLY A 319 21.42 21.49 -15.26
N TYR A 320 21.93 20.29 -15.53
CA TYR A 320 21.24 19.39 -16.44
C TYR A 320 20.02 18.78 -15.75
N ALA A 321 18.94 18.64 -16.51
CA ALA A 321 17.67 18.18 -15.97
C ALA A 321 17.46 16.68 -16.14
N TYR A 322 17.79 16.12 -17.30
CA TYR A 322 17.56 14.71 -17.61
C TYR A 322 18.86 14.09 -18.13
N PRO A 323 19.81 13.83 -17.23
CA PRO A 323 21.09 13.25 -17.67
C PRO A 323 21.01 11.74 -17.83
N ARG A 324 20.58 11.27 -19.00
CA ARG A 324 20.41 9.84 -19.19
C ARG A 324 21.71 9.09 -18.96
N VAL A 325 21.62 7.97 -18.25
CA VAL A 325 22.77 7.11 -18.02
C VAL A 325 22.32 5.66 -18.16
N GLN A 326 23.09 4.88 -18.92
CA GLN A 326 22.78 3.47 -19.15
C GLN A 326 24.04 2.65 -18.93
N SER A 327 23.85 1.39 -18.52
CA SER A 327 24.95 0.46 -18.34
C SER A 327 24.65 -0.81 -19.12
N MET A 328 25.62 -1.27 -19.91
CA MET A 328 25.47 -2.43 -20.78
C MET A 328 26.62 -3.38 -20.50
N PRO A 329 26.51 -4.23 -19.47
CA PRO A 329 27.64 -5.08 -19.12
C PRO A 329 28.04 -6.01 -20.24
N GLU A 330 29.35 -6.23 -20.37
CA GLU A 330 29.91 -7.23 -21.28
C GLU A 330 30.38 -8.41 -20.44
N ILE A 331 29.89 -9.59 -20.76
CA ILE A 331 30.15 -10.80 -19.98
C ILE A 331 31.11 -11.68 -20.75
N ASN A 332 32.21 -12.06 -20.11
CA ASN A 332 33.20 -12.97 -20.67
C ASN A 332 33.17 -14.24 -19.83
N ASP A 333 32.57 -15.30 -20.38
CA ASP A 333 32.43 -16.56 -19.67
C ASP A 333 33.72 -17.36 -19.61
N ALA A 334 34.68 -17.07 -20.49
CA ALA A 334 35.93 -17.83 -20.49
C ALA A 334 36.67 -17.67 -19.17
N ASP A 335 36.75 -16.43 -18.66
CA ASP A 335 37.37 -16.16 -17.37
C ASP A 335 36.37 -15.64 -16.34
N LYS A 336 35.09 -15.59 -16.68
CA LYS A 336 34.04 -15.15 -15.76
C LYS A 336 34.32 -13.72 -15.27
N THR A 337 34.28 -12.78 -16.22
CA THR A 337 34.51 -11.38 -15.92
C THR A 337 33.42 -10.52 -16.53
N VAL A 338 32.92 -9.56 -15.76
CA VAL A 338 31.92 -8.60 -16.21
C VAL A 338 32.60 -7.25 -16.33
N LYS A 339 32.58 -6.67 -17.53
CA LYS A 339 33.18 -5.38 -17.81
C LYS A 339 32.07 -4.43 -18.23
N LEU A 340 31.76 -3.46 -17.39
CA LEU A 340 30.66 -2.55 -17.67
C LEU A 340 31.02 -1.60 -18.81
N ARG A 341 29.98 -1.02 -19.41
CA ARG A 341 30.13 -0.01 -20.47
C ARG A 341 29.04 1.04 -20.24
N VAL A 342 29.40 2.09 -19.52
CA VAL A 342 28.44 3.14 -19.17
C VAL A 342 28.35 4.13 -20.32
N ASN A 343 27.14 4.38 -20.79
CA ASN A 343 26.86 5.40 -21.79
C ASN A 343 26.13 6.54 -21.09
N VAL A 344 26.72 7.74 -21.15
CA VAL A 344 26.20 8.91 -20.46
C VAL A 344 25.80 9.93 -21.52
N ASP A 345 24.53 10.30 -21.53
CA ASP A 345 23.99 11.31 -22.43
C ASP A 345 23.41 12.42 -21.55
N ALA A 346 24.24 13.42 -21.24
CA ALA A 346 23.77 14.55 -20.47
C ALA A 346 22.92 15.45 -21.35
N GLY A 347 21.69 15.71 -20.91
CA GLY A 347 20.74 16.43 -21.75
C GLY A 347 21.04 17.91 -21.81
N ASN A 348 19.99 18.73 -21.83
CA ASN A 348 20.12 20.18 -21.88
C ASN A 348 19.27 20.79 -20.78
N ARG A 349 19.69 21.98 -20.33
CA ARG A 349 19.08 22.58 -19.15
C ARG A 349 17.63 22.97 -19.41
N PHE A 350 16.78 22.72 -18.42
CA PHE A 350 15.41 23.21 -18.41
C PHE A 350 15.21 24.04 -17.15
N TYR A 351 14.51 25.17 -17.28
CA TYR A 351 14.31 26.11 -16.19
C TYR A 351 12.87 26.05 -15.72
N VAL A 352 12.69 25.92 -14.40
CA VAL A 352 11.36 25.99 -13.82
C VAL A 352 10.88 27.43 -13.85
N ARG A 353 9.60 27.61 -14.12
CA ARG A 353 8.99 28.94 -14.12
C ARG A 353 7.85 29.07 -13.13
N LYS A 354 7.14 27.99 -12.85
CA LYS A 354 6.05 28.00 -11.88
C LYS A 354 5.98 26.64 -11.21
N ILE A 355 5.94 26.63 -9.88
CA ILE A 355 5.59 25.44 -9.13
C ILE A 355 4.15 25.64 -8.65
N ARG A 356 3.23 24.84 -9.19
CA ARG A 356 1.82 24.98 -8.94
C ARG A 356 1.32 23.79 -8.12
N PHE A 357 0.64 24.07 -7.02
CA PHE A 357 0.02 23.05 -6.18
C PHE A 357 -1.49 23.12 -6.36
N GLU A 358 -2.10 21.98 -6.63
CA GLU A 358 -3.54 21.89 -6.78
C GLU A 358 -4.05 20.70 -5.99
N GLY A 359 -5.20 20.88 -5.34
CA GLY A 359 -5.76 19.87 -4.46
C GLY A 359 -5.61 20.19 -2.99
N ASN A 360 -4.79 21.19 -2.63
CA ASN A 360 -4.61 21.59 -1.23
C ASN A 360 -5.72 22.56 -0.85
N ASP A 361 -6.94 22.01 -0.73
CA ASP A 361 -8.09 22.85 -0.42
C ASP A 361 -8.09 23.32 1.02
N THR A 362 -7.39 22.61 1.92
CA THR A 362 -7.29 23.00 3.31
C THR A 362 -5.91 23.53 3.66
N SER A 363 -4.86 22.75 3.40
CA SER A 363 -3.51 23.18 3.76
C SER A 363 -3.11 24.41 2.95
N LYS A 364 -2.67 25.45 3.65
CA LYS A 364 -2.28 26.66 2.97
C LYS A 364 -1.13 26.39 2.00
N ASP A 365 -0.92 27.32 1.07
CA ASP A 365 0.09 27.11 0.04
C ASP A 365 1.48 26.98 0.64
N ALA A 366 1.80 27.81 1.64
CA ALA A 366 3.13 27.77 2.23
C ALA A 366 3.43 26.43 2.88
N VAL A 367 2.42 25.77 3.45
CA VAL A 367 2.65 24.49 4.10
C VAL A 367 3.17 23.47 3.10
N LEU A 368 2.62 23.47 1.88
CA LEU A 368 3.12 22.57 0.85
C LEU A 368 4.43 23.07 0.26
N ARG A 369 4.57 24.39 0.09
CA ARG A 369 5.70 24.94 -0.65
C ARG A 369 6.99 24.93 0.15
N ARG A 370 6.92 24.96 1.48
CA ARG A 370 8.12 24.98 2.29
C ARG A 370 8.81 23.63 2.38
N GLU A 371 8.19 22.57 1.86
CA GLU A 371 8.79 21.24 1.81
C GLU A 371 9.56 21.01 0.52
N MET A 372 9.72 22.03 -0.31
CA MET A 372 10.30 21.87 -1.64
C MET A 372 11.81 22.00 -1.60
N ARG A 373 12.49 21.10 -2.30
CA ARG A 373 13.90 21.28 -2.60
C ARG A 373 14.12 22.01 -3.91
N GLN A 374 13.22 21.81 -4.87
CA GLN A 374 13.25 22.58 -6.11
C GLN A 374 12.78 24.00 -5.84
N MET A 375 13.45 24.97 -6.45
CA MET A 375 13.14 26.38 -6.25
C MET A 375 12.65 26.98 -7.57
N GLU A 376 11.52 27.69 -7.50
CA GLU A 376 11.00 28.36 -8.67
C GLU A 376 11.99 29.41 -9.16
N GLY A 377 12.08 29.55 -10.48
CA GLY A 377 13.02 30.48 -11.07
C GLY A 377 14.43 29.95 -11.21
N ALA A 378 14.65 28.66 -11.01
CA ALA A 378 15.97 28.06 -11.05
C ALA A 378 16.00 26.91 -12.05
N TRP A 379 17.21 26.52 -12.44
CA TRP A 379 17.35 25.42 -13.37
C TRP A 379 16.76 24.14 -12.78
N LEU A 380 16.15 23.34 -13.65
CA LEU A 380 15.41 22.18 -13.20
C LEU A 380 16.35 21.05 -12.78
N GLY A 381 15.88 20.23 -11.84
CA GLY A 381 16.57 19.01 -11.49
C GLY A 381 15.59 17.92 -11.11
N SER A 382 15.66 16.77 -11.79
CA SER A 382 14.68 15.71 -11.54
C SER A 382 14.80 15.16 -10.12
N ASP A 383 16.03 14.96 -9.65
CA ASP A 383 16.22 14.45 -8.30
C ASP A 383 15.62 15.39 -7.27
N LEU A 384 15.72 16.70 -7.50
CA LEU A 384 15.13 17.66 -6.57
C LEU A 384 13.61 17.56 -6.56
N VAL A 385 13.00 17.38 -7.74
CA VAL A 385 11.56 17.23 -7.81
C VAL A 385 11.12 15.97 -7.07
N ASP A 386 11.86 14.86 -7.26
CA ASP A 386 11.51 13.64 -6.56
C ASP A 386 11.69 13.79 -5.05
N GLN A 387 12.73 14.53 -4.63
CA GLN A 387 12.90 14.79 -3.20
C GLN A 387 11.73 15.58 -2.64
N GLY A 388 11.26 16.58 -3.39
CA GLY A 388 10.09 17.33 -2.95
C GLY A 388 8.86 16.46 -2.83
N LYS A 389 8.63 15.59 -3.81
CA LYS A 389 7.49 14.69 -3.75
C LYS A 389 7.60 13.75 -2.55
N GLU A 390 8.79 13.21 -2.31
CA GLU A 390 8.98 12.32 -1.16
C GLU A 390 8.74 13.05 0.15
N ARG A 391 9.20 14.30 0.25
CA ARG A 391 8.97 15.07 1.47
C ARG A 391 7.48 15.32 1.68
N LEU A 392 6.76 15.68 0.62
CA LEU A 392 5.33 15.90 0.74
C LEU A 392 4.62 14.62 1.18
N ASN A 393 5.04 13.48 0.64
CA ASN A 393 4.49 12.21 1.09
C ASN A 393 4.80 11.98 2.57
N ARG A 394 6.01 12.27 2.99
CA ARG A 394 6.43 12.07 4.37
C ARG A 394 5.69 12.98 5.34
N LEU A 395 5.17 14.11 4.86
CA LEU A 395 4.39 14.98 5.74
C LEU A 395 3.25 14.20 6.40
N GLY A 396 2.48 13.48 5.60
CA GLY A 396 1.40 12.66 6.11
C GLY A 396 0.02 13.24 5.98
N PHE A 397 -0.13 14.42 5.36
CA PHE A 397 -1.45 15.02 5.18
C PHE A 397 -2.11 14.62 3.88
N PHE A 398 -1.42 13.94 2.97
CA PHE A 398 -1.90 13.71 1.62
C PHE A 398 -1.93 12.22 1.31
N GLU A 399 -3.05 11.76 0.75
CA GLU A 399 -3.15 10.37 0.32
C GLU A 399 -2.20 10.09 -0.84
N THR A 400 -2.28 10.91 -1.88
CA THR A 400 -1.47 10.73 -3.08
C THR A 400 -0.94 12.07 -3.54
N VAL A 401 0.35 12.09 -3.89
CA VAL A 401 1.02 13.30 -4.36
C VAL A 401 1.62 12.94 -5.72
N ASP A 402 1.07 13.53 -6.78
CA ASP A 402 1.53 13.27 -8.14
C ASP A 402 2.22 14.51 -8.69
N THR A 403 3.18 14.29 -9.58
CA THR A 403 3.96 15.36 -10.20
C THR A 403 3.74 15.36 -11.70
N ASP A 404 3.76 16.55 -12.30
CA ASP A 404 3.57 16.68 -13.73
C ASP A 404 4.33 17.90 -14.21
N THR A 405 5.31 17.70 -15.09
CA THR A 405 6.12 18.77 -15.63
C THR A 405 5.56 19.14 -17.00
N GLN A 406 4.93 20.31 -17.10
CA GLN A 406 4.27 20.75 -18.31
C GLN A 406 5.11 21.80 -19.00
N ARG A 407 5.46 21.56 -20.26
CA ARG A 407 6.27 22.52 -21.00
C ARG A 407 5.46 23.79 -21.25
N VAL A 408 6.11 24.93 -21.06
CA VAL A 408 5.47 26.22 -21.32
C VAL A 408 5.38 26.43 -22.83
N PRO A 409 4.21 26.78 -23.37
CA PRO A 409 4.11 26.97 -24.82
C PRO A 409 4.87 28.22 -25.25
N GLY A 410 5.53 28.12 -26.40
CA GLY A 410 6.30 29.22 -26.94
C GLY A 410 7.69 29.37 -26.37
N SER A 411 8.10 28.51 -25.43
CA SER A 411 9.42 28.55 -24.83
C SER A 411 10.08 27.19 -25.02
N PRO A 412 11.36 27.14 -25.41
CA PRO A 412 11.98 25.84 -25.70
C PRO A 412 12.57 25.16 -24.48
N ASP A 413 12.89 25.92 -23.43
CA ASP A 413 13.57 25.36 -22.27
C ASP A 413 12.98 25.90 -20.98
N GLN A 414 11.65 25.94 -20.89
CA GLN A 414 10.98 26.37 -19.67
C GLN A 414 9.85 25.39 -19.36
N VAL A 415 9.67 25.09 -18.08
CA VAL A 415 8.68 24.13 -17.63
C VAL A 415 7.90 24.72 -16.47
N ASP A 416 6.77 24.09 -16.16
CA ASP A 416 5.99 24.38 -14.95
C ASP A 416 5.76 23.06 -14.24
N VAL A 417 6.14 22.99 -12.97
CA VAL A 417 5.99 21.76 -12.19
C VAL A 417 4.69 21.86 -11.41
N VAL A 418 3.80 20.88 -11.61
CA VAL A 418 2.49 20.87 -10.98
C VAL A 418 2.43 19.68 -10.04
N TYR A 419 2.08 19.93 -8.79
CA TYR A 419 1.87 18.89 -7.79
C TYR A 419 0.38 18.77 -7.52
N LYS A 420 -0.16 17.56 -7.68
CA LYS A 420 -1.57 17.29 -7.45
C LYS A 420 -1.68 16.40 -6.21
N VAL A 421 -2.33 16.90 -5.18
CA VAL A 421 -2.33 16.27 -3.86
C VAL A 421 -3.77 15.95 -3.46
N LYS A 422 -3.98 14.75 -2.97
CA LYS A 422 -5.26 14.34 -2.40
C LYS A 422 -5.13 14.34 -0.89
N GLU A 423 -6.01 15.07 -0.20
CA GLU A 423 -5.83 15.35 1.21
C GLU A 423 -6.61 14.37 2.08
N ARG A 424 -6.00 14.02 3.21
CA ARG A 424 -6.61 13.16 4.21
C ARG A 424 -7.26 14.00 5.30
N ASN A 425 -8.03 13.32 6.16
CA ASN A 425 -8.51 13.90 7.41
C ASN A 425 -7.48 13.52 8.46
N THR A 426 -6.64 14.49 8.84
CA THR A 426 -5.44 14.18 9.61
C THR A 426 -5.68 14.04 11.11
N GLY A 427 -6.82 14.49 11.62
CA GLY A 427 -7.13 14.28 13.02
C GLY A 427 -7.09 12.81 13.38
N SER A 428 -7.07 12.54 14.69
CA SER A 428 -7.01 11.16 15.14
C SER A 428 -7.42 11.06 16.60
N PHE A 429 -8.20 10.04 16.92
CA PHE A 429 -8.34 9.52 18.27
C PHE A 429 -7.50 8.26 18.37
N ASN A 430 -7.02 7.95 19.56
CA ASN A 430 -6.33 6.68 19.75
C ASN A 430 -6.36 6.27 21.21
N PHE A 431 -6.50 4.97 21.44
CA PHE A 431 -6.55 4.40 22.78
C PHE A 431 -5.82 3.07 22.76
N GLY A 432 -4.75 2.97 23.55
CA GLY A 432 -3.93 1.77 23.58
C GLY A 432 -3.81 1.21 24.98
N ILE A 433 -3.52 -0.08 25.04
CA ILE A 433 -3.35 -0.80 26.29
C ILE A 433 -2.10 -1.66 26.17
N GLY A 434 -1.33 -1.73 27.26
CA GLY A 434 -0.14 -2.55 27.29
C GLY A 434 0.04 -3.18 28.66
N TYR A 435 0.97 -4.12 28.72
CA TYR A 435 1.31 -4.80 29.97
C TYR A 435 2.83 -4.90 30.06
N GLY A 436 3.30 -5.31 31.23
CA GLY A 436 4.73 -5.49 31.44
C GLY A 436 5.09 -5.55 32.90
N THR A 437 6.12 -6.31 33.25
CA THR A 437 6.49 -6.45 34.65
C THR A 437 7.01 -5.14 35.22
N GLU A 438 7.64 -4.31 34.40
CA GLU A 438 8.25 -3.08 34.91
C GLU A 438 7.20 -2.08 35.36
N SER A 439 6.07 -2.00 34.65
CA SER A 439 5.10 -0.94 34.87
C SER A 439 3.66 -1.42 35.06
N GLY A 440 3.39 -2.70 34.92
CA GLY A 440 2.02 -3.16 35.07
C GLY A 440 1.15 -2.67 33.92
N VAL A 441 -0.16 -2.90 34.06
CA VAL A 441 -1.09 -2.52 33.01
C VAL A 441 -1.03 -1.03 32.79
N SER A 442 -0.80 -0.64 31.53
CA SER A 442 -0.63 0.77 31.16
C SER A 442 -1.65 1.13 30.10
N PHE A 443 -2.52 2.07 30.42
CA PHE A 443 -3.49 2.62 29.48
C PHE A 443 -2.96 3.93 28.90
N GLN A 444 -3.32 4.18 27.65
CA GLN A 444 -3.00 5.44 26.99
C GLN A 444 -4.20 5.90 26.18
N ALA A 445 -4.48 7.19 26.21
CA ALA A 445 -5.52 7.78 25.39
C ALA A 445 -4.99 9.08 24.80
N GLY A 446 -5.53 9.46 23.65
CA GLY A 446 -5.07 10.68 23.02
C GLY A 446 -5.92 11.15 21.87
N VAL A 447 -5.95 12.47 21.66
CA VAL A 447 -6.61 13.10 20.53
C VAL A 447 -5.64 14.10 19.91
N GLN A 448 -5.33 13.90 18.63
CA GLN A 448 -4.27 14.65 17.96
C GLN A 448 -4.83 15.28 16.68
N GLN A 449 -4.32 16.47 16.36
CA GLN A 449 -4.61 17.13 15.09
C GLN A 449 -3.27 17.62 14.54
N ASP A 450 -2.82 17.02 13.44
CA ASP A 450 -1.50 17.31 12.90
C ASP A 450 -1.47 18.49 11.95
N ASN A 451 -2.62 19.02 11.54
CA ASN A 451 -2.69 20.09 10.56
C ASN A 451 -3.71 21.13 10.99
N TRP A 452 -3.61 21.59 12.23
CA TRP A 452 -4.64 22.46 12.81
C TRP A 452 -5.05 23.57 11.85
N LEU A 453 -6.30 23.53 11.39
CA LEU A 453 -6.84 24.49 10.42
C LEU A 453 -5.93 24.62 9.21
N GLY A 454 -5.28 23.53 8.81
CA GLY A 454 -4.41 23.58 7.66
C GLY A 454 -3.23 24.52 7.81
N THR A 455 -2.93 24.96 9.03
CA THR A 455 -1.84 25.89 9.26
C THR A 455 -0.50 25.22 9.45
N GLY A 456 -0.47 23.92 9.72
CA GLY A 456 0.74 23.19 9.96
C GLY A 456 1.02 22.89 11.42
N TYR A 457 0.38 23.60 12.34
CA TYR A 457 0.54 23.31 13.75
C TYR A 457 0.01 21.92 14.07
N ALA A 458 0.65 21.22 15.00
CA ALA A 458 0.25 19.88 15.38
C ALA A 458 -0.12 19.89 16.85
N VAL A 459 -1.39 20.21 17.12
CA VAL A 459 -1.88 20.23 18.50
C VAL A 459 -2.28 18.83 18.92
N GLY A 460 -2.32 18.61 20.22
CA GLY A 460 -2.71 17.30 20.73
C GLY A 460 -2.88 17.30 22.22
N ILE A 461 -3.67 16.33 22.68
CA ILE A 461 -3.86 16.06 24.10
C ILE A 461 -3.60 14.57 24.32
N ASN A 462 -2.77 14.26 25.31
CA ASN A 462 -2.37 12.89 25.55
C ASN A 462 -2.50 12.58 27.04
N GLY A 463 -2.71 11.31 27.36
CA GLY A 463 -2.78 10.87 28.73
C GLY A 463 -2.36 9.43 28.88
N THR A 464 -1.63 9.12 29.93
CA THR A 464 -1.17 7.76 30.20
C THR A 464 -1.39 7.46 31.67
N LYS A 465 -1.56 6.18 31.98
CA LYS A 465 -1.85 5.75 33.34
C LYS A 465 -1.34 4.34 33.50
N ASN A 466 -0.30 4.16 34.31
CA ASN A 466 0.22 2.82 34.60
C ASN A 466 0.23 2.61 36.10
N ASP A 467 0.88 1.54 36.56
CA ASP A 467 0.71 1.11 37.94
C ASP A 467 1.11 2.17 38.95
N TYR A 468 1.95 3.15 38.57
CA TYR A 468 2.49 4.07 39.57
C TYR A 468 2.53 5.53 39.13
N GLN A 469 1.74 5.93 38.13
CA GLN A 469 1.65 7.35 37.82
C GLN A 469 0.47 7.61 36.91
N THR A 470 0.14 8.90 36.75
CA THR A 470 -0.85 9.36 35.79
C THR A 470 -0.32 10.64 35.17
N TYR A 471 -0.19 10.65 33.84
CA TYR A 471 0.39 11.76 33.11
C TYR A 471 -0.64 12.30 32.12
N ALA A 472 -0.73 13.60 32.00
CA ALA A 472 -1.67 14.22 31.07
C ALA A 472 -1.06 15.50 30.53
N GLU A 473 -0.90 15.58 29.20
CA GLU A 473 -0.25 16.72 28.59
C GLU A 473 -1.09 17.29 27.46
N LEU A 474 -0.89 18.58 27.22
CA LEU A 474 -1.47 19.30 26.08
C LEU A 474 -0.33 19.97 25.34
N SER A 475 -0.08 19.56 24.11
CA SER A 475 1.07 20.00 23.34
C SER A 475 0.64 20.74 22.08
N VAL A 476 1.42 21.74 21.71
CA VAL A 476 1.17 22.56 20.52
C VAL A 476 2.52 22.86 19.88
N THR A 477 2.77 22.28 18.71
CA THR A 477 4.08 22.37 18.07
C THR A 477 3.95 23.07 16.73
N ASN A 478 4.82 24.06 16.50
CA ASN A 478 4.94 24.70 15.19
C ASN A 478 6.21 24.16 14.55
N PRO A 479 6.11 23.37 13.47
CA PRO A 479 7.31 22.68 12.96
C PRO A 479 8.23 23.54 12.12
N TYR A 480 7.81 24.73 11.70
CA TYR A 480 8.61 25.61 10.84
C TYR A 480 8.56 27.03 11.36
N PHE A 481 8.85 27.20 12.65
CA PHE A 481 8.89 28.53 13.24
C PHE A 481 9.79 29.46 12.44
N THR A 482 10.86 28.93 11.85
CA THR A 482 11.71 29.67 10.93
C THR A 482 11.89 28.83 9.67
N VAL A 483 11.83 29.49 8.51
CA VAL A 483 11.81 28.78 7.24
C VAL A 483 12.90 27.73 7.16
N ASP A 484 14.03 27.95 7.83
CA ASP A 484 15.12 26.98 7.78
C ASP A 484 14.67 25.61 8.25
N GLY A 485 13.85 25.57 9.31
CA GLY A 485 13.39 24.31 9.86
C GLY A 485 13.33 24.33 11.37
N VAL A 486 13.79 25.41 11.99
CA VAL A 486 13.74 25.52 13.44
C VAL A 486 12.30 25.38 13.90
N SER A 487 12.08 24.52 14.89
CA SER A 487 10.73 24.28 15.39
C SER A 487 10.47 25.14 16.63
N LEU A 488 9.25 25.07 17.15
CA LEU A 488 8.94 25.73 18.42
C LEU A 488 7.71 25.05 19.00
N GLY A 489 7.89 24.35 20.11
CA GLY A 489 6.81 23.58 20.72
C GLY A 489 6.54 24.05 22.13
N GLY A 490 5.27 23.94 22.54
CA GLY A 490 4.89 24.19 23.90
C GLY A 490 4.09 23.03 24.44
N ARG A 491 4.06 22.92 25.77
CA ARG A 491 3.47 21.75 26.40
C ARG A 491 3.10 22.07 27.84
N LEU A 492 1.83 21.93 28.17
CA LEU A 492 1.40 21.86 29.56
C LEU A 492 1.33 20.40 29.97
N PHE A 493 1.64 20.12 31.23
CA PHE A 493 1.63 18.73 31.69
C PHE A 493 1.33 18.68 33.17
N TYR A 494 0.56 17.64 33.55
CA TYR A 494 0.28 17.31 34.94
C TYR A 494 0.65 15.85 35.15
N ASN A 495 1.51 15.60 36.14
CA ASN A 495 2.07 14.28 36.37
C ASN A 495 1.96 13.94 37.85
N ASP A 496 1.24 12.86 38.16
CA ASP A 496 1.12 12.35 39.51
C ASP A 496 1.94 11.07 39.61
N PHE A 497 2.80 10.99 40.62
CA PHE A 497 3.76 9.90 40.76
C PHE A 497 3.65 9.32 42.16
N GLN A 498 3.23 8.06 42.25
CA GLN A 498 3.16 7.33 43.51
C GLN A 498 4.42 6.48 43.62
N ALA A 499 5.31 6.83 44.54
CA ALA A 499 6.57 6.13 44.66
C ALA A 499 6.38 4.72 45.21
N ASP A 500 5.49 4.57 46.19
CA ASP A 500 5.36 3.28 46.86
C ASP A 500 5.00 2.16 45.88
N ASP A 501 4.36 2.49 44.78
CA ASP A 501 3.95 1.50 43.79
C ASP A 501 5.01 1.24 42.74
N ALA A 502 6.18 1.86 42.85
CA ALA A 502 7.25 1.69 41.88
C ALA A 502 8.49 1.04 42.49
N ASP A 503 8.35 0.41 43.66
CA ASP A 503 9.48 -0.23 44.35
C ASP A 503 10.49 0.82 44.84
N LEU A 504 9.97 1.88 45.45
CA LEU A 504 10.81 2.93 46.03
C LEU A 504 10.35 3.23 47.45
N SER A 505 10.95 4.23 48.09
CA SER A 505 10.46 4.70 49.37
C SER A 505 9.12 5.41 49.17
N ASP A 506 8.33 5.46 50.24
CA ASP A 506 6.97 5.96 50.15
C ASP A 506 6.99 7.49 50.09
N TYR A 507 6.47 8.04 49.00
CA TYR A 507 6.25 9.47 48.85
C TYR A 507 5.43 9.70 47.60
N THR A 508 4.45 10.60 47.67
CA THR A 508 3.61 10.92 46.53
C THR A 508 3.94 12.31 46.04
N ASN A 509 4.09 12.45 44.72
CA ASN A 509 4.58 13.66 44.10
C ASN A 509 3.62 14.08 42.99
N LYS A 510 2.86 15.14 43.23
CA LYS A 510 1.95 15.69 42.23
C LYS A 510 2.56 16.96 41.67
N SER A 511 2.82 16.98 40.37
CA SER A 511 3.52 18.10 39.77
C SER A 511 2.77 18.57 38.54
N TYR A 512 2.96 19.84 38.20
CA TYR A 512 2.38 20.39 36.98
C TYR A 512 3.26 21.52 36.49
N GLY A 513 3.25 21.74 35.19
CA GLY A 513 4.10 22.78 34.65
C GLY A 513 3.92 22.95 33.16
N THR A 514 4.63 23.93 32.63
CA THR A 514 4.64 24.26 31.21
C THR A 514 6.00 23.91 30.63
N ASP A 515 6.17 24.23 29.34
CA ASP A 515 7.44 24.03 28.68
C ASP A 515 7.37 24.67 27.30
N VAL A 516 8.48 25.28 26.88
CA VAL A 516 8.63 25.77 25.51
C VAL A 516 10.03 25.40 25.04
N THR A 517 10.12 24.76 23.88
CA THR A 517 11.39 24.25 23.38
C THR A 517 11.54 24.56 21.90
N LEU A 518 12.70 25.09 21.53
CA LEU A 518 13.08 25.21 20.14
C LEU A 518 13.69 23.90 19.66
N GLY A 519 14.03 23.85 18.38
CA GLY A 519 14.79 22.73 17.84
C GLY A 519 15.47 23.14 16.56
N PHE A 520 16.79 22.92 16.47
CA PHE A 520 17.60 23.35 15.34
C PHE A 520 18.18 22.14 14.62
N PRO A 521 17.56 21.66 13.54
CA PRO A 521 18.17 20.56 12.78
C PRO A 521 19.37 21.08 12.00
N ILE A 522 20.54 20.48 12.24
CA ILE A 522 21.80 21.04 11.74
C ILE A 522 22.51 20.16 10.72
N ASN A 523 22.25 18.86 10.68
CA ASN A 523 22.98 17.99 9.77
C ASN A 523 22.12 16.91 9.14
N GLU A 524 20.83 16.85 9.43
CA GLU A 524 19.90 15.78 9.09
C GLU A 524 20.08 14.57 10.01
N TYR A 525 21.12 14.53 10.84
CA TYR A 525 21.24 13.58 11.93
C TYR A 525 21.29 14.27 13.28
N ASN A 526 22.19 15.23 13.44
CA ASN A 526 22.24 16.00 14.67
C ASN A 526 21.04 16.94 14.74
N SER A 527 20.50 17.11 15.95
CA SER A 527 19.37 18.00 16.14
C SER A 527 19.45 18.57 17.56
N LEU A 528 20.05 19.75 17.67
CA LEU A 528 20.06 20.44 18.96
C LEU A 528 18.65 20.85 19.35
N ARG A 529 18.48 21.19 20.63
CA ARG A 529 17.21 21.73 21.08
C ARG A 529 17.37 22.36 22.46
N ALA A 530 16.98 23.61 22.59
CA ALA A 530 17.07 24.34 23.84
C ALA A 530 15.73 25.01 24.12
N GLY A 531 15.39 25.11 25.41
CA GLY A 531 14.12 25.69 25.77
C GLY A 531 14.06 25.94 27.25
N LEU A 532 12.98 26.60 27.67
CA LEU A 532 12.72 26.90 29.07
C LEU A 532 11.58 26.04 29.57
N GLY A 533 11.35 26.09 30.89
CA GLY A 533 10.23 25.39 31.45
C GLY A 533 10.03 25.77 32.90
N TYR A 534 8.80 25.58 33.36
CA TYR A 534 8.42 25.83 34.75
C TYR A 534 7.70 24.60 35.28
N VAL A 535 8.14 24.11 36.44
CA VAL A 535 7.57 22.91 37.03
C VAL A 535 7.36 23.14 38.52
N HIS A 536 6.15 22.84 38.99
CA HIS A 536 5.80 22.95 40.40
C HIS A 536 5.53 21.55 40.93
N ASN A 537 6.23 21.17 42.00
CA ASN A 537 6.14 19.85 42.60
C ASN A 537 5.59 19.96 44.01
N SER A 538 4.57 19.17 44.32
CA SER A 538 4.01 19.06 45.65
C SER A 538 4.22 17.64 46.14
N LEU A 539 5.08 17.49 47.15
CA LEU A 539 5.41 16.20 47.74
C LEU A 539 4.63 16.04 49.04
N SER A 540 4.14 14.84 49.28
CA SER A 540 3.41 14.55 50.51
C SER A 540 3.58 13.09 50.85
N ASN A 541 3.23 12.74 52.10
CA ASN A 541 3.25 11.37 52.57
C ASN A 541 4.66 10.78 52.45
N MET A 542 5.63 11.52 52.98
CA MET A 542 7.04 11.14 52.88
C MET A 542 7.43 10.27 54.07
N GLN A 543 7.99 9.10 53.78
CA GLN A 543 8.42 8.19 54.84
C GLN A 543 9.73 8.66 55.43
N PRO A 544 9.85 8.82 56.75
CA PRO A 544 11.11 9.28 57.32
C PRO A 544 12.26 8.37 56.92
N GLN A 545 13.40 8.99 56.60
CA GLN A 545 14.61 8.27 56.24
C GLN A 545 15.73 9.31 56.14
N VAL A 546 16.96 8.82 55.97
CA VAL A 546 18.12 9.71 55.94
C VAL A 546 18.19 10.47 54.62
N ALA A 547 17.82 9.83 53.52
CA ALA A 547 18.14 10.38 52.20
C ALA A 547 17.46 11.73 51.97
N MET A 548 16.17 11.84 52.31
CA MET A 548 15.44 13.07 52.01
C MET A 548 15.76 14.15 53.03
N TRP A 549 15.58 13.84 54.31
CA TRP A 549 15.94 14.71 55.42
C TRP A 549 17.42 15.10 55.45
N ARG A 550 18.26 14.52 54.60
CA ARG A 550 19.52 15.18 54.28
C ARG A 550 19.32 16.28 53.24
N TYR A 551 18.24 16.22 52.47
CA TYR A 551 17.91 17.22 51.46
C TYR A 551 16.88 18.23 51.95
N LEU A 552 15.91 17.80 52.76
CA LEU A 552 14.96 18.75 53.32
C LEU A 552 15.68 19.80 54.15
N TYR A 553 16.66 19.38 54.96
CA TYR A 553 17.42 20.33 55.76
C TYR A 553 18.11 21.36 54.89
N SER A 554 18.53 20.98 53.68
CA SER A 554 19.16 21.94 52.78
C SER A 554 18.19 23.04 52.38
N MET A 555 16.93 22.68 52.12
CA MET A 555 15.93 23.65 51.69
C MET A 555 15.37 24.48 52.85
N GLY A 556 15.84 24.24 54.07
CA GLY A 556 15.37 24.99 55.22
C GLY A 556 14.22 24.35 55.96
N GLU A 557 13.61 23.30 55.42
CA GLU A 557 12.53 22.61 56.11
C GLU A 557 13.05 21.91 57.35
N HIS A 558 12.23 21.87 58.40
CA HIS A 558 12.55 21.16 59.63
C HIS A 558 11.36 20.32 60.05
N PRO A 559 10.99 19.32 59.25
CA PRO A 559 9.86 18.47 59.59
C PRO A 559 10.19 17.48 60.70
N SER A 560 9.13 16.97 61.33
CA SER A 560 9.26 15.98 62.38
C SER A 560 9.44 14.60 61.77
N THR A 561 10.39 13.85 62.32
CA THR A 561 10.71 12.51 61.82
C THR A 561 9.93 11.42 62.53
N SER A 562 9.00 11.78 63.43
CA SER A 562 8.20 10.80 64.15
C SER A 562 6.86 10.52 63.48
N ASP A 563 6.58 11.16 62.34
CA ASP A 563 5.31 10.97 61.66
C ASP A 563 5.51 11.23 60.17
N GLN A 564 4.56 10.73 59.37
CA GLN A 564 4.63 10.85 57.92
C GLN A 564 3.48 11.68 57.36
N ASP A 565 3.02 12.67 58.11
CA ASP A 565 2.05 13.65 57.61
C ASP A 565 2.77 14.92 57.15
N ASN A 566 3.59 14.75 56.12
CA ASN A 566 4.48 15.80 55.64
C ASN A 566 3.96 16.43 54.36
N SER A 567 4.52 17.58 54.01
CA SER A 567 4.19 18.26 52.78
C SER A 567 5.31 19.23 52.42
N PHE A 568 5.53 19.41 51.12
CA PHE A 568 6.59 20.29 50.66
C PHE A 568 6.31 20.70 49.23
N LYS A 569 6.18 22.00 48.97
CA LYS A 569 5.86 22.52 47.64
C LYS A 569 7.01 23.37 47.14
N THR A 570 7.46 23.08 45.92
CA THR A 570 8.59 23.77 45.32
C THR A 570 8.25 24.18 43.90
N ASP A 571 8.88 25.28 43.45
CA ASP A 571 8.70 25.81 42.11
C ASP A 571 10.06 25.97 41.45
N ASP A 572 10.20 25.47 40.22
CA ASP A 572 11.47 25.49 39.53
C ASP A 572 11.31 26.08 38.14
N PHE A 573 12.27 26.90 37.73
CA PHE A 573 12.35 27.49 36.39
C PHE A 573 13.58 26.91 35.71
N THR A 574 13.40 25.80 35.02
CA THR A 574 14.53 25.08 34.43
C THR A 574 14.79 25.56 33.01
N PHE A 575 16.03 25.36 32.56
CA PHE A 575 16.45 25.62 31.19
C PHE A 575 16.96 24.30 30.62
N ASN A 576 16.14 23.65 29.80
CA ASN A 576 16.44 22.32 29.30
C ASN A 576 17.16 22.43 27.95
N TYR A 577 18.34 21.83 27.86
CA TYR A 577 19.07 21.74 26.60
C TYR A 577 19.29 20.27 26.26
N GLY A 578 19.56 20.02 24.98
CA GLY A 578 19.75 18.66 24.56
C GLY A 578 20.51 18.58 23.25
N TRP A 579 20.63 17.35 22.76
CA TRP A 579 21.29 17.05 21.49
C TRP A 579 21.01 15.61 21.14
N THR A 580 20.80 15.33 19.86
CA THR A 580 20.53 13.99 19.39
C THR A 580 21.43 13.68 18.21
N TYR A 581 21.56 12.40 17.91
CA TYR A 581 22.29 11.95 16.73
C TYR A 581 21.75 10.58 16.38
N ASN A 582 20.97 10.50 15.31
CA ASN A 582 20.22 9.30 14.95
C ASN A 582 20.65 8.83 13.57
N LYS A 583 21.69 8.00 13.55
CA LYS A 583 22.24 7.47 12.30
C LYS A 583 21.69 6.10 11.95
N LEU A 584 20.80 5.54 12.77
CA LEU A 584 20.31 4.18 12.54
C LEU A 584 19.67 4.08 11.16
N ASP A 585 19.98 2.98 10.47
CA ASP A 585 19.46 2.78 9.13
C ASP A 585 17.99 2.40 9.15
N ARG A 586 17.57 1.58 10.10
CA ARG A 586 16.21 1.09 10.20
C ARG A 586 15.63 1.42 11.56
N GLY A 587 14.37 1.88 11.57
CA GLY A 587 13.72 2.14 12.84
C GLY A 587 13.47 0.88 13.64
N TYR A 588 12.99 -0.17 12.98
CA TYR A 588 12.67 -1.44 13.63
C TYR A 588 13.73 -2.47 13.31
N PHE A 589 14.28 -3.09 14.36
CA PHE A 589 15.37 -4.05 14.23
C PHE A 589 16.53 -3.43 13.45
N PRO A 590 17.10 -2.33 13.92
CA PRO A 590 18.27 -1.76 13.25
C PRO A 590 19.44 -2.72 13.24
N THR A 591 20.24 -2.66 12.17
CA THR A 591 21.37 -3.55 12.01
C THR A 591 22.68 -2.82 11.74
N ASP A 592 22.68 -1.49 11.72
CA ASP A 592 23.91 -0.74 11.53
C ASP A 592 23.63 0.73 11.82
N GLY A 593 24.54 1.36 12.55
CA GLY A 593 24.44 2.76 12.87
C GLY A 593 24.77 3.00 14.33
N SER A 594 24.45 4.20 14.79
CA SER A 594 24.72 4.59 16.17
C SER A 594 23.80 5.75 16.54
N ARG A 595 23.13 5.62 17.66
CA ARG A 595 22.29 6.68 18.20
C ARG A 595 22.91 7.21 19.50
N VAL A 596 22.92 8.53 19.63
CA VAL A 596 23.40 9.19 20.83
C VAL A 596 22.40 10.26 21.22
N ASN A 597 22.27 10.49 22.52
CA ASN A 597 21.25 11.41 23.02
C ASN A 597 21.77 12.03 24.31
N LEU A 598 22.15 13.29 24.26
CA LEU A 598 22.57 14.03 25.43
C LEU A 598 21.44 14.95 25.87
N THR A 599 21.18 14.99 27.17
CA THR A 599 20.12 15.82 27.71
C THR A 599 20.64 16.50 28.98
N GLY A 600 20.09 17.67 29.28
CA GLY A 600 20.53 18.40 30.44
C GLY A 600 19.39 19.16 31.08
N LYS A 601 19.69 19.81 32.19
CA LYS A 601 18.72 20.60 32.91
C LYS A 601 19.45 21.42 33.96
N VAL A 602 19.02 22.65 34.16
CA VAL A 602 19.62 23.51 35.19
C VAL A 602 18.62 24.60 35.55
N THR A 603 18.46 24.85 36.84
CA THR A 603 17.49 25.83 37.33
C THR A 603 18.16 27.20 37.39
N ILE A 604 17.63 28.15 36.63
CA ILE A 604 18.17 29.50 36.59
C ILE A 604 17.83 30.20 37.91
N PRO A 605 18.60 31.20 38.33
CA PRO A 605 18.40 31.79 39.66
C PRO A 605 17.00 32.36 39.81
N GLY A 606 16.50 32.31 41.05
CA GLY A 606 15.15 32.71 41.39
C GLY A 606 14.24 31.57 41.74
N SER A 607 14.53 30.37 41.26
CA SER A 607 13.76 29.18 41.60
C SER A 607 14.14 28.69 42.99
N ASP A 608 13.20 27.97 43.61
CA ASP A 608 13.45 27.42 44.94
C ASP A 608 14.62 26.46 44.92
N ASN A 609 14.65 25.54 43.96
CA ASN A 609 15.73 24.59 43.85
C ASN A 609 16.91 25.19 43.11
N GLU A 610 18.08 24.59 43.28
CA GLU A 610 19.28 25.00 42.56
C GLU A 610 20.13 23.75 42.33
N TYR A 611 19.97 23.15 41.16
CA TYR A 611 20.69 21.92 40.83
C TYR A 611 20.87 21.84 39.32
N TYR A 612 21.80 20.99 38.90
CA TYR A 612 22.04 20.73 37.49
C TYR A 612 22.09 19.23 37.27
N LYS A 613 21.54 18.79 36.14
CA LYS A 613 21.39 17.38 35.82
C LYS A 613 21.82 17.15 34.37
N VAL A 614 22.47 16.02 34.12
CA VAL A 614 22.96 15.68 32.79
C VAL A 614 22.78 14.18 32.57
N THR A 615 22.40 13.81 31.36
CA THR A 615 22.19 12.41 31.00
C THR A 615 22.71 12.18 29.58
N LEU A 616 23.15 10.94 29.32
CA LEU A 616 23.75 10.60 28.03
C LEU A 616 23.41 9.15 27.72
N ASP A 617 22.61 8.93 26.69
CA ASP A 617 22.23 7.60 26.24
C ASP A 617 22.94 7.31 24.92
N THR A 618 23.33 6.05 24.73
CA THR A 618 24.07 5.66 23.54
C THR A 618 23.72 4.23 23.16
N ALA A 619 23.62 3.99 21.85
CA ALA A 619 23.47 2.66 21.29
C ALA A 619 24.29 2.60 20.01
N THR A 620 24.98 1.48 19.79
CA THR A 620 25.85 1.36 18.63
C THR A 620 25.77 -0.06 18.09
N TYR A 621 25.42 -0.20 16.81
CA TYR A 621 25.33 -1.51 16.16
C TYR A 621 26.52 -1.69 15.22
N VAL A 622 27.12 -2.87 15.26
CA VAL A 622 28.30 -3.17 14.47
C VAL A 622 28.13 -4.50 13.76
N PRO A 623 27.47 -4.56 12.60
CA PRO A 623 27.29 -5.84 11.92
C PRO A 623 28.63 -6.49 11.61
N ILE A 624 28.67 -7.81 11.73
CA ILE A 624 29.92 -8.56 11.59
C ILE A 624 29.81 -9.58 10.47
N ASP A 625 29.01 -9.27 9.46
CA ASP A 625 28.94 -10.09 8.25
C ASP A 625 28.51 -9.20 7.09
N ASP A 626 28.15 -9.82 5.97
CA ASP A 626 27.69 -9.09 4.79
C ASP A 626 26.18 -9.07 4.67
N ASP A 627 25.47 -10.04 5.24
CA ASP A 627 24.02 -10.09 5.19
C ASP A 627 23.36 -9.43 6.39
N HIS A 628 24.14 -8.92 7.34
CA HIS A 628 23.61 -8.23 8.51
C HIS A 628 22.63 -9.13 9.28
N LYS A 629 23.09 -10.33 9.61
CA LYS A 629 22.32 -11.26 10.44
C LYS A 629 22.90 -11.44 11.83
N TRP A 630 24.22 -11.45 11.96
CA TRP A 630 24.89 -11.46 13.25
C TRP A 630 25.35 -10.04 13.55
N VAL A 631 24.88 -9.49 14.68
CA VAL A 631 25.13 -8.09 15.01
C VAL A 631 25.64 -8.01 16.44
N VAL A 632 26.34 -6.92 16.73
CA VAL A 632 26.81 -6.60 18.07
C VAL A 632 26.26 -5.24 18.44
N LEU A 633 25.56 -5.17 19.57
CA LEU A 633 24.90 -3.94 20.02
C LEU A 633 25.50 -3.53 21.36
N GLY A 634 26.11 -2.36 21.39
CA GLY A 634 26.63 -1.81 22.63
C GLY A 634 25.83 -0.63 23.08
N ARG A 635 25.22 -0.70 24.27
CA ARG A 635 24.42 0.37 24.81
C ARG A 635 25.07 0.91 26.07
N THR A 636 24.89 2.20 26.30
CA THR A 636 25.39 2.83 27.52
C THR A 636 24.40 3.91 27.95
N ARG A 637 24.44 4.23 29.24
CA ARG A 637 23.53 5.20 29.83
C ARG A 637 24.23 5.79 31.04
N TRP A 638 24.65 7.04 30.93
CA TRP A 638 25.36 7.73 32.00
C TRP A 638 24.53 8.91 32.49
N GLY A 639 24.72 9.27 33.75
CA GLY A 639 23.98 10.39 34.29
C GLY A 639 24.58 10.95 35.56
N TYR A 640 24.54 12.26 35.72
CA TYR A 640 25.09 12.89 36.91
C TYR A 640 24.35 14.20 37.18
N GLY A 641 24.04 14.44 38.44
CA GLY A 641 23.37 15.67 38.82
C GLY A 641 23.69 16.00 40.26
N ASP A 642 23.71 17.31 40.54
CA ASP A 642 24.03 17.76 41.89
C ASP A 642 23.60 19.20 42.08
N GLY A 643 23.54 19.62 43.34
CA GLY A 643 23.16 20.98 43.65
C GLY A 643 24.30 21.96 43.42
N LEU A 644 23.94 23.25 43.42
CA LEU A 644 24.89 24.31 43.14
C LEU A 644 25.12 25.22 44.34
N GLY A 645 24.07 25.80 44.90
CA GLY A 645 24.22 26.78 45.96
C GLY A 645 24.22 26.20 47.35
N GLY A 646 24.97 25.11 47.55
CA GLY A 646 25.02 24.46 48.84
C GLY A 646 23.87 23.52 49.12
N LYS A 647 22.98 23.31 48.17
CA LYS A 647 21.84 22.42 48.32
C LYS A 647 22.14 21.08 47.66
N GLU A 648 21.15 20.20 47.63
CA GLU A 648 21.28 18.88 47.02
C GLU A 648 20.26 18.73 45.90
N MET A 649 20.53 17.77 45.03
CA MET A 649 19.57 17.45 43.98
C MET A 649 18.30 16.88 44.62
N PRO A 650 17.12 17.32 44.18
CA PRO A 650 15.89 16.80 44.79
C PRO A 650 15.80 15.29 44.64
N PHE A 651 15.28 14.63 45.66
CA PHE A 651 15.17 13.18 45.64
C PHE A 651 14.15 12.67 44.63
N TYR A 652 13.32 13.54 44.06
CA TYR A 652 12.35 13.13 43.06
C TYR A 652 12.89 13.26 41.64
N GLU A 653 14.16 13.63 41.48
CA GLU A 653 14.81 13.65 40.18
C GLU A 653 15.98 12.68 40.10
N ASN A 654 16.10 11.77 41.05
CA ASN A 654 17.24 10.87 41.11
C ASN A 654 17.23 9.92 39.91
N PHE A 655 18.30 9.13 39.81
CA PHE A 655 18.48 8.16 38.73
C PHE A 655 18.25 6.77 39.27
N TYR A 656 17.35 6.03 38.65
CA TYR A 656 17.03 4.66 39.04
C TYR A 656 17.54 3.72 37.96
N ALA A 657 18.24 2.66 38.38
CA ALA A 657 18.79 1.66 37.47
C ALA A 657 18.30 0.28 37.88
N GLY A 658 18.16 -0.59 36.88
CA GLY A 658 17.65 -1.92 37.11
C GLY A 658 16.24 -2.07 36.60
N GLY A 659 16.02 -3.06 35.75
CA GLY A 659 14.70 -3.28 35.17
C GLY A 659 14.82 -3.93 33.82
N SER A 660 13.69 -3.98 33.11
CA SER A 660 13.64 -4.63 31.81
C SER A 660 14.46 -3.91 30.75
N SER A 661 14.86 -2.66 30.98
CA SER A 661 15.54 -1.86 29.98
C SER A 661 16.98 -1.51 30.34
N THR A 662 17.28 -1.31 31.62
CA THR A 662 18.60 -0.83 32.02
C THR A 662 19.54 -1.98 32.34
N VAL A 663 19.19 -2.80 33.33
CA VAL A 663 19.97 -3.99 33.72
C VAL A 663 18.96 -5.12 33.87
N ARG A 664 18.81 -5.94 32.83
CA ARG A 664 17.84 -7.02 32.87
C ARG A 664 18.22 -8.05 33.92
N GLY A 665 17.23 -8.51 34.67
CA GLY A 665 17.43 -9.49 35.72
C GLY A 665 17.25 -8.95 37.12
N PHE A 666 17.14 -7.64 37.29
CA PHE A 666 16.95 -7.01 38.58
C PHE A 666 15.58 -6.34 38.63
N GLN A 667 14.92 -6.44 39.78
CA GLN A 667 13.61 -5.84 39.94
C GLN A 667 13.68 -4.35 39.64
N SER A 668 12.66 -3.84 38.96
CA SER A 668 12.71 -2.47 38.46
C SER A 668 13.00 -1.49 39.58
N ASN A 669 13.94 -0.58 39.32
CA ASN A 669 14.31 0.46 40.29
C ASN A 669 14.77 -0.15 41.60
N THR A 670 15.74 -1.06 41.53
CA THR A 670 16.28 -1.71 42.72
C THR A 670 17.76 -1.46 42.94
N ILE A 671 18.53 -1.20 41.88
CA ILE A 671 19.95 -0.94 42.06
C ILE A 671 20.15 0.43 42.69
N GLY A 672 21.21 0.56 43.48
CA GLY A 672 21.57 1.83 44.06
C GLY A 672 21.41 1.85 45.57
N PRO A 673 21.48 3.05 46.15
CA PRO A 673 21.36 3.16 47.61
C PRO A 673 20.00 2.67 48.09
N LYS A 674 19.99 2.17 49.32
CA LYS A 674 18.79 1.69 49.97
C LYS A 674 18.41 2.63 51.11
N ALA A 675 17.11 2.72 51.38
CA ALA A 675 16.64 3.68 52.38
C ALA A 675 17.12 3.29 53.77
N VAL A 676 17.29 4.30 54.61
CA VAL A 676 17.65 4.13 56.01
C VAL A 676 16.58 4.84 56.83
N TYR A 677 15.53 4.11 57.22
CA TYR A 677 14.37 4.73 57.83
C TYR A 677 14.66 5.17 59.26
N PHE A 678 13.96 6.23 59.68
CA PHE A 678 13.95 6.68 61.06
C PHE A 678 12.89 5.92 61.85
N PRO A 679 12.96 5.94 63.19
CA PRO A 679 11.88 5.37 63.98
C PRO A 679 10.66 6.27 64.00
N HIS A 680 9.57 5.83 63.37
CA HIS A 680 8.40 6.68 63.19
C HIS A 680 7.13 5.90 63.52
N GLN A 681 6.09 6.63 63.90
CA GLN A 681 4.78 6.03 64.11
C GLN A 681 4.04 5.93 62.78
N ALA A 682 3.48 4.75 62.52
CA ALA A 682 2.81 4.51 61.26
C ALA A 682 1.47 5.26 61.22
N SER A 683 0.79 5.16 60.08
CA SER A 683 -0.50 5.84 59.93
C SER A 683 -1.58 5.14 60.76
N ASN A 684 -1.84 3.87 60.48
CA ASN A 684 -2.83 3.06 61.21
C ASN A 684 -2.25 1.66 61.34
N TYR A 685 -1.56 1.41 62.45
CA TYR A 685 -0.89 0.13 62.64
C TYR A 685 -1.89 -0.98 62.88
N ASP A 686 -1.59 -2.16 62.36
CA ASP A 686 -2.43 -3.34 62.54
C ASP A 686 -1.61 -4.60 62.34
N PRO A 687 -1.64 -5.56 63.28
CA PRO A 687 -0.84 -6.78 63.11
C PRO A 687 -1.11 -7.49 61.78
N ASP A 688 -0.23 -8.43 61.43
CA ASP A 688 -0.27 -9.24 60.21
C ASP A 688 0.13 -8.45 58.98
N TYR A 689 0.39 -7.15 59.09
CA TYR A 689 0.81 -6.31 57.98
C TYR A 689 2.25 -5.87 58.23
N ASP A 690 3.09 -6.00 57.20
CA ASP A 690 4.48 -5.62 57.33
C ASP A 690 4.62 -4.11 57.33
N TYR A 691 5.29 -3.57 58.34
CA TYR A 691 5.57 -2.15 58.45
C TYR A 691 7.08 -1.94 58.50
N GLU A 692 7.54 -0.84 57.92
CA GLU A 692 8.97 -0.58 57.84
C GLU A 692 9.52 -0.21 59.19
N CYS A 693 9.53 -1.16 60.12
CA CYS A 693 10.11 -0.99 61.45
C CYS A 693 9.69 0.34 62.07
N ALA A 694 8.38 0.45 62.29
CA ALA A 694 7.79 1.63 62.90
C ALA A 694 8.06 1.64 64.41
N THR A 695 7.48 2.63 65.10
CA THR A 695 7.74 2.79 66.52
C THR A 695 7.09 1.68 67.34
N GLN A 696 5.97 1.13 66.87
CA GLN A 696 5.24 0.11 67.62
C GLN A 696 5.81 -1.29 67.43
N ASP A 697 7.06 -1.40 66.97
CA ASP A 697 7.75 -2.68 66.84
C ASP A 697 9.04 -2.71 67.63
N GLY A 698 9.22 -1.78 68.58
CA GLY A 698 10.43 -1.75 69.37
C GLY A 698 11.62 -1.14 68.68
N ALA A 699 11.40 -0.25 67.71
CA ALA A 699 12.47 0.42 66.98
C ALA A 699 12.85 1.70 67.71
N LYS A 700 14.14 1.86 68.01
CA LYS A 700 14.63 3.02 68.76
C LYS A 700 15.87 3.64 68.13
N ASP A 701 16.22 3.26 66.91
CA ASP A 701 17.41 3.79 66.25
C ASP A 701 17.20 3.71 64.74
N LEU A 702 18.20 4.18 63.99
CA LEU A 702 18.11 4.11 62.54
C LEU A 702 17.99 2.66 62.09
N CYS A 703 17.26 2.47 61.01
CA CYS A 703 16.77 1.15 60.62
C CYS A 703 17.08 0.90 59.15
N LYS A 704 17.80 -0.18 58.86
CA LYS A 704 18.12 -0.51 57.49
C LYS A 704 16.84 -0.84 56.71
N SER A 705 17.00 -0.99 55.40
CA SER A 705 15.88 -1.35 54.54
C SER A 705 16.44 -1.94 53.25
N ASP A 706 15.53 -2.53 52.46
CA ASP A 706 15.90 -3.19 51.21
C ASP A 706 15.11 -2.66 50.03
N ASP A 707 14.56 -1.45 50.13
CA ASP A 707 13.81 -0.83 49.05
C ASP A 707 14.57 0.37 48.51
N ALA A 708 14.79 0.39 47.21
CA ALA A 708 15.72 1.34 46.61
C ALA A 708 15.23 2.77 46.77
N VAL A 709 16.19 3.69 46.79
CA VAL A 709 15.90 5.12 46.79
C VAL A 709 16.43 5.83 45.55
N GLY A 710 17.31 5.18 44.79
CA GLY A 710 17.93 5.83 43.66
C GLY A 710 19.07 6.73 44.10
N GLY A 711 20.06 6.94 43.23
CA GLY A 711 21.19 7.77 43.54
C GLY A 711 21.33 8.88 42.51
N ASN A 712 22.17 9.86 42.85
CA ASN A 712 22.41 11.00 41.98
C ASN A 712 23.61 10.79 41.07
N ALA A 713 23.98 9.54 40.79
CA ALA A 713 24.97 9.26 39.77
C ALA A 713 24.70 7.87 39.23
N MET A 714 24.63 7.76 37.90
CA MET A 714 24.24 6.53 37.22
C MET A 714 25.26 6.19 36.14
N ALA A 715 25.61 4.90 36.05
CA ALA A 715 26.46 4.43 34.97
C ALA A 715 26.07 3.01 34.62
N VAL A 716 25.55 2.81 33.41
CA VAL A 716 25.07 1.51 32.97
C VAL A 716 25.61 1.22 31.58
N ALA A 717 25.99 -0.03 31.33
CA ALA A 717 26.47 -0.47 30.04
C ALA A 717 25.87 -1.83 29.73
N SER A 718 25.90 -2.20 28.46
CA SER A 718 25.29 -3.46 28.03
C SER A 718 25.91 -3.88 26.71
N LEU A 719 26.36 -5.14 26.64
CA LEU A 719 26.91 -5.72 25.43
C LEU A 719 26.00 -6.85 25.00
N GLU A 720 25.49 -6.78 23.77
CA GLU A 720 24.48 -7.71 23.29
C GLU A 720 24.95 -8.30 21.98
N PHE A 721 24.76 -9.61 21.83
CA PHE A 721 25.09 -10.32 20.59
C PHE A 721 23.78 -10.79 19.98
N ILE A 722 23.42 -10.24 18.83
CA ILE A 722 22.17 -10.57 18.16
C ILE A 722 22.47 -11.65 17.12
N THR A 723 21.78 -12.77 17.23
CA THR A 723 22.01 -13.94 16.41
C THR A 723 20.71 -14.36 15.75
N PRO A 724 20.77 -15.08 14.63
CA PRO A 724 19.54 -15.56 13.99
C PRO A 724 18.79 -16.51 14.89
N THR A 725 17.46 -16.47 14.81
CA THR A 725 16.65 -17.35 15.62
C THR A 725 16.93 -18.80 15.24
N PRO A 726 17.27 -19.67 16.20
CA PRO A 726 17.79 -21.00 15.83
C PRO A 726 16.73 -22.00 15.39
N PHE A 727 15.56 -22.00 16.02
CA PHE A 727 14.58 -23.06 15.84
C PHE A 727 13.34 -22.60 15.07
N ILE A 728 13.44 -21.51 14.31
CA ILE A 728 12.31 -20.97 13.57
C ILE A 728 12.56 -21.17 12.08
N SER A 729 11.51 -21.57 11.36
CA SER A 729 11.63 -21.79 9.93
C SER A 729 12.13 -20.53 9.25
N ASP A 730 13.03 -20.69 8.28
CA ASP A 730 13.73 -19.57 7.70
C ASP A 730 12.81 -18.65 6.89
N LYS A 731 11.57 -19.07 6.61
CA LYS A 731 10.67 -18.21 5.86
C LYS A 731 10.39 -16.91 6.61
N TYR A 732 10.16 -16.98 7.91
CA TYR A 732 9.86 -15.83 8.74
C TYR A 732 10.75 -15.81 9.97
N ALA A 733 12.01 -16.20 9.81
CA ALA A 733 12.97 -16.15 10.91
C ALA A 733 13.62 -14.79 11.05
N ASN A 734 13.38 -13.87 10.12
CA ASN A 734 13.93 -12.53 10.19
C ASN A 734 13.01 -11.55 10.91
N SER A 735 11.82 -11.98 11.32
CA SER A 735 10.90 -11.15 12.07
C SER A 735 11.00 -11.38 13.57
N VAL A 736 11.88 -12.27 14.02
CA VAL A 736 12.11 -12.54 15.43
C VAL A 736 13.58 -12.30 15.70
N ARG A 737 13.88 -11.43 16.68
CA ARG A 737 15.24 -11.07 17.02
C ARG A 737 15.62 -11.76 18.32
N THR A 738 16.71 -12.53 18.29
CA THR A 738 17.22 -13.24 19.44
C THR A 738 18.57 -12.67 19.83
N SER A 739 18.76 -12.45 21.13
CA SER A 739 19.96 -11.79 21.63
C SER A 739 20.47 -12.52 22.86
N PHE A 740 21.78 -12.60 22.98
CA PHE A 740 22.44 -13.00 24.21
C PHE A 740 23.15 -11.78 24.77
N PHE A 741 22.71 -11.32 25.94
CA PHE A 741 23.13 -10.03 26.47
C PHE A 741 23.87 -10.18 27.79
N TRP A 742 24.74 -9.21 28.04
CA TRP A 742 25.46 -9.07 29.30
C TRP A 742 25.36 -7.60 29.70
N ASP A 743 24.53 -7.31 30.71
CA ASP A 743 24.32 -5.96 31.18
C ASP A 743 25.06 -5.76 32.50
N MET A 744 25.50 -4.53 32.73
CA MET A 744 26.16 -4.16 33.96
C MET A 744 25.78 -2.73 34.28
N GLY A 745 25.81 -2.38 35.55
CA GLY A 745 25.41 -1.05 35.92
C GLY A 745 25.63 -0.77 37.39
N THR A 746 25.51 0.51 37.74
CA THR A 746 25.63 0.92 39.12
C THR A 746 25.02 2.30 39.27
N VAL A 747 24.53 2.58 40.48
CA VAL A 747 24.00 3.87 40.86
C VAL A 747 24.50 4.19 42.25
N TRP A 748 24.99 5.41 42.45
CA TRP A 748 25.52 5.80 43.75
C TRP A 748 25.11 7.22 44.09
N ASP A 749 25.14 7.51 45.38
CA ASP A 749 24.68 8.77 45.94
C ASP A 749 25.90 9.51 46.48
N THR A 750 26.30 10.57 45.78
CA THR A 750 27.60 11.18 46.04
C THR A 750 27.64 11.92 47.37
N ASN A 751 26.50 12.46 47.82
CA ASN A 751 26.49 13.29 49.02
C ASN A 751 26.47 12.48 50.31
N TRP A 752 26.22 11.17 50.24
CA TRP A 752 26.19 10.35 51.44
C TRP A 752 27.51 10.46 52.19
N ASP A 753 27.43 10.71 53.50
CA ASP A 753 28.61 10.87 54.34
C ASP A 753 28.85 9.56 55.09
N SER A 754 29.97 8.90 54.77
CA SER A 754 30.26 7.61 55.38
C SER A 754 30.74 7.74 56.82
N SER A 755 31.20 8.93 57.23
CA SER A 755 31.74 9.07 58.58
C SER A 755 30.66 8.88 59.63
N GLN A 756 29.53 9.58 59.47
CA GLN A 756 28.48 9.51 60.49
C GLN A 756 27.83 8.13 60.51
N TYR A 757 27.44 7.62 59.35
CA TYR A 757 26.77 6.32 59.25
C TYR A 757 27.81 5.27 58.89
N SER A 758 28.65 4.94 59.87
CA SER A 758 29.70 3.95 59.66
C SER A 758 29.15 2.54 59.61
N GLY A 759 28.19 2.22 60.48
CA GLY A 759 27.67 0.87 60.53
C GLY A 759 26.99 0.46 59.23
N TYR A 760 26.29 1.39 58.58
CA TYR A 760 25.55 1.08 57.37
C TYR A 760 26.47 1.05 56.17
N PRO A 761 26.06 0.39 55.09
CA PRO A 761 26.94 0.29 53.92
C PRO A 761 27.23 1.65 53.32
N ASP A 762 28.40 1.75 52.68
CA ASP A 762 28.80 2.99 52.02
C ASP A 762 28.12 3.06 50.66
N TYR A 763 27.11 3.93 50.54
CA TYR A 763 26.36 4.07 49.30
C TYR A 763 26.98 5.08 48.35
N SER A 764 28.00 5.82 48.77
CA SER A 764 28.67 6.78 47.90
C SER A 764 29.82 6.15 47.12
N ASP A 765 30.01 4.84 47.23
CA ASP A 765 31.12 4.16 46.57
C ASP A 765 30.67 3.66 45.20
N PRO A 766 31.31 4.06 44.10
CA PRO A 766 30.87 3.60 42.78
C PRO A 766 31.37 2.23 42.38
N SER A 767 32.27 1.62 43.16
CA SER A 767 32.84 0.33 42.77
C SER A 767 31.85 -0.81 42.89
N ASN A 768 30.68 -0.58 43.49
CA ASN A 768 29.65 -1.61 43.61
C ASN A 768 28.96 -1.76 42.27
N ILE A 769 29.48 -2.67 41.44
CA ILE A 769 28.94 -2.94 40.11
C ILE A 769 28.01 -4.15 40.19
N ARG A 770 26.91 -4.09 39.45
CA ARG A 770 25.95 -5.18 39.37
C ARG A 770 25.88 -5.67 37.93
N MET A 771 26.05 -6.97 37.73
CA MET A 771 26.08 -7.57 36.40
C MET A 771 24.98 -8.61 36.28
N SER A 772 24.58 -8.89 35.04
CA SER A 772 23.57 -9.90 34.78
C SER A 772 23.61 -10.27 33.31
N ALA A 773 23.72 -11.56 33.02
CA ALA A 773 23.75 -12.09 31.67
C ALA A 773 22.50 -12.93 31.42
N GLY A 774 22.10 -13.02 30.16
CA GLY A 774 20.92 -13.80 29.84
C GLY A 774 20.55 -13.75 28.37
N ILE A 775 19.31 -14.14 28.11
CA ILE A 775 18.77 -14.28 26.75
C ILE A 775 17.59 -13.31 26.61
N ALA A 776 17.31 -12.92 25.36
CA ALA A 776 16.21 -12.02 25.08
C ALA A 776 15.63 -12.34 23.71
N LEU A 777 14.30 -12.34 23.63
CA LEU A 777 13.60 -12.51 22.37
C LEU A 777 12.69 -11.32 22.14
N GLN A 778 12.50 -10.96 20.87
CA GLN A 778 11.68 -9.81 20.54
C GLN A 778 11.02 -10.02 19.18
N TRP A 779 9.77 -9.61 19.06
CA TRP A 779 9.09 -9.66 17.77
C TRP A 779 7.80 -8.84 17.88
N MET A 780 6.99 -8.90 16.83
CA MET A 780 5.72 -8.19 16.78
C MET A 780 4.58 -9.19 16.65
N SER A 781 3.66 -9.17 17.60
CA SER A 781 2.49 -10.03 17.59
C SER A 781 1.29 -9.14 17.29
N PRO A 782 0.12 -9.69 16.99
CA PRO A 782 -1.05 -8.81 16.75
C PRO A 782 -1.40 -7.94 17.94
N LEU A 783 -0.96 -8.29 19.15
CA LEU A 783 -1.19 -7.47 20.33
C LEU A 783 -0.19 -6.33 20.48
N GLY A 784 0.84 -6.28 19.63
CA GLY A 784 1.82 -5.22 19.70
C GLY A 784 3.23 -5.78 19.73
N PRO A 785 4.21 -4.93 20.01
CA PRO A 785 5.59 -5.42 20.12
C PRO A 785 5.81 -6.21 21.40
N LEU A 786 6.09 -7.50 21.27
CA LEU A 786 6.34 -8.37 22.41
C LEU A 786 7.84 -8.54 22.60
N VAL A 787 8.30 -8.37 23.83
CA VAL A 787 9.70 -8.63 24.17
C VAL A 787 9.73 -9.45 25.46
N PHE A 788 10.52 -10.51 25.46
CA PHE A 788 10.71 -11.36 26.63
C PHE A 788 12.20 -11.45 26.92
N SER A 789 12.54 -11.65 28.19
CA SER A 789 13.93 -11.66 28.60
C SER A 789 14.08 -12.54 29.84
N TYR A 790 15.14 -13.34 29.85
CA TYR A 790 15.47 -14.19 31.00
C TYR A 790 16.93 -13.92 31.36
N ALA A 791 17.15 -13.32 32.52
CA ALA A 791 18.49 -12.94 32.95
C ALA A 791 18.78 -13.54 34.31
N GLN A 792 20.05 -13.93 34.51
CA GLN A 792 20.50 -14.56 35.75
C GLN A 792 21.56 -13.67 36.39
N PRO A 793 21.18 -12.74 37.26
CA PRO A 793 22.18 -11.85 37.86
C PRO A 793 23.23 -12.63 38.64
N PHE A 794 24.48 -12.63 38.16
CA PHE A 794 25.55 -13.36 38.82
C PHE A 794 26.43 -12.47 39.68
N LYS A 795 26.03 -11.21 39.89
CA LYS A 795 26.78 -10.32 40.77
C LYS A 795 25.79 -9.29 41.32
N LYS A 796 25.31 -9.51 42.53
CA LYS A 796 24.41 -8.58 43.20
C LYS A 796 24.81 -8.45 44.65
N TYR A 797 24.51 -7.30 45.23
CA TYR A 797 24.87 -6.97 46.60
C TYR A 797 23.64 -7.01 47.50
N ASP A 798 23.89 -6.95 48.80
CA ASP A 798 22.83 -7.12 49.77
C ASP A 798 21.71 -6.11 49.52
N GLY A 799 20.48 -6.60 49.50
CA GLY A 799 19.33 -5.76 49.29
C GLY A 799 18.73 -5.89 47.91
N ASP A 800 19.58 -6.02 46.89
CA ASP A 800 19.09 -6.11 45.53
C ASP A 800 18.11 -7.26 45.38
N LYS A 801 17.01 -7.01 44.67
CA LYS A 801 15.97 -8.00 44.44
C LYS A 801 16.01 -8.43 42.99
N ALA A 802 16.25 -9.71 42.76
CA ALA A 802 16.38 -10.24 41.41
C ALA A 802 15.03 -10.67 40.86
N GLU A 803 14.90 -10.60 39.53
CA GLU A 803 13.67 -11.02 38.85
C GLU A 803 14.11 -11.59 37.50
N GLN A 804 14.15 -12.92 37.43
CA GLN A 804 14.74 -13.56 36.25
C GLN A 804 13.97 -13.24 34.99
N PHE A 805 12.65 -13.47 34.99
CA PHE A 805 11.84 -13.38 33.78
C PHE A 805 11.14 -12.04 33.74
N GLN A 806 11.36 -11.30 32.65
CA GLN A 806 10.73 -10.00 32.43
C GLN A 806 10.17 -9.97 31.02
N PHE A 807 9.13 -9.16 30.82
CA PHE A 807 8.53 -9.06 29.50
C PHE A 807 7.73 -7.78 29.38
N ASN A 808 7.58 -7.31 28.15
CA ASN A 808 6.74 -6.18 27.83
C ASN A 808 5.87 -6.52 26.63
N ILE A 809 4.61 -6.12 26.70
CA ILE A 809 3.61 -6.41 25.67
C ILE A 809 2.84 -5.14 25.37
N GLY A 810 2.71 -4.81 24.10
CA GLY A 810 1.76 -3.81 23.66
C GLY A 810 2.30 -2.41 23.51
N LYS A 811 3.40 -2.07 24.18
CA LYS A 811 3.99 -0.74 24.06
C LYS A 811 2.97 0.35 24.39
N THR A 812 2.51 0.33 25.65
CA THR A 812 1.51 1.28 26.15
C THR A 812 0.47 1.64 25.10
N ASN B 27 -16.75 -11.23 10.99
CA ASN B 27 -15.91 -12.19 10.29
C ASN B 27 -16.63 -13.53 10.11
N SER B 28 -17.00 -13.85 8.88
CA SER B 28 -17.69 -15.09 8.58
C SER B 28 -17.31 -15.53 7.17
N GLU B 29 -17.49 -16.83 6.93
CA GLU B 29 -17.17 -17.44 5.64
C GLU B 29 -18.34 -18.29 5.18
N GLU B 30 -18.62 -18.23 3.88
CA GLU B 30 -19.69 -19.02 3.27
C GLU B 30 -19.24 -19.50 1.90
N ASP B 31 -19.87 -20.57 1.44
CA ASP B 31 -19.55 -21.20 0.17
C ASP B 31 -20.68 -20.97 -0.83
N VAL B 32 -20.31 -20.75 -2.09
CA VAL B 32 -21.31 -20.52 -3.12
C VAL B 32 -22.22 -21.72 -3.26
N VAL B 33 -21.66 -22.92 -3.21
CA VAL B 33 -22.40 -24.17 -3.33
C VAL B 33 -22.29 -24.93 -2.02
N LYS B 34 -23.43 -25.29 -1.46
CA LYS B 34 -23.47 -25.96 -0.16
C LYS B 34 -23.08 -27.43 -0.32
N MET B 35 -22.19 -27.90 0.55
CA MET B 35 -21.76 -29.28 0.50
C MET B 35 -22.93 -30.21 0.77
N SER B 36 -23.08 -31.23 -0.07
CA SER B 36 -24.25 -32.09 0.02
C SER B 36 -24.24 -32.85 1.34
N PRO B 37 -25.42 -33.13 1.91
CA PRO B 37 -25.46 -33.89 3.17
C PRO B 37 -25.03 -35.33 2.96
N LEU B 38 -24.53 -35.93 4.04
CA LEU B 38 -24.07 -37.31 3.98
C LEU B 38 -25.27 -38.22 3.72
N PRO B 39 -25.28 -39.00 2.64
CA PRO B 39 -26.44 -39.85 2.37
C PRO B 39 -26.58 -40.96 3.40
N THR B 40 -27.81 -41.43 3.55
CA THR B 40 -28.13 -42.57 4.41
C THR B 40 -28.37 -43.79 3.54
N VAL B 41 -27.69 -44.89 3.87
CA VAL B 41 -27.77 -46.12 3.09
C VAL B 41 -27.72 -47.32 4.03
N GLU B 42 -28.31 -48.42 3.55
CA GLU B 42 -28.30 -49.69 4.26
C GLU B 42 -27.26 -50.60 3.63
N ASN B 43 -26.33 -51.11 4.44
CA ASN B 43 -25.20 -51.88 3.95
C ASN B 43 -25.66 -53.30 3.65
N GLN B 44 -25.69 -53.67 2.37
CA GLN B 44 -25.98 -55.06 2.01
C GLN B 44 -24.87 -55.99 2.46
N PHE B 45 -23.63 -55.51 2.47
CA PHE B 45 -22.49 -56.23 3.04
C PHE B 45 -21.73 -55.30 3.96
N THR B 46 -21.15 -55.87 5.01
CA THR B 46 -20.42 -55.08 6.00
C THR B 46 -18.95 -55.03 5.62
N PRO B 47 -18.41 -53.87 5.24
CA PRO B 47 -16.97 -53.78 4.95
C PRO B 47 -16.15 -53.70 6.23
N THR B 48 -14.85 -53.92 6.08
CA THR B 48 -13.93 -53.98 7.22
C THR B 48 -12.65 -53.25 6.84
N THR B 49 -11.62 -53.43 7.68
CA THR B 49 -10.31 -52.80 7.48
C THR B 49 -9.25 -53.81 7.90
N ALA B 50 -8.65 -54.49 6.92
CA ALA B 50 -7.70 -55.56 7.23
C ALA B 50 -6.52 -55.03 8.04
N TRP B 51 -5.96 -53.90 7.62
CA TRP B 51 -4.84 -53.30 8.33
C TRP B 51 -4.77 -51.82 7.96
N SER B 52 -4.08 -51.06 8.81
CA SER B 52 -3.94 -49.62 8.59
C SER B 52 -2.58 -49.19 9.13
N THR B 53 -1.60 -49.11 8.24
CA THR B 53 -0.28 -48.64 8.60
C THR B 53 -0.19 -47.13 8.41
N SER B 54 0.71 -46.51 9.16
CA SER B 54 0.85 -45.05 9.16
C SER B 54 2.13 -44.64 8.47
N VAL B 55 2.04 -43.70 7.54
CA VAL B 55 3.18 -43.08 6.89
C VAL B 55 3.26 -41.63 7.35
N GLY B 56 4.48 -41.13 7.46
CA GLY B 56 4.72 -39.84 8.09
C GLY B 56 4.00 -38.66 7.48
N SER B 57 2.99 -38.15 8.18
CA SER B 57 2.31 -36.89 7.90
C SER B 57 1.57 -36.86 6.58
N GLY B 58 1.56 -37.96 5.81
CA GLY B 58 0.84 -37.99 4.54
C GLY B 58 1.20 -36.83 3.64
N ILE B 59 0.31 -36.52 2.68
CA ILE B 59 0.54 -35.42 1.75
C ILE B 59 0.04 -34.12 2.36
N GLY B 60 -0.33 -34.15 3.62
CA GLY B 60 -0.79 -32.94 4.27
C GLY B 60 -2.03 -32.38 3.60
N ASN B 61 -2.11 -31.05 3.57
CA ASN B 61 -3.23 -30.34 2.98
C ASN B 61 -2.99 -29.98 1.51
N PHE B 62 -1.82 -30.28 0.97
CA PHE B 62 -1.48 -29.86 -0.38
C PHE B 62 -2.16 -30.77 -1.41
N TYR B 63 -2.14 -30.31 -2.65
CA TYR B 63 -2.71 -31.04 -3.77
C TYR B 63 -1.62 -31.87 -4.44
N SER B 64 -1.68 -33.19 -4.27
CA SER B 64 -0.66 -34.09 -4.78
C SER B 64 -1.31 -35.30 -5.41
N ASN B 65 -0.57 -35.94 -6.31
CA ASN B 65 -0.97 -37.19 -6.94
C ASN B 65 -0.36 -38.40 -6.25
N LEU B 66 0.14 -38.24 -5.03
CA LEU B 66 0.90 -39.29 -4.38
C LEU B 66 -0.04 -40.36 -3.82
N HIS B 67 0.22 -41.61 -4.16
CA HIS B 67 -0.65 -42.71 -3.75
C HIS B 67 0.17 -43.99 -3.74
N PRO B 68 -0.37 -45.07 -3.18
CA PRO B 68 0.38 -46.32 -3.10
C PRO B 68 0.38 -47.06 -4.43
N ALA B 69 1.09 -48.20 -4.45
CA ALA B 69 1.11 -49.07 -5.61
C ALA B 69 1.42 -50.48 -5.14
N LEU B 70 1.02 -51.46 -5.97
CA LEU B 70 1.16 -52.86 -5.62
C LEU B 70 1.99 -53.57 -6.69
N ALA B 71 2.86 -54.48 -6.25
CA ALA B 71 3.64 -55.29 -7.18
C ALA B 71 4.18 -56.49 -6.43
N ASP B 72 3.76 -57.69 -6.83
CA ASP B 72 4.27 -58.94 -6.26
C ASP B 72 4.09 -58.98 -4.74
N ASN B 73 2.86 -58.68 -4.29
CA ASN B 73 2.49 -58.82 -2.89
C ASN B 73 3.35 -57.95 -1.98
N VAL B 74 3.37 -56.66 -2.29
CA VAL B 74 4.00 -55.66 -1.43
C VAL B 74 3.51 -54.28 -1.86
N VAL B 75 3.36 -53.38 -0.89
CA VAL B 75 2.72 -52.09 -1.09
C VAL B 75 3.74 -51.01 -0.79
N TYR B 76 3.99 -50.13 -1.74
CA TYR B 76 4.90 -49.02 -1.55
C TYR B 76 4.10 -47.73 -1.34
N ALA B 77 4.47 -46.99 -0.30
CA ALA B 77 3.80 -45.74 0.04
C ALA B 77 4.84 -44.67 0.29
N ALA B 78 4.40 -43.41 0.24
CA ALA B 78 5.29 -42.29 0.44
C ALA B 78 4.50 -41.13 1.02
N ASP B 79 5.24 -40.11 1.49
CA ASP B 79 4.66 -38.92 2.07
C ASP B 79 5.35 -37.69 1.50
N ARG B 80 4.69 -36.54 1.62
CA ARG B 80 5.23 -35.32 1.06
C ARG B 80 6.56 -34.94 1.71
N ALA B 81 6.79 -35.36 2.96
CA ALA B 81 8.03 -35.01 3.63
C ALA B 81 9.23 -35.62 2.93
N GLY B 82 9.11 -36.86 2.47
CA GLY B 82 10.19 -37.53 1.78
C GLY B 82 10.30 -39.01 2.10
N LEU B 83 9.66 -39.43 3.18
CA LEU B 83 9.73 -40.81 3.61
C LEU B 83 9.10 -41.74 2.58
N VAL B 84 9.64 -42.95 2.45
CA VAL B 84 9.12 -43.98 1.57
C VAL B 84 9.15 -45.30 2.34
N LYS B 85 8.05 -46.04 2.28
CA LYS B 85 7.90 -47.25 3.06
C LYS B 85 7.40 -48.39 2.18
N ALA B 86 7.82 -49.61 2.52
CA ALA B 86 7.34 -50.82 1.88
C ALA B 86 6.67 -51.68 2.94
N LEU B 87 5.47 -52.15 2.64
CA LEU B 87 4.62 -52.84 3.60
C LEU B 87 4.13 -54.15 3.01
N ASN B 88 3.93 -55.14 3.88
CA ASN B 88 3.33 -56.40 3.43
C ASN B 88 1.85 -56.17 3.14
N ALA B 89 1.40 -56.67 1.99
CA ALA B 89 0.01 -56.46 1.59
C ALA B 89 -0.98 -57.28 2.41
N ASP B 90 -0.51 -58.23 3.19
CA ASP B 90 -1.39 -59.09 3.99
C ASP B 90 -1.42 -58.71 5.46
N ASP B 91 -0.27 -58.40 6.05
CA ASP B 91 -0.18 -58.13 7.48
C ASP B 91 0.19 -56.70 7.83
N GLY B 92 0.71 -55.93 6.87
CA GLY B 92 1.16 -54.59 7.16
C GLY B 92 2.57 -54.50 7.71
N LYS B 93 3.27 -55.63 7.82
CA LYS B 93 4.64 -55.61 8.32
C LYS B 93 5.54 -54.80 7.39
N GLU B 94 6.48 -54.09 7.99
CA GLU B 94 7.41 -53.24 7.24
C GLU B 94 8.57 -54.08 6.72
N ILE B 95 8.88 -53.93 5.44
CA ILE B 95 10.02 -54.61 4.84
C ILE B 95 11.24 -53.70 4.83
N TRP B 96 11.08 -52.46 4.39
CA TRP B 96 12.17 -51.48 4.45
C TRP B 96 11.58 -50.08 4.44
N SER B 97 12.40 -49.12 4.84
CA SER B 97 12.00 -47.72 4.87
C SER B 97 13.22 -46.87 4.51
N VAL B 98 12.97 -45.78 3.80
CA VAL B 98 14.06 -44.91 3.36
C VAL B 98 13.56 -43.47 3.33
N SER B 99 14.35 -42.56 3.89
CA SER B 99 14.02 -41.14 3.89
C SER B 99 14.81 -40.45 2.79
N LEU B 100 14.11 -39.75 1.91
CA LEU B 100 14.73 -39.10 0.76
C LEU B 100 14.99 -37.62 0.97
N ALA B 101 14.86 -37.13 2.20
CA ALA B 101 15.13 -35.75 2.53
C ALA B 101 16.60 -35.62 2.93
N GLU B 102 17.40 -35.00 2.07
CA GLU B 102 18.82 -34.86 2.37
C GLU B 102 19.01 -34.01 3.62
N LYS B 103 19.88 -34.48 4.51
CA LYS B 103 20.17 -33.80 5.77
C LYS B 103 21.61 -33.32 5.77
N ASP B 104 21.80 -32.02 6.01
CA ASP B 104 23.13 -31.43 6.09
C ASP B 104 23.58 -31.32 7.53
N GLY B 105 23.71 -32.48 8.17
CA GLY B 105 24.11 -32.55 9.56
C GLY B 105 23.04 -33.18 10.43
N TRP B 106 23.13 -32.95 11.74
CA TRP B 106 22.16 -33.50 12.69
C TRP B 106 20.96 -32.60 12.94
N PHE B 107 20.97 -31.38 12.38
CA PHE B 107 19.91 -30.41 12.64
C PHE B 107 19.12 -30.08 11.38
N SER B 108 19.77 -29.64 10.31
CA SER B 108 19.05 -29.22 9.11
C SER B 108 18.44 -30.43 8.40
N LYS B 109 17.23 -30.22 7.87
CA LYS B 109 16.53 -31.29 7.14
C LYS B 109 15.57 -30.62 6.16
N GLU B 110 15.98 -30.59 4.88
CA GLU B 110 15.18 -29.98 3.82
C GLU B 110 14.16 -30.98 3.27
N PRO B 111 12.88 -30.63 3.20
CA PRO B 111 11.90 -31.59 2.67
C PRO B 111 12.20 -31.97 1.23
N ALA B 112 11.85 -33.21 0.89
CA ALA B 112 12.02 -33.71 -0.46
C ALA B 112 10.85 -33.39 -1.38
N LEU B 113 9.68 -33.08 -0.82
CA LEU B 113 8.51 -32.69 -1.58
C LEU B 113 8.20 -33.70 -2.69
N LEU B 114 7.86 -34.91 -2.28
CA LEU B 114 7.45 -35.94 -3.22
C LEU B 114 6.02 -35.68 -3.68
N SER B 115 5.82 -35.59 -5.00
CA SER B 115 4.49 -35.34 -5.55
C SER B 115 4.16 -36.20 -6.75
N GLY B 116 5.06 -37.07 -7.20
CA GLY B 116 4.79 -37.97 -8.30
C GLY B 116 4.29 -39.31 -7.77
N GLY B 117 3.15 -39.75 -8.30
CA GLY B 117 2.55 -40.97 -7.83
C GLY B 117 3.52 -42.13 -7.86
N VAL B 118 3.55 -42.93 -6.80
CA VAL B 118 4.48 -44.05 -6.75
C VAL B 118 4.15 -45.03 -7.86
N THR B 119 5.15 -45.39 -8.64
CA THR B 119 5.02 -46.38 -9.70
C THR B 119 6.05 -47.47 -9.48
N VAL B 120 5.75 -48.67 -9.96
CA VAL B 120 6.64 -49.81 -9.81
C VAL B 120 6.65 -50.60 -11.11
N SER B 121 7.85 -50.94 -11.58
CA SER B 121 7.99 -51.75 -12.78
C SER B 121 9.41 -52.27 -12.91
N GLY B 122 9.57 -53.59 -13.04
CA GLY B 122 10.88 -54.17 -13.23
C GLY B 122 11.82 -53.93 -12.07
N GLY B 123 11.34 -54.13 -10.85
CA GLY B 123 12.17 -53.97 -9.68
C GLY B 123 12.65 -52.56 -9.46
N HIS B 124 11.74 -51.59 -9.58
CA HIS B 124 12.07 -50.19 -9.33
C HIS B 124 10.86 -49.50 -8.73
N VAL B 125 11.10 -48.34 -8.13
CA VAL B 125 10.06 -47.51 -7.55
C VAL B 125 10.35 -46.08 -7.99
N TYR B 126 9.61 -45.61 -8.99
CA TYR B 126 9.82 -44.28 -9.55
C TYR B 126 8.93 -43.28 -8.82
N ILE B 127 9.54 -42.24 -8.26
CA ILE B 127 8.82 -41.22 -7.50
C ILE B 127 9.23 -39.86 -8.03
N GLY B 128 8.24 -39.01 -8.30
CA GLY B 128 8.50 -37.66 -8.72
C GLY B 128 8.90 -36.77 -7.56
N SER B 129 8.85 -35.47 -7.80
CA SER B 129 9.16 -34.50 -6.76
C SER B 129 8.79 -33.11 -7.25
N GLU B 130 8.66 -32.18 -6.29
CA GLU B 130 8.39 -30.79 -6.60
C GLU B 130 9.65 -29.99 -6.87
N LYS B 131 10.84 -30.58 -6.67
CA LYS B 131 12.10 -29.94 -6.98
C LYS B 131 12.63 -30.37 -8.34
N ALA B 132 11.76 -30.86 -9.21
CA ALA B 132 12.14 -31.30 -10.55
C ALA B 132 13.14 -32.46 -10.48
N GLN B 133 12.92 -33.36 -9.55
CA GLN B 133 13.75 -34.55 -9.40
C GLN B 133 12.89 -35.79 -9.54
N VAL B 134 13.47 -36.83 -10.12
CA VAL B 134 12.83 -38.14 -10.26
C VAL B 134 13.76 -39.17 -9.64
N TYR B 135 13.28 -39.85 -8.60
CA TYR B 135 14.04 -40.88 -7.90
C TYR B 135 13.58 -42.24 -8.40
N ALA B 136 14.52 -43.19 -8.44
CA ALA B 136 14.20 -44.58 -8.79
C ALA B 136 14.78 -45.48 -7.71
N LEU B 137 14.01 -45.69 -6.65
CA LEU B 137 14.46 -46.55 -5.57
C LEU B 137 14.44 -48.02 -6.01
N ASN B 138 15.19 -48.84 -5.28
CA ASN B 138 15.23 -50.27 -5.53
C ASN B 138 14.17 -50.98 -4.72
N THR B 139 13.44 -51.89 -5.35
CA THR B 139 12.44 -52.68 -4.64
C THR B 139 13.05 -53.66 -3.66
N SER B 140 14.36 -53.89 -3.72
CA SER B 140 15.00 -54.88 -2.86
C SER B 140 15.29 -54.31 -1.47
N ASP B 141 16.10 -53.25 -1.41
CA ASP B 141 16.52 -52.69 -0.13
C ASP B 141 16.36 -51.18 -0.03
N GLY B 142 15.72 -50.53 -1.01
CA GLY B 142 15.42 -49.12 -0.91
C GLY B 142 16.57 -48.19 -1.25
N THR B 143 17.67 -48.69 -1.78
CA THR B 143 18.78 -47.83 -2.18
C THR B 143 18.49 -47.17 -3.52
N VAL B 144 18.84 -45.90 -3.62
CA VAL B 144 18.56 -45.12 -4.82
C VAL B 144 19.34 -45.70 -6.00
N ALA B 145 18.63 -46.28 -6.97
CA ALA B 145 19.28 -46.78 -8.17
C ALA B 145 19.75 -45.63 -9.05
N TRP B 146 18.89 -44.62 -9.25
CA TRP B 146 19.32 -43.41 -9.94
C TRP B 146 18.39 -42.27 -9.55
N GLN B 147 18.86 -41.06 -9.82
CA GLN B 147 18.10 -39.85 -9.52
C GLN B 147 18.42 -38.83 -10.59
N THR B 148 17.39 -38.26 -11.20
CA THR B 148 17.56 -37.41 -12.37
C THR B 148 16.89 -36.06 -12.14
N LYS B 149 17.43 -35.05 -12.81
CA LYS B 149 16.89 -33.69 -12.79
C LYS B 149 16.10 -33.46 -14.08
N VAL B 150 14.86 -33.01 -13.93
CA VAL B 150 13.99 -32.78 -15.08
C VAL B 150 13.71 -31.28 -15.20
N ALA B 151 12.99 -30.89 -16.26
CA ALA B 151 12.82 -29.47 -16.55
C ALA B 151 12.10 -28.74 -15.43
N GLY B 152 11.02 -29.32 -14.91
CA GLY B 152 10.22 -28.66 -13.91
C GLY B 152 9.67 -29.59 -12.85
N GLU B 153 8.68 -29.12 -12.11
CA GLU B 153 8.09 -29.92 -11.03
C GLU B 153 7.41 -31.15 -11.60
N ALA B 154 8.00 -32.33 -11.38
CA ALA B 154 7.47 -33.58 -11.93
C ALA B 154 6.23 -33.97 -11.14
N LEU B 155 5.10 -33.36 -11.50
CA LEU B 155 3.85 -33.53 -10.78
C LEU B 155 3.05 -34.75 -11.20
N SER B 156 3.36 -35.35 -12.35
CA SER B 156 2.55 -36.41 -12.90
C SER B 156 3.05 -37.78 -12.48
N ARG B 157 2.22 -38.78 -12.69
CA ARG B 157 2.61 -40.16 -12.41
C ARG B 157 3.72 -40.56 -13.36
N PRO B 158 4.83 -41.13 -12.87
CA PRO B 158 5.89 -41.55 -13.78
C PRO B 158 5.53 -42.79 -14.57
N VAL B 159 4.85 -42.62 -15.71
CA VAL B 159 4.44 -43.78 -16.49
C VAL B 159 5.67 -44.55 -16.93
N VAL B 160 5.52 -45.86 -17.13
CA VAL B 160 6.63 -46.72 -17.54
C VAL B 160 6.16 -47.57 -18.71
N SER B 161 6.94 -47.58 -19.78
CA SER B 161 6.60 -48.42 -20.92
C SER B 161 7.74 -48.40 -21.93
N ASP B 162 7.90 -49.52 -22.62
CA ASP B 162 8.93 -49.66 -23.67
C ASP B 162 10.30 -49.28 -23.14
N GLY B 163 10.60 -49.69 -21.91
CA GLY B 163 11.88 -49.39 -21.31
C GLY B 163 12.16 -47.91 -21.17
N LEU B 164 11.12 -47.09 -21.02
CA LEU B 164 11.26 -45.67 -20.82
C LEU B 164 10.33 -45.23 -19.69
N VAL B 165 10.71 -44.15 -19.02
CA VAL B 165 9.92 -43.55 -17.94
C VAL B 165 9.45 -42.20 -18.44
N LEU B 166 8.16 -42.07 -18.67
CA LEU B 166 7.57 -40.81 -19.14
C LEU B 166 7.14 -39.97 -17.95
N ILE B 167 7.65 -38.74 -17.89
CA ILE B 167 7.33 -37.77 -16.86
C ILE B 167 6.68 -36.57 -17.54
N HIS B 168 5.65 -36.02 -16.92
CA HIS B 168 4.98 -34.82 -17.41
C HIS B 168 5.19 -33.73 -16.37
N THR B 169 6.16 -32.85 -16.63
CA THR B 169 6.52 -31.81 -15.68
C THR B 169 5.42 -30.75 -15.60
N SER B 170 5.67 -29.73 -14.81
CA SER B 170 4.72 -28.63 -14.63
C SER B 170 4.94 -27.50 -15.61
N ASN B 171 5.92 -27.61 -16.50
CA ASN B 171 6.15 -26.64 -17.56
C ASN B 171 5.51 -27.05 -18.87
N GLY B 172 4.74 -28.13 -18.88
CA GLY B 172 4.22 -28.68 -20.12
C GLY B 172 5.20 -29.53 -20.88
N GLN B 173 6.39 -29.77 -20.35
CA GLN B 173 7.43 -30.52 -21.05
C GLN B 173 7.31 -32.00 -20.68
N LEU B 174 6.98 -32.82 -21.68
CA LEU B 174 6.94 -34.27 -21.50
C LEU B 174 8.32 -34.83 -21.80
N GLN B 175 8.94 -35.45 -20.79
CA GLN B 175 10.29 -35.98 -20.92
C GLN B 175 10.26 -37.50 -20.79
N ALA B 176 11.24 -38.16 -21.41
CA ALA B 176 11.32 -39.61 -21.37
C ALA B 176 12.71 -40.02 -20.86
N LEU B 177 12.80 -40.30 -19.56
CA LEU B 177 14.04 -40.78 -18.97
C LEU B 177 14.24 -42.26 -19.28
N ASN B 178 15.48 -42.71 -19.14
CA ASN B 178 15.81 -44.12 -19.34
C ASN B 178 15.69 -44.88 -18.04
N GLU B 179 15.15 -46.09 -18.12
CA GLU B 179 14.97 -46.91 -16.92
C GLU B 179 16.31 -47.26 -16.28
N ALA B 180 17.29 -47.62 -17.10
CA ALA B 180 18.56 -48.12 -16.57
C ALA B 180 19.49 -46.97 -16.17
N ASP B 181 19.76 -46.05 -17.10
CA ASP B 181 20.73 -44.99 -16.85
C ASP B 181 20.14 -43.84 -16.05
N GLY B 182 19.02 -43.28 -16.51
CA GLY B 182 18.41 -42.14 -15.87
C GLY B 182 18.67 -40.82 -16.55
N ALA B 183 19.09 -40.83 -17.82
CA ALA B 183 19.36 -39.61 -18.57
C ALA B 183 18.22 -39.32 -19.52
N VAL B 184 17.85 -38.04 -19.62
CA VAL B 184 16.73 -37.65 -20.47
C VAL B 184 17.00 -38.09 -21.89
N LYS B 185 16.17 -38.99 -22.42
CA LYS B 185 16.34 -39.47 -23.78
C LYS B 185 15.75 -38.49 -24.80
N TRP B 186 14.55 -37.98 -24.53
CA TRP B 186 13.97 -36.98 -25.41
C TRP B 186 12.96 -36.14 -24.62
N THR B 187 12.67 -34.97 -25.18
CA THR B 187 11.76 -34.01 -24.59
C THR B 187 10.84 -33.48 -25.66
N VAL B 188 9.59 -33.21 -25.28
CA VAL B 188 8.59 -32.61 -26.15
C VAL B 188 7.92 -31.47 -25.41
N ASN B 189 7.82 -30.31 -26.05
CA ASN B 189 7.26 -29.14 -25.42
C ASN B 189 5.77 -29.03 -25.74
N LEU B 190 4.95 -28.91 -24.70
CA LEU B 190 3.52 -28.66 -24.84
C LEU B 190 3.23 -27.27 -24.28
N ASP B 191 2.43 -26.50 -25.01
CA ASP B 191 2.16 -25.13 -24.62
C ASP B 191 1.43 -25.09 -23.27
N MET B 192 1.66 -24.01 -22.53
CA MET B 192 1.06 -23.81 -21.23
C MET B 192 0.31 -22.48 -21.19
N PRO B 193 -0.85 -22.43 -20.55
CA PRO B 193 -1.60 -21.17 -20.44
C PRO B 193 -1.14 -20.35 -19.24
N SER B 194 -1.76 -19.17 -19.10
CA SER B 194 -1.43 -18.30 -17.98
C SER B 194 -1.89 -18.88 -16.66
N LEU B 195 -3.14 -19.34 -16.59
CA LEU B 195 -3.71 -19.93 -15.38
C LEU B 195 -4.18 -21.35 -15.71
N SER B 196 -3.81 -22.30 -14.86
CA SER B 196 -4.12 -23.70 -15.09
C SER B 196 -4.50 -24.34 -13.75
N LEU B 197 -4.86 -25.61 -13.81
CA LEU B 197 -5.22 -26.37 -12.62
C LEU B 197 -4.04 -27.21 -12.16
N ARG B 198 -3.75 -27.17 -10.86
CA ARG B 198 -2.63 -27.91 -10.31
C ARG B 198 -2.77 -29.39 -10.64
N GLY B 199 -1.67 -30.01 -11.04
CA GLY B 199 -1.67 -31.40 -11.45
C GLY B 199 -1.31 -31.56 -12.91
N GLU B 200 -0.87 -32.74 -13.31
CA GLU B 200 -0.46 -32.99 -14.69
C GLU B 200 -1.00 -34.33 -15.14
N SER B 201 -1.12 -34.48 -16.45
CA SER B 201 -1.67 -35.70 -17.04
C SER B 201 -0.58 -36.74 -17.24
N ALA B 202 -0.90 -37.98 -16.90
CA ALA B 202 0.02 -39.09 -17.07
C ALA B 202 -0.23 -39.76 -18.41
N PRO B 203 0.72 -39.75 -19.34
CA PRO B 203 0.45 -40.33 -20.65
C PRO B 203 0.16 -41.83 -20.57
N THR B 204 -0.72 -42.29 -21.44
CA THR B 204 -0.96 -43.72 -21.64
C THR B 204 -0.37 -44.11 -22.99
N THR B 205 0.40 -45.19 -23.01
CA THR B 205 1.12 -45.61 -24.19
C THR B 205 0.40 -46.76 -24.86
N ALA B 206 0.23 -46.67 -26.17
CA ALA B 206 -0.45 -47.70 -26.95
C ALA B 206 0.15 -47.75 -28.34
N PHE B 207 0.54 -48.96 -28.76
CA PHE B 207 1.08 -49.18 -30.12
C PHE B 207 2.26 -48.26 -30.40
N GLY B 208 3.17 -48.18 -29.45
CA GLY B 208 4.39 -47.40 -29.64
C GLY B 208 4.14 -45.92 -29.82
N ALA B 209 3.17 -45.37 -29.10
CA ALA B 209 2.88 -43.95 -29.14
C ALA B 209 2.25 -43.53 -27.82
N ALA B 210 2.68 -42.39 -27.29
CA ALA B 210 2.19 -41.90 -26.02
C ALA B 210 1.22 -40.76 -26.27
N VAL B 211 0.00 -40.89 -25.78
CA VAL B 211 -1.03 -39.86 -25.90
C VAL B 211 -1.14 -39.16 -24.56
N VAL B 212 -0.96 -37.84 -24.57
CA VAL B 212 -0.90 -37.04 -23.35
C VAL B 212 -1.74 -35.79 -23.53
N GLY B 213 -2.40 -35.38 -22.46
CA GLY B 213 -3.22 -34.18 -22.50
C GLY B 213 -2.64 -33.05 -21.67
N GLY B 214 -2.24 -31.95 -22.32
CA GLY B 214 -1.67 -30.84 -21.61
C GLY B 214 -2.72 -29.98 -20.92
N ASP B 215 -2.23 -29.00 -20.16
CA ASP B 215 -3.11 -28.04 -19.50
C ASP B 215 -3.62 -26.97 -20.44
N ASN B 216 -3.47 -27.14 -21.75
CA ASN B 216 -3.98 -26.21 -22.74
C ASN B 216 -5.20 -26.74 -23.47
N GLY B 217 -5.75 -27.88 -23.04
CA GLY B 217 -6.90 -28.46 -23.70
C GLY B 217 -6.60 -29.24 -24.95
N ARG B 218 -5.34 -29.58 -25.20
CA ARG B 218 -4.94 -30.30 -26.40
C ARG B 218 -4.50 -31.71 -26.03
N VAL B 219 -5.14 -32.70 -26.65
CA VAL B 219 -4.69 -34.08 -26.57
C VAL B 219 -3.73 -34.32 -27.72
N SER B 220 -2.50 -34.71 -27.39
CA SER B 220 -1.44 -34.83 -28.39
C SER B 220 -0.80 -36.20 -28.31
N ALA B 221 -0.51 -36.79 -29.47
CA ALA B 221 0.16 -38.07 -29.55
C ALA B 221 1.59 -37.85 -30.01
N VAL B 222 2.53 -38.54 -29.37
CA VAL B 222 3.95 -38.39 -29.65
C VAL B 222 4.57 -39.78 -29.82
N LEU B 223 5.39 -39.93 -30.86
CA LEU B 223 6.15 -41.16 -31.04
C LEU B 223 7.21 -41.29 -29.97
N MET B 224 7.40 -42.52 -29.49
CA MET B 224 8.37 -42.76 -28.42
C MET B 224 9.81 -42.74 -28.93
N GLU B 225 10.04 -43.10 -30.19
CA GLU B 225 11.40 -43.23 -30.69
C GLU B 225 12.16 -41.91 -30.60
N GLN B 226 11.53 -40.82 -31.02
CA GLN B 226 12.18 -39.52 -31.01
C GLN B 226 11.36 -38.45 -30.31
N GLY B 227 10.04 -38.48 -30.44
CA GLY B 227 9.19 -37.43 -29.88
C GLY B 227 8.53 -36.59 -30.95
N GLN B 228 8.29 -37.18 -32.12
CA GLN B 228 7.64 -36.47 -33.21
C GLN B 228 6.14 -36.42 -32.98
N MET B 229 5.58 -35.21 -33.03
CA MET B 229 4.16 -35.01 -32.74
C MET B 229 3.34 -35.59 -33.89
N ILE B 230 2.73 -36.76 -33.65
CA ILE B 230 1.91 -37.38 -34.68
C ILE B 230 0.69 -36.52 -34.98
N TRP B 231 -0.03 -36.09 -33.95
CA TRP B 231 -1.20 -35.25 -34.13
C TRP B 231 -1.54 -34.60 -32.80
N GLN B 232 -2.38 -33.57 -32.86
CA GLN B 232 -2.80 -32.83 -31.70
C GLN B 232 -4.20 -32.26 -31.96
N GLN B 233 -5.13 -32.52 -31.06
CA GLN B 233 -6.52 -32.14 -31.22
C GLN B 233 -7.01 -31.37 -30.01
N ARG B 234 -7.74 -30.28 -30.26
CA ARG B 234 -8.36 -29.53 -29.17
C ARG B 234 -9.69 -30.16 -28.80
N ILE B 235 -9.89 -30.44 -27.52
CA ILE B 235 -11.12 -31.03 -27.04
C ILE B 235 -11.68 -30.21 -25.89
N SER B 236 -11.37 -28.91 -25.89
CA SER B 236 -11.82 -28.00 -24.85
C SER B 236 -13.16 -27.38 -25.25
N GLN B 237 -13.61 -26.39 -24.49
CA GLN B 237 -14.86 -25.70 -24.79
C GLN B 237 -14.84 -24.30 -24.19
N ARG B 246 -11.83 -15.94 -18.38
CA ARG B 246 -10.78 -16.83 -17.91
C ARG B 246 -11.31 -18.25 -17.72
N LEU B 247 -11.33 -19.02 -18.79
CA LEU B 247 -11.77 -20.41 -18.76
C LEU B 247 -10.59 -21.33 -19.02
N SER B 248 -10.35 -22.26 -18.10
CA SER B 248 -9.21 -23.16 -18.13
C SER B 248 -9.69 -24.57 -18.45
N ASP B 249 -8.74 -25.51 -18.43
CA ASP B 249 -9.06 -26.92 -18.70
C ASP B 249 -7.81 -27.76 -18.49
N VAL B 250 -8.05 -29.06 -18.31
CA VAL B 250 -6.99 -30.05 -18.11
C VAL B 250 -7.57 -31.39 -18.51
N ASP B 251 -6.70 -32.32 -18.92
CA ASP B 251 -7.14 -33.61 -19.44
C ASP B 251 -7.00 -34.75 -18.44
N THR B 252 -5.83 -34.91 -17.83
CA THR B 252 -5.62 -35.90 -16.78
C THR B 252 -5.85 -37.33 -17.30
N THR B 253 -4.90 -37.78 -18.11
CA THR B 253 -4.77 -39.20 -18.46
C THR B 253 -5.89 -39.75 -19.34
N PRO B 254 -5.96 -39.37 -20.61
CA PRO B 254 -6.89 -40.03 -21.53
C PRO B 254 -6.58 -41.52 -21.63
N VAL B 255 -7.63 -42.32 -21.80
CA VAL B 255 -7.52 -43.77 -21.84
C VAL B 255 -7.66 -44.24 -23.28
N VAL B 256 -7.19 -45.46 -23.54
CA VAL B 256 -7.19 -46.04 -24.88
C VAL B 256 -7.88 -47.39 -24.83
N VAL B 257 -8.75 -47.65 -25.81
CA VAL B 257 -9.40 -48.96 -25.93
C VAL B 257 -9.70 -49.22 -27.40
N ASN B 258 -9.22 -50.34 -27.91
CA ASN B 258 -9.57 -50.81 -29.26
C ASN B 258 -9.41 -49.70 -30.29
N GLY B 259 -8.32 -48.95 -30.17
CA GLY B 259 -7.99 -47.95 -31.17
C GLY B 259 -8.78 -46.66 -31.08
N VAL B 260 -9.45 -46.40 -29.95
CA VAL B 260 -10.11 -45.12 -29.71
C VAL B 260 -9.63 -44.57 -28.38
N VAL B 261 -9.39 -43.26 -28.35
CA VAL B 261 -8.86 -42.56 -27.18
C VAL B 261 -9.99 -41.76 -26.58
N PHE B 262 -10.36 -42.08 -25.33
CA PHE B 262 -11.34 -41.30 -24.60
C PHE B 262 -10.60 -40.27 -23.76
N ALA B 263 -10.94 -39.00 -23.98
CA ALA B 263 -10.28 -37.89 -23.30
C ALA B 263 -11.32 -36.96 -22.70
N LEU B 264 -11.16 -36.63 -21.43
CA LEU B 264 -12.12 -35.83 -20.68
C LEU B 264 -11.41 -34.58 -20.17
N ALA B 265 -11.79 -33.43 -20.70
CA ALA B 265 -11.13 -32.16 -20.39
C ALA B 265 -11.94 -31.37 -19.38
N TYR B 266 -11.26 -30.82 -18.38
CA TYR B 266 -11.94 -30.08 -17.33
C TYR B 266 -12.74 -28.93 -17.93
N ASN B 267 -13.98 -28.78 -17.46
CA ASN B 267 -14.88 -27.73 -17.94
C ASN B 267 -14.99 -27.74 -19.46
N GLY B 268 -14.71 -28.88 -20.07
CA GLY B 268 -14.76 -29.00 -21.52
C GLY B 268 -15.82 -29.98 -21.95
N ASN B 269 -15.41 -31.05 -22.64
CA ASN B 269 -16.36 -32.06 -23.09
C ASN B 269 -15.62 -33.36 -23.31
N LEU B 270 -16.14 -34.44 -22.72
CA LEU B 270 -15.61 -35.77 -23.01
C LEU B 270 -15.69 -36.04 -24.50
N THR B 271 -14.62 -36.61 -25.05
CA THR B 271 -14.56 -36.88 -26.48
C THR B 271 -13.94 -38.24 -26.73
N ALA B 272 -14.33 -38.84 -27.86
CA ALA B 272 -13.69 -40.04 -28.37
C ALA B 272 -12.96 -39.67 -29.65
N LEU B 273 -11.66 -39.91 -29.69
CA LEU B 273 -10.81 -39.57 -30.81
C LEU B 273 -10.27 -40.84 -31.45
N ASP B 274 -10.02 -40.79 -32.76
CA ASP B 274 -9.41 -41.92 -33.45
C ASP B 274 -7.92 -41.94 -33.13
N LEU B 275 -7.41 -43.11 -32.75
CA LEU B 275 -6.03 -43.20 -32.30
C LEU B 275 -5.06 -42.83 -33.42
N ARG B 276 -5.47 -43.01 -34.68
CA ARG B 276 -4.59 -42.77 -35.82
C ARG B 276 -4.76 -41.39 -36.42
N SER B 277 -6.00 -40.94 -36.64
CA SER B 277 -6.26 -39.68 -37.33
C SER B 277 -6.55 -38.53 -36.37
N GLY B 278 -7.15 -38.80 -35.22
CA GLY B 278 -7.54 -37.75 -34.30
C GLY B 278 -8.87 -37.10 -34.60
N GLN B 279 -9.62 -37.61 -35.57
CA GLN B 279 -10.93 -37.06 -35.86
C GLN B 279 -11.88 -37.37 -34.72
N ILE B 280 -12.63 -36.36 -34.27
CA ILE B 280 -13.56 -36.55 -33.16
C ILE B 280 -14.68 -37.46 -33.61
N MET B 281 -14.85 -38.59 -32.92
CA MET B 281 -15.93 -39.51 -33.25
C MET B 281 -17.23 -39.09 -32.59
N TRP B 282 -17.19 -38.79 -31.30
CA TRP B 282 -18.35 -38.28 -30.60
C TRP B 282 -17.89 -37.46 -29.40
N LYS B 283 -18.78 -36.60 -28.92
CA LYS B 283 -18.48 -35.67 -27.84
C LYS B 283 -19.69 -35.50 -26.95
N ARG B 284 -19.44 -35.02 -25.73
CA ARG B 284 -20.50 -34.74 -24.78
C ARG B 284 -20.02 -33.67 -23.81
N GLU B 285 -20.92 -32.75 -23.47
CA GLU B 285 -20.56 -31.59 -22.64
C GLU B 285 -20.55 -31.99 -21.18
N LEU B 286 -19.37 -32.31 -20.67
CA LEU B 286 -19.17 -32.62 -19.26
C LEU B 286 -17.67 -32.63 -18.99
N GLY B 287 -17.27 -32.01 -17.90
CA GLY B 287 -15.85 -31.81 -17.62
C GLY B 287 -15.50 -32.20 -16.21
N SER B 288 -14.28 -32.73 -16.06
CA SER B 288 -13.78 -33.17 -14.77
C SER B 288 -12.26 -33.28 -14.86
N VAL B 289 -11.63 -33.38 -13.69
CA VAL B 289 -10.19 -33.54 -13.59
C VAL B 289 -9.82 -34.95 -13.12
N ASN B 290 -10.53 -35.47 -12.13
CA ASN B 290 -10.24 -36.81 -11.64
C ASN B 290 -10.55 -37.85 -12.70
N ASP B 291 -9.82 -38.95 -12.66
CA ASP B 291 -9.83 -39.94 -13.74
C ASP B 291 -11.19 -40.60 -13.87
N PHE B 292 -11.34 -41.46 -14.89
CA PHE B 292 -12.53 -42.27 -15.07
C PHE B 292 -12.11 -43.69 -15.40
N ILE B 293 -13.06 -44.56 -15.74
CA ILE B 293 -12.76 -45.94 -16.07
C ILE B 293 -13.70 -46.41 -17.17
N VAL B 294 -13.24 -47.38 -17.95
CA VAL B 294 -14.02 -47.95 -19.04
C VAL B 294 -14.03 -49.47 -18.86
N ASP B 295 -15.21 -50.06 -18.94
CA ASP B 295 -15.35 -51.51 -18.79
C ASP B 295 -16.46 -52.00 -19.71
N GLY B 296 -16.16 -53.05 -20.47
CA GLY B 296 -17.13 -53.60 -21.40
C GLY B 296 -17.62 -52.56 -22.39
N ASN B 297 -18.86 -52.14 -22.23
CA ASN B 297 -19.47 -51.11 -23.09
C ASN B 297 -20.00 -49.96 -22.25
N ARG B 298 -19.27 -49.62 -21.17
CA ARG B 298 -19.68 -48.56 -20.26
C ARG B 298 -18.46 -47.75 -19.86
N ILE B 299 -18.70 -46.47 -19.58
CA ILE B 299 -17.66 -45.53 -19.18
C ILE B 299 -18.16 -44.87 -17.89
N TYR B 300 -17.60 -45.27 -16.75
CA TYR B 300 -17.96 -44.68 -15.48
C TYR B 300 -17.01 -43.52 -15.19
N LEU B 301 -17.58 -42.34 -14.94
CA LEU B 301 -16.77 -41.16 -14.68
C LEU B 301 -17.40 -40.36 -13.55
N VAL B 302 -16.64 -39.41 -13.03
CA VAL B 302 -17.05 -38.54 -11.93
C VAL B 302 -16.96 -37.11 -12.43
N ASP B 303 -18.11 -36.51 -12.72
CA ASP B 303 -18.15 -35.12 -13.18
C ASP B 303 -17.48 -34.21 -12.15
N GLN B 304 -17.12 -33.00 -12.60
CA GLN B 304 -16.45 -32.06 -11.71
C GLN B 304 -17.35 -31.66 -10.55
N ASN B 305 -18.66 -31.64 -10.75
CA ASN B 305 -19.61 -31.36 -9.68
C ASN B 305 -19.91 -32.57 -8.82
N ASP B 306 -19.09 -33.62 -8.90
CA ASP B 306 -19.25 -34.82 -8.09
C ASP B 306 -20.58 -35.52 -8.41
N ARG B 307 -20.75 -35.83 -9.70
CA ARG B 307 -21.90 -36.59 -10.18
C ARG B 307 -21.36 -37.84 -10.87
N VAL B 308 -21.49 -38.99 -10.20
CA VAL B 308 -20.96 -40.24 -10.71
C VAL B 308 -21.90 -40.74 -11.80
N MET B 309 -21.46 -40.65 -13.05
CA MET B 309 -22.30 -41.01 -14.19
C MET B 309 -21.68 -42.18 -14.94
N ALA B 310 -22.51 -42.85 -15.75
CA ALA B 310 -22.11 -43.99 -16.55
C ALA B 310 -22.62 -43.79 -17.97
N LEU B 311 -21.71 -43.48 -18.88
CA LEU B 311 -22.03 -43.25 -20.28
C LEU B 311 -21.79 -44.52 -21.10
N THR B 312 -22.18 -44.47 -22.37
CA THR B 312 -22.00 -45.57 -23.30
C THR B 312 -20.94 -45.22 -24.33
N ILE B 313 -20.11 -46.21 -24.66
CA ILE B 313 -19.01 -45.97 -25.60
C ILE B 313 -19.55 -45.58 -26.97
N ASP B 314 -20.61 -46.25 -27.42
CA ASP B 314 -21.09 -46.06 -28.78
C ASP B 314 -21.44 -44.60 -29.06
N GLY B 315 -22.24 -43.99 -28.18
CA GLY B 315 -22.71 -42.64 -28.42
C GLY B 315 -22.69 -41.75 -27.19
N GLY B 316 -22.31 -42.30 -26.04
CA GLY B 316 -22.29 -41.51 -24.83
C GLY B 316 -23.65 -41.23 -24.24
N VAL B 317 -24.64 -42.06 -24.54
CA VAL B 317 -25.97 -41.88 -23.96
C VAL B 317 -25.96 -42.40 -22.52
N THR B 318 -26.33 -41.54 -21.58
CA THR B 318 -26.21 -41.87 -20.18
C THR B 318 -27.10 -43.05 -19.82
N LEU B 319 -26.61 -43.89 -18.90
CA LEU B 319 -27.38 -44.99 -18.34
C LEU B 319 -27.99 -44.65 -16.99
N TRP B 320 -27.22 -44.03 -16.10
CA TRP B 320 -27.73 -43.62 -14.80
C TRP B 320 -26.84 -42.51 -14.26
N THR B 321 -27.34 -41.85 -13.23
CA THR B 321 -26.61 -40.77 -12.57
C THR B 321 -26.86 -40.84 -11.08
N GLN B 322 -25.83 -40.53 -10.30
CA GLN B 322 -25.89 -40.52 -8.84
C GLN B 322 -25.41 -39.15 -8.38
N SER B 323 -26.33 -38.20 -8.34
CA SER B 323 -26.03 -36.82 -7.97
C SER B 323 -26.21 -36.55 -6.48
N ASP B 324 -26.20 -37.60 -5.65
CA ASP B 324 -26.46 -37.43 -4.23
C ASP B 324 -25.23 -36.96 -3.47
N LEU B 325 -24.05 -36.98 -4.09
CA LEU B 325 -22.81 -36.56 -3.44
C LEU B 325 -22.32 -35.22 -4.00
N LEU B 326 -23.25 -34.35 -4.40
CA LEU B 326 -22.86 -33.10 -5.04
C LEU B 326 -21.92 -32.30 -4.16
N HIS B 327 -20.84 -31.79 -4.76
CA HIS B 327 -19.90 -30.91 -4.08
C HIS B 327 -19.35 -31.52 -2.81
N ARG B 328 -19.01 -32.81 -2.87
CA ARG B 328 -18.36 -33.49 -1.75
C ARG B 328 -16.87 -33.69 -1.97
N LEU B 329 -16.33 -33.26 -3.11
CA LEU B 329 -14.91 -33.40 -3.40
C LEU B 329 -14.49 -34.87 -3.40
N LEU B 330 -15.12 -35.64 -4.27
CA LEU B 330 -14.85 -37.06 -4.35
C LEU B 330 -13.44 -37.30 -4.90
N THR B 331 -13.07 -38.57 -4.99
CA THR B 331 -11.81 -39.01 -5.56
C THR B 331 -12.08 -39.83 -6.82
N SER B 332 -11.01 -40.24 -7.48
CA SER B 332 -11.15 -41.03 -8.69
C SER B 332 -11.79 -42.38 -8.34
N PRO B 333 -12.85 -42.78 -9.03
CA PRO B 333 -13.50 -44.06 -8.70
C PRO B 333 -12.60 -45.24 -9.01
N VAL B 334 -12.80 -46.32 -8.26
CA VAL B 334 -12.11 -47.58 -8.54
C VAL B 334 -13.14 -48.69 -8.63
N LEU B 335 -13.03 -49.52 -9.66
CA LEU B 335 -13.97 -50.62 -9.88
C LEU B 335 -13.48 -51.82 -9.09
N TYR B 336 -14.01 -52.00 -7.88
CA TYR B 336 -13.65 -53.11 -7.00
C TYR B 336 -14.84 -54.04 -6.89
N ASN B 337 -14.63 -55.31 -7.24
CA ASN B 337 -15.67 -56.33 -7.13
C ASN B 337 -16.96 -55.89 -7.82
N GLY B 338 -16.81 -55.25 -8.98
CA GLY B 338 -17.97 -54.82 -9.74
C GLY B 338 -18.75 -53.67 -9.15
N ASN B 339 -18.13 -52.90 -8.26
CA ASN B 339 -18.78 -51.73 -7.66
C ASN B 339 -17.79 -50.58 -7.65
N LEU B 340 -18.30 -49.36 -7.85
CA LEU B 340 -17.45 -48.18 -7.80
C LEU B 340 -17.23 -47.77 -6.35
N VAL B 341 -15.97 -47.73 -5.93
CA VAL B 341 -15.58 -47.22 -4.63
C VAL B 341 -15.04 -45.81 -4.84
N VAL B 342 -15.54 -44.87 -4.05
CA VAL B 342 -15.09 -43.47 -4.11
C VAL B 342 -14.95 -42.94 -2.69
N GLY B 343 -13.88 -42.20 -2.45
CA GLY B 343 -13.70 -41.51 -1.19
C GLY B 343 -14.46 -40.20 -1.18
N ASP B 344 -14.08 -39.32 -0.26
CA ASP B 344 -14.63 -37.98 -0.20
C ASP B 344 -13.82 -37.17 0.80
N SER B 345 -14.26 -35.93 1.03
CA SER B 345 -13.48 -35.03 1.87
C SER B 345 -13.53 -35.43 3.34
N GLU B 346 -14.71 -35.83 3.83
CA GLU B 346 -14.83 -36.25 5.22
C GLU B 346 -14.16 -37.60 5.50
N GLY B 347 -13.76 -38.32 4.45
CA GLY B 347 -13.14 -39.62 4.61
C GLY B 347 -14.05 -40.80 4.40
N TYR B 348 -15.36 -40.57 4.31
CA TYR B 348 -16.29 -41.67 4.08
C TYR B 348 -16.03 -42.32 2.73
N LEU B 349 -16.04 -43.64 2.71
CA LEU B 349 -15.81 -44.43 1.51
C LEU B 349 -17.14 -45.02 1.07
N HIS B 350 -17.57 -44.71 -0.14
CA HIS B 350 -18.88 -45.12 -0.65
C HIS B 350 -18.71 -46.18 -1.74
N TRP B 351 -19.44 -47.28 -1.58
CA TRP B 351 -19.59 -48.31 -2.61
C TRP B 351 -20.93 -48.07 -3.29
N ILE B 352 -20.91 -47.83 -4.60
CA ILE B 352 -22.12 -47.65 -5.39
C ILE B 352 -22.12 -48.68 -6.50
N ASN B 353 -23.33 -49.18 -6.81
CA ASN B 353 -23.47 -50.22 -7.82
C ASN B 353 -23.22 -49.65 -9.20
N VAL B 354 -23.35 -50.51 -10.22
CA VAL B 354 -23.06 -50.13 -11.60
C VAL B 354 -24.32 -50.19 -12.44
N GLU B 355 -25.16 -51.21 -12.20
CA GLU B 355 -26.28 -51.46 -13.09
C GLU B 355 -27.27 -50.29 -13.11
N ASP B 356 -27.56 -49.72 -11.95
CA ASP B 356 -28.58 -48.68 -11.83
C ASP B 356 -28.08 -47.40 -11.19
N GLY B 357 -27.05 -47.45 -10.36
CA GLY B 357 -26.54 -46.28 -9.67
C GLY B 357 -27.03 -46.12 -8.26
N ARG B 358 -27.37 -47.20 -7.58
CA ARG B 358 -27.88 -47.15 -6.21
C ARG B 358 -26.75 -47.43 -5.23
N PHE B 359 -26.67 -46.63 -4.18
CA PHE B 359 -25.65 -46.83 -3.16
C PHE B 359 -25.74 -48.24 -2.61
N VAL B 360 -24.59 -48.90 -2.50
CA VAL B 360 -24.54 -50.28 -2.01
C VAL B 360 -24.04 -50.29 -0.59
N ALA B 361 -23.21 -49.33 -0.21
CA ALA B 361 -22.73 -49.27 1.16
C ALA B 361 -21.91 -48.00 1.37
N GLN B 362 -21.66 -47.68 2.63
CA GLN B 362 -20.73 -46.63 2.98
C GLN B 362 -20.00 -47.03 4.27
N GLN B 363 -18.82 -46.47 4.45
CA GLN B 363 -18.01 -46.76 5.63
C GLN B 363 -17.28 -45.50 6.06
N LYS B 364 -16.97 -45.42 7.35
CA LYS B 364 -16.15 -44.34 7.89
C LYS B 364 -14.75 -44.90 8.17
N VAL B 365 -13.78 -44.44 7.40
CA VAL B 365 -12.42 -44.98 7.44
C VAL B 365 -11.47 -44.04 8.20
N ASP B 366 -11.35 -42.81 7.73
CA ASP B 366 -10.44 -41.85 8.33
C ASP B 366 -11.15 -40.51 8.48
N SER B 367 -10.64 -39.70 9.43
CA SER B 367 -11.21 -38.40 9.71
C SER B 367 -10.51 -37.27 8.97
N SER B 368 -9.30 -37.50 8.46
CA SER B 368 -8.59 -36.45 7.74
C SER B 368 -9.18 -36.22 6.36
N GLY B 369 -9.59 -37.31 5.68
CA GLY B 369 -10.17 -37.20 4.36
C GLY B 369 -9.36 -37.92 3.31
N PHE B 370 -9.99 -38.25 2.20
CA PHE B 370 -9.35 -38.96 1.09
C PHE B 370 -9.28 -38.05 -0.12
N GLN B 371 -8.10 -37.99 -0.74
CA GLN B 371 -7.89 -37.17 -1.93
C GLN B 371 -7.20 -37.91 -3.06
N THR B 372 -6.39 -38.93 -2.77
CA THR B 372 -5.62 -39.64 -3.78
C THR B 372 -6.38 -40.89 -4.21
N GLU B 373 -6.24 -41.23 -5.49
CA GLU B 373 -7.09 -42.27 -6.06
C GLU B 373 -6.86 -43.60 -5.34
N PRO B 374 -7.90 -44.39 -5.12
CA PRO B 374 -7.69 -45.75 -4.62
C PRO B 374 -7.07 -46.63 -5.69
N VAL B 375 -6.38 -47.67 -5.23
CA VAL B 375 -5.74 -48.64 -6.13
C VAL B 375 -6.32 -50.01 -5.85
N ALA B 376 -6.87 -50.64 -6.87
CA ALA B 376 -7.44 -51.97 -6.77
C ALA B 376 -6.66 -52.92 -7.67
N ALA B 377 -6.16 -54.00 -7.09
CA ALA B 377 -5.39 -54.98 -7.84
C ALA B 377 -5.20 -56.23 -6.99
N ASP B 378 -5.19 -57.39 -7.65
CA ASP B 378 -4.99 -58.67 -6.97
C ASP B 378 -6.05 -58.88 -5.90
N GLY B 379 -7.29 -58.45 -6.17
CA GLY B 379 -8.35 -58.58 -5.20
C GLY B 379 -8.14 -57.77 -3.95
N LYS B 380 -7.27 -56.77 -3.99
CA LYS B 380 -6.94 -55.93 -2.84
C LYS B 380 -7.22 -54.48 -3.19
N LEU B 381 -7.91 -53.78 -2.29
CA LEU B 381 -8.22 -52.36 -2.45
C LEU B 381 -7.46 -51.58 -1.39
N LEU B 382 -6.65 -50.62 -1.83
CA LEU B 382 -5.83 -49.82 -0.93
C LEU B 382 -6.12 -48.35 -1.19
N ILE B 383 -6.08 -47.54 -0.13
CA ILE B 383 -6.36 -46.11 -0.23
C ILE B 383 -5.55 -45.38 0.83
N GLN B 384 -4.92 -44.28 0.44
CA GLN B 384 -4.13 -43.48 1.35
C GLN B 384 -4.87 -42.20 1.68
N ALA B 385 -4.96 -41.89 2.97
CA ALA B 385 -5.65 -40.69 3.43
C ALA B 385 -4.71 -39.50 3.32
N LYS B 386 -5.13 -38.35 3.86
CA LYS B 386 -4.26 -37.18 3.91
C LYS B 386 -3.26 -37.23 5.05
N ASP B 387 -3.40 -38.19 5.97
CA ASP B 387 -2.45 -38.38 7.06
C ASP B 387 -1.38 -39.41 6.74
N GLY B 388 -1.40 -39.98 5.54
CA GLY B 388 -0.45 -40.99 5.17
C GLY B 388 -0.78 -42.38 5.67
N THR B 389 -1.91 -42.57 6.34
CA THR B 389 -2.28 -43.87 6.88
C THR B 389 -2.86 -44.70 5.74
N VAL B 390 -2.06 -45.64 5.23
CA VAL B 390 -2.51 -46.51 4.16
C VAL B 390 -3.52 -47.50 4.72
N TYR B 391 -4.72 -47.52 4.14
CA TYR B 391 -5.79 -48.41 4.57
C TYR B 391 -6.01 -49.47 3.50
N SER B 392 -6.25 -50.70 3.95
CA SER B 392 -6.65 -51.80 3.09
C SER B 392 -8.09 -52.17 3.41
N ILE B 393 -8.93 -52.20 2.39
CA ILE B 393 -10.36 -52.44 2.57
C ILE B 393 -10.69 -53.81 1.99
N THR B 394 -11.77 -54.38 2.50
CA THR B 394 -12.26 -55.68 2.05
C THR B 394 -13.74 -55.79 2.42
N ARG B 395 -14.28 -57.00 2.30
CA ARG B 395 -15.69 -57.22 2.61
C ARG B 395 -15.89 -58.58 3.28
N ARG C 33 -18.02 21.28 4.32
CA ARG C 33 -19.41 21.17 4.75
C ARG C 33 -19.80 22.37 5.60
N TYR C 34 -19.36 22.37 6.86
CA TYR C 34 -19.69 23.48 7.75
C TYR C 34 -19.14 24.80 7.21
N LYS C 35 -17.96 24.76 6.58
CA LYS C 35 -17.43 25.96 5.95
C LYS C 35 -18.33 26.42 4.79
N ARG C 36 -18.89 25.47 4.04
CA ARG C 36 -19.73 25.79 2.90
C ARG C 36 -21.18 26.09 3.29
N GLN C 37 -21.60 25.77 4.51
CA GLN C 37 -22.98 26.01 4.90
C GLN C 37 -23.28 27.50 5.08
N VAL C 38 -22.24 28.33 5.21
CA VAL C 38 -22.43 29.77 5.34
C VAL C 38 -22.21 30.49 4.02
N SER C 39 -21.17 30.12 3.28
CA SER C 39 -20.90 30.77 2.00
C SER C 39 -22.03 30.49 1.00
N GLY C 40 -22.47 29.24 0.92
CA GLY C 40 -23.47 28.88 -0.07
C GLY C 40 -24.82 29.52 0.20
N ASP C 41 -25.28 29.48 1.46
CA ASP C 41 -26.64 29.88 1.77
C ASP C 41 -26.88 31.36 1.51
N GLU C 42 -26.24 32.26 2.28
CA GLU C 42 -26.50 33.69 2.13
C GLU C 42 -25.26 34.58 2.15
N ALA C 43 -24.14 34.15 2.73
CA ALA C 43 -23.04 35.06 3.00
C ALA C 43 -22.58 35.77 1.72
N TYR C 44 -22.31 37.06 1.84
CA TYR C 44 -21.87 37.86 0.70
C TYR C 44 -20.87 38.91 1.17
N LEU C 45 -19.85 39.15 0.35
CA LEU C 45 -18.80 40.10 0.65
C LEU C 45 -18.62 41.09 -0.49
N GLU C 46 -18.44 42.36 -0.14
CA GLU C 46 -18.12 43.42 -1.08
C GLU C 46 -16.68 43.86 -0.86
N ALA C 47 -15.88 43.85 -1.93
CA ALA C 47 -14.48 44.21 -1.86
C ALA C 47 -14.27 45.65 -2.35
N ALA C 48 -13.04 46.12 -2.19
CA ALA C 48 -12.73 47.49 -2.55
C ALA C 48 -12.77 47.66 -4.07
N PRO C 49 -13.12 48.86 -4.54
CA PRO C 49 -13.15 49.08 -6.00
C PRO C 49 -11.76 48.97 -6.60
N LEU C 50 -11.72 48.58 -7.86
CA LEU C 50 -10.46 48.48 -8.60
C LEU C 50 -10.06 49.85 -9.11
N ALA C 51 -8.78 50.19 -8.93
CA ALA C 51 -8.23 51.46 -9.38
C ALA C 51 -7.04 51.21 -10.27
N GLU C 52 -6.94 51.99 -11.36
CA GLU C 52 -5.86 51.80 -12.31
C GLU C 52 -4.52 52.16 -11.68
N LEU C 53 -3.45 51.62 -12.28
CA LEU C 53 -2.10 51.82 -11.79
C LEU C 53 -1.41 52.85 -12.67
N HIS C 54 -0.96 53.95 -12.06
CA HIS C 54 -0.38 55.06 -12.81
C HIS C 54 1.02 54.72 -13.29
N ALA C 55 1.36 55.20 -14.49
CA ALA C 55 2.67 54.94 -15.08
C ALA C 55 3.51 56.21 -15.00
N PRO C 56 4.63 56.21 -14.26
CA PRO C 56 5.46 57.42 -14.22
C PRO C 56 6.02 57.76 -15.59
N ALA C 57 6.25 59.05 -15.81
CA ALA C 57 6.77 59.52 -17.08
C ALA C 57 8.13 58.91 -17.35
N GLY C 58 8.39 58.63 -18.63
CA GLY C 58 9.64 58.01 -19.04
C GLY C 58 9.65 56.50 -19.00
N MET C 59 8.52 55.86 -18.76
CA MET C 59 8.45 54.41 -18.70
C MET C 59 7.01 53.98 -18.94
N ILE C 60 6.83 52.69 -19.20
CA ILE C 60 5.51 52.11 -19.43
C ILE C 60 5.40 50.85 -18.59
N LEU C 61 4.26 50.69 -17.92
CA LEU C 61 4.03 49.50 -17.12
C LEU C 61 3.84 48.29 -18.03
N PRO C 62 4.03 47.08 -17.50
CA PRO C 62 3.93 45.89 -18.34
C PRO C 62 2.55 45.78 -19.00
N VAL C 63 2.55 45.27 -20.23
CA VAL C 63 1.29 45.09 -20.95
C VAL C 63 0.38 44.16 -20.16
N THR C 64 -0.92 44.42 -20.24
CA THR C 64 -1.89 43.72 -19.40
C THR C 64 -2.34 42.40 -20.01
N SER C 65 -2.48 42.33 -21.33
CA SER C 65 -2.88 41.11 -22.02
C SER C 65 -4.37 40.82 -21.84
N GLY C 66 -5.06 41.60 -21.01
CA GLY C 66 -6.49 41.48 -20.87
C GLY C 66 -6.96 40.09 -20.53
N ASP C 67 -6.12 39.31 -19.83
CA ASP C 67 -6.50 37.95 -19.48
C ASP C 67 -7.66 37.93 -18.49
N TYR C 68 -7.54 38.70 -17.40
CA TYR C 68 -8.57 38.82 -16.38
C TYR C 68 -9.12 40.24 -16.45
N ALA C 69 -10.13 40.44 -17.29
CA ALA C 69 -10.73 41.75 -17.50
C ALA C 69 -12.18 41.73 -17.05
N ILE C 70 -12.63 42.87 -16.52
CA ILE C 70 -14.01 43.03 -16.06
C ILE C 70 -14.71 44.03 -16.96
N PRO C 71 -15.49 43.59 -17.94
CA PRO C 71 -16.15 44.55 -18.84
C PRO C 71 -17.18 45.38 -18.08
N VAL C 72 -17.38 46.61 -18.58
CA VAL C 72 -18.35 47.50 -17.97
C VAL C 72 -19.75 47.04 -18.33
N THR C 73 -20.61 46.87 -17.31
CA THR C 73 -21.96 46.40 -17.48
C THR C 73 -22.93 47.51 -17.08
N ASN C 74 -23.84 47.86 -17.99
CA ASN C 74 -24.82 48.88 -17.72
C ASN C 74 -25.96 48.30 -16.89
N GLY C 75 -26.83 49.20 -16.41
CA GLY C 75 -27.98 48.82 -15.62
C GLY C 75 -27.66 48.72 -14.14
N SER C 76 -28.73 48.63 -13.35
CA SER C 76 -28.65 48.53 -11.89
C SER C 76 -29.52 47.36 -11.45
N GLY C 77 -28.94 46.16 -11.43
CA GLY C 77 -29.64 44.99 -10.93
C GLY C 77 -29.55 44.88 -9.42
N ALA C 78 -30.16 43.84 -8.90
CA ALA C 78 -30.14 43.60 -7.47
C ALA C 78 -28.81 42.97 -7.06
N VAL C 79 -28.54 43.00 -5.76
CA VAL C 79 -27.31 42.45 -5.21
C VAL C 79 -27.41 42.31 -3.71
N GLY C 80 -26.82 41.26 -3.15
CA GLY C 80 -26.72 41.10 -1.71
C GLY C 80 -28.03 40.83 -1.02
N LYS C 81 -28.62 39.66 -1.27
CA LYS C 81 -29.88 39.19 -0.72
C LYS C 81 -31.08 39.88 -1.38
N ALA C 82 -30.88 40.90 -2.21
CA ALA C 82 -31.96 41.53 -2.94
C ALA C 82 -32.22 40.87 -4.28
N LEU C 83 -31.37 39.94 -4.69
CA LEU C 83 -31.49 39.25 -5.97
C LEU C 83 -32.01 37.84 -5.70
N ASP C 84 -33.26 37.59 -6.06
CA ASP C 84 -33.87 36.27 -5.84
C ASP C 84 -33.35 35.31 -6.90
N ILE C 85 -32.73 34.21 -6.45
CA ILE C 85 -32.19 33.21 -7.34
C ILE C 85 -33.13 32.02 -7.50
N ARG C 86 -34.38 32.16 -7.10
CA ARG C 86 -35.34 31.09 -7.29
C ARG C 86 -35.57 30.88 -8.79
N PRO C 87 -35.70 29.63 -9.26
CA PRO C 87 -35.89 29.41 -10.67
C PRO C 87 -37.17 30.06 -11.16
N PRO C 88 -37.20 30.52 -12.41
CA PRO C 88 -38.46 31.05 -12.95
C PRO C 88 -39.46 29.95 -13.24
N ALA C 89 -40.61 30.31 -13.82
CA ALA C 89 -41.67 29.34 -14.08
C ALA C 89 -41.54 28.74 -15.48
N GLN C 90 -40.36 28.24 -15.81
CA GLN C 90 -40.11 27.60 -17.10
C GLN C 90 -38.90 26.67 -17.02
N LYS D 27 -37.74 4.78 4.25
CA LYS D 27 -36.59 5.62 3.94
C LYS D 27 -36.98 6.75 3.00
N GLU D 28 -37.77 7.71 3.52
CA GLU D 28 -38.22 8.85 2.73
C GLU D 28 -38.95 8.41 1.47
N GLU D 29 -39.75 7.34 1.60
CA GLU D 29 -40.47 6.82 0.45
C GLU D 29 -41.49 7.83 -0.05
N VAL D 30 -41.67 7.88 -1.36
CA VAL D 30 -42.57 8.81 -2.02
C VAL D 30 -43.75 8.02 -2.58
N PRO D 31 -44.99 8.30 -2.15
CA PRO D 31 -46.13 7.58 -2.73
C PRO D 31 -46.28 7.89 -4.22
N ASP D 32 -46.83 6.92 -4.94
CA ASP D 32 -46.97 7.03 -6.40
C ASP D 32 -48.15 7.95 -6.76
N ASN D 33 -48.08 9.17 -6.25
CA ASN D 33 -49.05 10.20 -6.59
C ASN D 33 -48.77 10.73 -7.99
N PRO D 34 -49.76 11.38 -8.61
CA PRO D 34 -49.54 11.91 -9.96
C PRO D 34 -48.55 13.05 -9.93
N PRO D 35 -47.93 13.37 -11.08
CA PRO D 35 -46.88 14.39 -11.08
C PRO D 35 -47.35 15.73 -10.55
N ASN D 36 -48.61 16.11 -10.78
CA ASN D 36 -49.08 17.42 -10.37
C ASN D 36 -49.03 17.58 -8.85
N GLU D 37 -49.57 16.61 -8.12
CA GLU D 37 -49.64 16.73 -6.67
C GLU D 37 -48.25 16.70 -6.04
N ILE D 38 -47.39 15.80 -6.51
CA ILE D 38 -46.04 15.73 -5.95
C ILE D 38 -45.26 17.00 -6.27
N TYR D 39 -45.44 17.54 -7.48
CA TYR D 39 -44.77 18.80 -7.82
C TYR D 39 -45.27 19.94 -6.94
N ALA D 40 -46.58 19.97 -6.68
CA ALA D 40 -47.12 21.01 -5.81
C ALA D 40 -46.54 20.89 -4.40
N THR D 41 -46.43 19.66 -3.89
CA THR D 41 -45.83 19.45 -2.58
C THR D 41 -44.38 19.93 -2.57
N ALA D 42 -43.62 19.61 -3.62
CA ALA D 42 -42.23 20.03 -3.69
C ALA D 42 -42.13 21.55 -3.71
N GLN D 43 -42.99 22.21 -4.50
CA GLN D 43 -42.96 23.66 -4.56
C GLN D 43 -43.29 24.27 -3.20
N GLN D 44 -44.30 23.72 -2.52
CA GLN D 44 -44.66 24.23 -1.20
C GLN D 44 -43.52 24.05 -0.22
N LYS D 45 -42.84 22.90 -0.27
CA LYS D 45 -41.71 22.67 0.63
C LYS D 45 -40.56 23.62 0.34
N LEU D 46 -40.30 23.88 -0.95
CA LEU D 46 -39.27 24.86 -1.30
C LEU D 46 -39.63 26.24 -0.75
N GLN D 47 -40.90 26.63 -0.88
CA GLN D 47 -41.32 27.93 -0.35
C GLN D 47 -41.19 27.99 1.16
N ASP D 48 -41.49 26.87 1.84
CA ASP D 48 -41.42 26.86 3.30
C ASP D 48 -40.00 27.13 3.79
N GLY D 49 -39.02 26.50 3.16
CA GLY D 49 -37.63 26.67 3.56
C GLY D 49 -36.99 25.39 4.02
N ASN D 50 -37.49 24.26 3.52
CA ASN D 50 -36.95 22.94 3.82
C ASN D 50 -36.41 22.34 2.53
N TRP D 51 -35.19 21.80 2.59
CA TRP D 51 -34.47 21.36 1.41
C TRP D 51 -34.35 19.85 1.31
N ARG D 52 -33.90 19.18 2.37
CA ARG D 52 -33.55 17.76 2.26
C ARG D 52 -34.67 16.95 1.63
N GLN D 53 -35.92 17.25 1.99
CA GLN D 53 -37.05 16.53 1.42
C GLN D 53 -37.30 16.92 -0.04
N ALA D 54 -37.09 18.19 -0.37
CA ALA D 54 -37.35 18.64 -1.74
C ALA D 54 -36.49 17.89 -2.74
N ILE D 55 -35.23 17.64 -2.39
CA ILE D 55 -34.38 16.84 -3.27
C ILE D 55 -35.00 15.47 -3.51
N THR D 56 -35.52 14.84 -2.45
CA THR D 56 -36.10 13.52 -2.61
C THR D 56 -37.31 13.56 -3.54
N GLN D 57 -38.24 14.50 -3.31
CA GLN D 57 -39.43 14.54 -4.17
C GLN D 57 -39.05 14.84 -5.62
N LEU D 58 -38.12 15.77 -5.83
CA LEU D 58 -37.75 16.14 -7.20
C LEU D 58 -37.02 15.00 -7.90
N GLU D 59 -36.14 14.30 -7.18
CA GLU D 59 -35.48 13.14 -7.76
C GLU D 59 -36.49 12.07 -8.15
N ALA D 60 -37.45 11.81 -7.27
CA ALA D 60 -38.48 10.84 -7.59
C ALA D 60 -39.27 11.25 -8.82
N LEU D 61 -39.65 12.54 -8.89
CA LEU D 61 -40.41 13.01 -10.04
C LEU D 61 -39.61 12.85 -11.33
N ASP D 62 -38.33 13.24 -11.31
CA ASP D 62 -37.52 13.16 -12.52
C ASP D 62 -37.31 11.70 -12.95
N ASN D 63 -37.01 10.82 -11.99
CA ASN D 63 -36.82 9.42 -12.33
C ASN D 63 -38.10 8.81 -12.90
N ARG D 64 -39.24 9.14 -12.30
CA ARG D 64 -40.51 8.54 -12.74
C ARG D 64 -40.97 9.08 -14.09
N TYR D 65 -40.57 10.30 -14.43
CA TYR D 65 -40.97 10.94 -15.69
C TYR D 65 -39.75 11.57 -16.35
N PRO D 66 -38.84 10.75 -16.88
CA PRO D 66 -37.64 11.32 -17.53
C PRO D 66 -37.97 12.27 -18.67
N PHE D 67 -39.03 12.01 -19.42
CA PHE D 67 -39.45 12.85 -20.54
C PHE D 67 -40.81 13.49 -20.26
N GLY D 68 -41.04 13.87 -19.01
CA GLY D 68 -42.31 14.42 -18.61
C GLY D 68 -42.57 15.78 -19.24
N PRO D 69 -43.80 16.28 -19.09
CA PRO D 69 -44.14 17.56 -19.73
C PRO D 69 -43.29 18.73 -19.26
N TYR D 70 -42.86 18.73 -18.00
CA TYR D 70 -42.09 19.83 -17.42
C TYR D 70 -40.85 19.31 -16.72
N SER D 71 -40.10 18.44 -17.40
CA SER D 71 -38.86 17.93 -16.82
C SER D 71 -37.85 19.06 -16.60
N GLN D 72 -37.82 20.05 -17.50
CA GLN D 72 -36.82 21.11 -17.40
C GLN D 72 -37.02 21.94 -16.14
N GLN D 73 -38.27 22.29 -15.81
CA GLN D 73 -38.51 23.06 -14.60
C GLN D 73 -38.13 22.26 -13.36
N VAL D 74 -38.40 20.95 -13.37
CA VAL D 74 -37.99 20.11 -12.26
C VAL D 74 -36.47 20.09 -12.15
N GLN D 75 -35.77 20.06 -13.28
CA GLN D 75 -34.31 20.09 -13.24
C GLN D 75 -33.80 21.39 -12.65
N LEU D 76 -34.41 22.52 -13.03
CA LEU D 76 -33.99 23.80 -12.46
C LEU D 76 -34.23 23.85 -10.96
N ASP D 77 -35.41 23.38 -10.52
CA ASP D 77 -35.70 23.35 -9.09
C ASP D 77 -34.71 22.45 -8.37
N LEU D 78 -34.36 21.31 -8.98
CA LEU D 78 -33.40 20.39 -8.38
C LEU D 78 -32.03 21.03 -8.27
N ILE D 79 -31.60 21.78 -9.29
CA ILE D 79 -30.31 22.46 -9.22
C ILE D 79 -30.33 23.46 -8.07
N TYR D 80 -31.41 24.24 -7.96
CA TYR D 80 -31.50 25.22 -6.88
C TYR D 80 -31.44 24.55 -5.51
N ALA D 81 -32.21 23.47 -5.34
CA ALA D 81 -32.23 22.78 -4.05
C ALA D 81 -30.87 22.18 -3.73
N TYR D 82 -30.21 21.58 -4.72
CA TYR D 82 -28.89 21.01 -4.49
C TYR D 82 -27.91 22.09 -4.08
N TYR D 83 -27.91 23.22 -4.77
CA TYR D 83 -26.99 24.29 -4.43
C TYR D 83 -27.23 24.79 -3.02
N LYS D 84 -28.49 25.00 -2.65
CA LYS D 84 -28.78 25.56 -1.34
C LYS D 84 -28.74 24.52 -0.23
N ASN D 85 -28.57 23.24 -0.56
CA ASN D 85 -28.44 22.18 0.43
C ASN D 85 -26.99 21.81 0.71
N ALA D 86 -26.03 22.50 0.08
CA ALA D 86 -24.60 22.27 0.26
C ALA D 86 -24.11 20.99 -0.43
N ASP D 87 -24.89 20.45 -1.36
CA ASP D 87 -24.44 19.33 -2.19
C ASP D 87 -23.90 19.85 -3.53
N LEU D 88 -22.84 20.65 -3.42
CA LEU D 88 -22.34 21.35 -4.60
C LEU D 88 -21.94 20.44 -5.74
N PRO D 89 -21.25 19.31 -5.52
CA PRO D 89 -20.88 18.47 -6.68
C PRO D 89 -22.08 18.03 -7.51
N LEU D 90 -23.19 17.70 -6.86
CA LEU D 90 -24.39 17.34 -7.60
C LEU D 90 -24.92 18.52 -8.39
N ALA D 91 -24.84 19.72 -7.81
CA ALA D 91 -25.25 20.92 -8.55
C ALA D 91 -24.39 21.12 -9.78
N GLN D 92 -23.08 20.91 -9.65
CA GLN D 92 -22.18 21.04 -10.80
C GLN D 92 -22.56 20.04 -11.88
N ALA D 93 -22.79 18.79 -11.50
CA ALA D 93 -23.14 17.77 -12.49
C ALA D 93 -24.45 18.11 -13.18
N ALA D 94 -25.46 18.53 -12.41
CA ALA D 94 -26.76 18.86 -12.98
C ALA D 94 -26.65 20.05 -13.93
N ILE D 95 -25.85 21.06 -13.56
CA ILE D 95 -25.69 22.23 -14.42
C ILE D 95 -24.97 21.83 -15.70
N ASP D 96 -23.95 20.99 -15.61
CA ASP D 96 -23.27 20.53 -16.81
C ASP D 96 -24.23 19.79 -17.73
N ARG D 97 -25.06 18.91 -17.16
CA ARG D 97 -26.05 18.21 -17.97
C ARG D 97 -27.02 19.18 -18.63
N PHE D 98 -27.50 20.16 -17.87
CA PHE D 98 -28.47 21.11 -18.41
C PHE D 98 -27.88 21.91 -19.56
N ILE D 99 -26.64 22.38 -19.41
CA ILE D 99 -25.99 23.10 -20.50
C ILE D 99 -25.81 22.20 -21.71
N ARG D 100 -25.39 20.95 -21.49
CA ARG D 100 -25.18 20.04 -22.61
C ARG D 100 -26.47 19.81 -23.38
N LEU D 101 -27.55 19.43 -22.68
CA LEU D 101 -28.78 19.03 -23.36
C LEU D 101 -29.45 20.21 -24.04
N ASN D 102 -29.47 21.37 -23.39
CA ASN D 102 -30.26 22.51 -23.85
C ASN D 102 -29.39 23.76 -23.93
N PRO D 103 -28.47 23.80 -24.90
CA PRO D 103 -27.66 25.01 -25.08
C PRO D 103 -28.45 26.23 -25.50
N THR D 104 -29.67 26.04 -26.03
CA THR D 104 -30.48 27.14 -26.56
C THR D 104 -31.68 27.46 -25.68
N HIS D 105 -31.70 26.96 -24.45
CA HIS D 105 -32.81 27.23 -23.56
C HIS D 105 -32.91 28.74 -23.32
N PRO D 106 -34.08 29.35 -23.51
CA PRO D 106 -34.15 30.82 -23.34
C PRO D 106 -33.71 31.30 -21.97
N ASN D 107 -34.02 30.56 -20.92
CA ASN D 107 -33.60 30.92 -19.56
C ASN D 107 -32.36 30.12 -19.16
N ILE D 108 -31.26 30.39 -19.86
CA ILE D 108 -30.01 29.67 -19.64
C ILE D 108 -29.07 30.53 -18.80
N ASP D 109 -29.21 31.85 -18.90
CA ASP D 109 -28.36 32.73 -18.10
C ASP D 109 -28.45 32.36 -16.62
N TYR D 110 -29.62 31.94 -16.15
CA TYR D 110 -29.74 31.49 -14.77
C TYR D 110 -28.84 30.31 -14.50
N VAL D 111 -28.73 29.37 -15.44
CA VAL D 111 -27.89 28.20 -15.22
C VAL D 111 -26.41 28.60 -15.15
N MET D 112 -25.98 29.51 -16.02
CA MET D 112 -24.60 29.98 -15.95
C MET D 112 -24.33 30.68 -14.62
N TYR D 113 -25.26 31.52 -14.18
CA TYR D 113 -25.09 32.18 -12.90
C TYR D 113 -25.03 31.16 -11.76
N MET D 114 -25.83 30.10 -11.84
CA MET D 114 -25.82 29.08 -10.80
C MET D 114 -24.51 28.30 -10.82
N ARG D 115 -23.95 28.04 -12.00
CA ARG D 115 -22.64 27.40 -12.06
C ARG D 115 -21.57 28.30 -11.45
N GLY D 116 -21.63 29.60 -11.73
CA GLY D 116 -20.70 30.52 -11.12
C GLY D 116 -20.83 30.54 -9.60
N LEU D 117 -22.07 30.56 -9.11
CA LEU D 117 -22.28 30.52 -7.66
C LEU D 117 -21.75 29.22 -7.06
N THR D 118 -21.98 28.09 -7.74
CA THR D 118 -21.51 26.82 -7.22
C THR D 118 -19.99 26.78 -7.14
N ASN D 119 -19.30 27.25 -8.18
CA ASN D 119 -17.85 27.27 -8.14
C ASN D 119 -17.34 28.23 -7.07
N MET D 120 -17.94 29.41 -6.96
CA MET D 120 -17.50 30.37 -5.96
C MET D 120 -17.74 29.84 -4.55
N ALA D 121 -18.78 29.03 -4.37
CA ALA D 121 -19.02 28.43 -3.06
C ALA D 121 -18.04 27.30 -2.79
N LEU D 122 -17.72 26.51 -3.82
CA LEU D 122 -16.65 25.52 -3.68
C LEU D 122 -15.35 26.18 -3.26
N ASP D 123 -15.10 27.40 -3.73
CA ASP D 123 -13.95 28.14 -3.22
C ASP D 123 -13.98 28.23 -1.70
N ASP D 124 -15.17 28.33 -1.12
CA ASP D 124 -15.34 28.29 0.33
C ASP D 124 -14.59 29.44 0.99
N ARG D 135 -8.64 32.48 3.66
CA ARG D 135 -8.36 31.31 2.84
C ARG D 135 -7.85 31.69 1.47
N SER D 136 -7.17 32.82 1.37
CA SER D 136 -6.62 33.24 0.08
C SER D 136 -5.37 32.43 -0.30
N ASP D 137 -4.72 31.79 0.67
CA ASP D 137 -3.52 31.01 0.36
C ASP D 137 -3.87 29.71 -0.35
N ARG D 138 -4.98 29.08 0.03
CA ARG D 138 -5.35 27.79 -0.55
C ARG D 138 -5.50 27.93 -2.07
N ASP D 139 -5.56 26.79 -2.74
CA ASP D 139 -5.51 26.80 -4.19
C ASP D 139 -6.69 27.59 -4.76
N PRO D 140 -6.49 28.39 -5.80
CA PRO D 140 -7.59 29.20 -6.36
C PRO D 140 -8.31 28.58 -7.56
N GLN D 141 -8.05 27.32 -7.91
CA GLN D 141 -8.60 26.76 -9.14
C GLN D 141 -10.10 26.97 -9.23
N HIS D 142 -10.80 26.82 -8.11
CA HIS D 142 -12.24 27.04 -8.11
C HIS D 142 -12.58 28.51 -8.29
N ALA D 143 -11.75 29.40 -7.72
CA ALA D 143 -11.94 30.81 -7.97
C ALA D 143 -11.74 31.14 -9.44
N ARG D 144 -10.73 30.53 -10.08
CA ARG D 144 -10.52 30.74 -11.50
C ARG D 144 -11.71 30.24 -12.32
N ALA D 145 -12.25 29.07 -11.96
CA ALA D 145 -13.41 28.57 -12.68
C ALA D 145 -14.60 29.50 -12.51
N ALA D 146 -14.82 30.01 -11.30
CA ALA D 146 -15.92 30.93 -11.07
C ALA D 146 -15.72 32.21 -11.88
N PHE D 147 -14.49 32.72 -11.93
CA PHE D 147 -14.23 33.93 -12.70
C PHE D 147 -14.51 33.69 -14.18
N SER D 148 -14.07 32.55 -14.71
CA SER D 148 -14.35 32.25 -16.11
C SER D 148 -15.85 32.17 -16.37
N ASP D 149 -16.58 31.49 -15.48
CA ASP D 149 -18.02 31.36 -15.65
C ASP D 149 -18.71 32.72 -15.65
N PHE D 150 -18.37 33.57 -14.68
CA PHE D 150 -19.02 34.87 -14.58
C PHE D 150 -18.63 35.76 -15.75
N SER D 151 -17.38 35.65 -16.23
CA SER D 151 -17.00 36.40 -17.42
C SER D 151 -17.81 35.97 -18.63
N LYS D 152 -17.99 34.66 -18.80
CA LYS D 152 -18.81 34.18 -19.91
C LYS D 152 -20.24 34.70 -19.79
N LEU D 153 -20.80 34.65 -18.58
CA LEU D 153 -22.17 35.14 -18.39
C LEU D 153 -22.27 36.63 -18.73
N VAL D 154 -21.31 37.43 -18.26
CA VAL D 154 -21.40 38.88 -18.47
C VAL D 154 -21.19 39.22 -19.94
N ARG D 155 -20.26 38.54 -20.61
CA ARG D 155 -19.98 38.85 -22.01
C ARG D 155 -21.06 38.32 -22.94
N GLY D 156 -21.75 37.25 -22.56
CA GLY D 156 -22.76 36.67 -23.41
C GLY D 156 -24.13 37.32 -23.26
N TYR D 157 -24.56 37.56 -22.02
CA TYR D 157 -25.87 38.11 -21.72
C TYR D 157 -25.69 39.29 -20.77
N PRO D 158 -25.30 40.46 -21.30
CA PRO D 158 -25.03 41.61 -20.42
C PRO D 158 -26.28 42.33 -19.93
N ASN D 159 -27.44 42.10 -20.56
CA ASN D 159 -28.67 42.79 -20.19
C ASN D 159 -29.53 42.01 -19.22
N SER D 160 -29.07 40.86 -18.74
CA SER D 160 -29.85 40.05 -17.84
C SER D 160 -29.96 40.73 -16.47
N GLN D 161 -30.65 40.06 -15.56
CA GLN D 161 -30.82 40.57 -14.20
C GLN D 161 -29.73 40.10 -13.24
N TYR D 162 -28.87 39.18 -13.66
CA TYR D 162 -27.77 38.69 -12.85
C TYR D 162 -26.43 39.32 -13.21
N THR D 163 -26.43 40.34 -14.07
CA THR D 163 -25.18 40.90 -14.55
C THR D 163 -24.49 41.75 -13.48
N THR D 164 -25.26 42.57 -12.74
CA THR D 164 -24.65 43.40 -11.71
C THR D 164 -24.03 42.56 -10.61
N ASP D 165 -24.75 41.53 -10.14
CA ASP D 165 -24.18 40.62 -9.16
C ASP D 165 -22.99 39.88 -9.74
N ALA D 166 -23.06 39.54 -11.03
CA ALA D 166 -21.93 38.86 -11.67
C ALA D 166 -20.67 39.72 -11.62
N THR D 167 -20.80 41.01 -11.92
CA THR D 167 -19.63 41.89 -11.86
C THR D 167 -19.16 42.09 -10.43
N LYS D 168 -20.10 42.21 -9.48
CA LYS D 168 -19.72 42.36 -8.09
C LYS D 168 -18.95 41.16 -7.58
N ARG D 169 -19.28 39.95 -8.07
CA ARG D 169 -18.51 38.77 -7.71
C ARG D 169 -17.19 38.69 -8.48
N LEU D 170 -17.18 39.17 -9.72
CA LEU D 170 -15.95 39.13 -10.51
C LEU D 170 -14.86 39.99 -9.87
N VAL D 171 -15.24 41.17 -9.37
CA VAL D 171 -14.26 42.04 -8.73
C VAL D 171 -13.63 41.32 -7.54
N PHE D 172 -14.47 40.70 -6.70
CA PHE D 172 -13.96 40.01 -5.52
C PHE D 172 -13.07 38.85 -5.90
N LEU D 173 -13.45 38.08 -6.93
CA LEU D 173 -12.63 36.94 -7.33
C LEU D 173 -11.28 37.40 -7.88
N LYS D 174 -11.26 38.47 -8.66
CA LYS D 174 -9.99 39.01 -9.14
C LYS D 174 -9.11 39.42 -7.97
N ASP D 175 -9.69 40.10 -6.99
CA ASP D 175 -8.91 40.51 -5.82
C ASP D 175 -8.36 39.29 -5.08
N ARG D 176 -9.17 38.24 -4.95
CA ARG D 176 -8.71 37.04 -4.24
C ARG D 176 -7.55 36.36 -4.97
N LEU D 177 -7.64 36.26 -6.30
CA LEU D 177 -6.55 35.66 -7.05
C LEU D 177 -5.27 36.47 -6.90
N ALA D 178 -5.39 37.80 -6.98
CA ALA D 178 -4.21 38.64 -6.80
C ALA D 178 -3.63 38.46 -5.39
N LYS D 179 -4.49 38.30 -4.39
CA LYS D 179 -4.00 38.08 -3.04
C LYS D 179 -3.25 36.76 -2.94
N TYR D 180 -3.72 35.72 -3.62
CA TYR D 180 -2.99 34.45 -3.61
C TYR D 180 -1.61 34.61 -4.22
N GLU D 181 -1.53 35.29 -5.36
CA GLU D 181 -0.22 35.50 -5.99
C GLU D 181 0.70 36.29 -5.07
N TYR D 182 0.17 37.32 -4.41
CA TYR D 182 0.99 38.09 -3.48
C TYR D 182 1.44 37.24 -2.31
N SER D 183 0.60 36.31 -1.85
CA SER D 183 1.01 35.41 -0.78
C SER D 183 2.20 34.56 -1.20
N VAL D 184 2.16 34.03 -2.43
CA VAL D 184 3.28 33.22 -2.90
C VAL D 184 4.54 34.07 -3.02
N ALA D 185 4.40 35.29 -3.53
CA ALA D 185 5.56 36.17 -3.63
C ALA D 185 6.13 36.49 -2.26
N GLU D 186 5.27 36.71 -1.27
CA GLU D 186 5.74 36.98 0.09
C GLU D 186 6.49 35.78 0.66
N TYR D 187 5.98 34.58 0.43
CA TYR D 187 6.69 33.40 0.92
C TYR D 187 8.06 33.30 0.26
N TYR D 188 8.14 33.53 -1.06
CA TYR D 188 9.43 33.41 -1.72
C TYR D 188 10.38 34.55 -1.34
N THR D 189 9.85 35.68 -0.89
CA THR D 189 10.71 36.69 -0.28
C THR D 189 11.26 36.21 1.05
N GLU D 190 10.43 35.52 1.84
CA GLU D 190 10.92 34.94 3.09
C GLU D 190 12.01 33.91 2.83
N ARG D 191 11.80 33.05 1.84
CA ARG D 191 12.71 31.93 1.60
C ARG D 191 14.09 32.42 1.23
N GLY D 192 14.19 33.46 0.40
CA GLY D 192 15.46 33.96 -0.08
C GLY D 192 15.66 33.85 -1.58
N ALA D 193 14.65 33.47 -2.35
CA ALA D 193 14.74 33.43 -3.80
C ALA D 193 14.33 34.78 -4.35
N TRP D 194 15.27 35.46 -5.02
CA TRP D 194 15.04 36.80 -5.54
C TRP D 194 14.70 36.82 -7.02
N VAL D 195 14.60 35.66 -7.66
CA VAL D 195 14.12 35.59 -9.04
C VAL D 195 12.71 35.03 -9.12
N ALA D 196 12.24 34.34 -8.09
CA ALA D 196 10.83 33.96 -8.03
C ALA D 196 9.96 35.13 -7.64
N VAL D 197 10.44 35.97 -6.72
CA VAL D 197 9.68 37.15 -6.30
C VAL D 197 9.51 38.10 -7.47
N VAL D 198 10.59 38.37 -8.19
CA VAL D 198 10.52 39.30 -9.33
C VAL D 198 9.57 38.78 -10.39
N ASN D 199 9.70 37.50 -10.73
CA ASN D 199 8.86 36.93 -11.78
C ASN D 199 7.40 36.93 -11.37
N ARG D 200 7.11 36.56 -10.13
CA ARG D 200 5.71 36.50 -9.71
C ARG D 200 5.09 37.90 -9.63
N VAL D 201 5.84 38.89 -9.16
CA VAL D 201 5.28 40.23 -9.12
C VAL D 201 5.12 40.80 -10.53
N GLU D 202 6.03 40.46 -11.44
CA GLU D 202 5.85 40.86 -12.83
C GLU D 202 4.59 40.22 -13.42
N GLY D 203 4.36 38.95 -13.11
CA GLY D 203 3.13 38.31 -13.56
C GLY D 203 1.90 38.95 -12.98
N MET D 204 1.96 39.34 -11.70
CA MET D 204 0.83 40.03 -11.09
C MET D 204 0.57 41.36 -11.79
N LEU D 205 1.62 42.12 -12.07
CA LEU D 205 1.44 43.38 -12.79
C LEU D 205 0.91 43.15 -14.20
N ARG D 206 1.24 42.01 -14.79
CA ARG D 206 0.74 41.70 -16.13
C ARG D 206 -0.74 41.32 -16.11
N ASP D 207 -1.17 40.53 -15.13
CA ASP D 207 -2.53 40.01 -15.08
C ASP D 207 -3.47 40.83 -14.20
N TYR D 208 -2.98 41.32 -13.06
CA TYR D 208 -3.82 41.99 -12.06
C TYR D 208 -3.24 43.37 -11.78
N PRO D 209 -3.30 44.28 -12.76
CA PRO D 209 -2.63 45.57 -12.58
C PRO D 209 -3.38 46.56 -11.70
N ASP D 210 -4.69 46.38 -11.51
CA ASP D 210 -5.53 47.36 -10.83
C ASP D 210 -6.24 46.75 -9.63
N THR D 211 -5.51 46.01 -8.81
CA THR D 211 -6.03 45.46 -7.57
C THR D 211 -5.24 46.03 -6.39
N GLN D 212 -5.55 45.53 -5.21
CA GLN D 212 -4.81 45.94 -4.01
C GLN D 212 -3.58 45.09 -3.76
N ALA D 213 -3.61 43.82 -4.17
CA ALA D 213 -2.46 42.96 -3.97
C ALA D 213 -1.25 43.47 -4.73
N THR D 214 -1.44 43.97 -5.95
CA THR D 214 -0.31 44.48 -6.72
C THR D 214 0.29 45.72 -6.06
N ARG D 215 -0.54 46.63 -5.58
CA ARG D 215 -0.03 47.82 -4.92
C ARG D 215 0.62 47.49 -3.59
N ASP D 216 0.22 46.38 -2.95
CA ASP D 216 0.88 45.95 -1.74
C ASP D 216 2.14 45.13 -2.01
N ALA D 217 2.28 44.58 -3.22
CA ALA D 217 3.39 43.71 -3.55
C ALA D 217 4.51 44.40 -4.31
N LEU D 218 4.26 45.58 -4.88
CA LEU D 218 5.34 46.31 -5.54
C LEU D 218 6.59 46.44 -4.67
N PRO D 219 6.49 46.77 -3.38
CA PRO D 219 7.71 46.81 -2.55
C PRO D 219 8.45 45.49 -2.50
N LEU D 220 7.76 44.36 -2.62
CA LEU D 220 8.46 43.08 -2.68
C LEU D 220 9.36 43.00 -3.90
N MET D 221 8.86 43.43 -5.06
CA MET D 221 9.68 43.46 -6.26
C MET D 221 10.84 44.44 -6.11
N GLU D 222 10.60 45.61 -5.51
CA GLU D 222 11.68 46.55 -5.29
C GLU D 222 12.77 45.95 -4.42
N ASN D 223 12.38 45.26 -3.35
CA ASN D 223 13.36 44.63 -2.47
C ASN D 223 14.11 43.52 -3.19
N ALA D 224 13.40 42.73 -4.02
CA ALA D 224 14.06 41.66 -4.76
C ALA D 224 15.12 42.22 -5.70
N TYR D 225 14.78 43.28 -6.44
CA TYR D 225 15.78 43.93 -7.28
C TYR D 225 16.93 44.50 -6.45
N ARG D 226 16.63 45.09 -5.29
CA ARG D 226 17.69 45.68 -4.48
C ARG D 226 18.65 44.64 -3.94
N GLN D 227 18.15 43.45 -3.60
CA GLN D 227 19.00 42.42 -3.01
C GLN D 227 19.91 41.73 -4.02
N MET D 228 19.57 41.77 -5.31
CA MET D 228 20.46 41.28 -6.35
C MET D 228 21.30 42.38 -6.96
N GLN D 229 21.21 43.60 -6.44
CA GLN D 229 22.06 44.71 -6.88
C GLN D 229 21.77 45.11 -8.32
N MET D 230 20.50 45.05 -8.70
CA MET D 230 20.03 45.66 -9.95
C MET D 230 19.42 47.02 -9.62
N ASN D 231 20.30 47.96 -9.28
CA ASN D 231 19.85 49.22 -8.71
C ASN D 231 19.03 50.05 -9.70
N ALA D 232 19.32 49.92 -11.00
CA ALA D 232 18.53 50.67 -11.98
C ALA D 232 17.07 50.22 -11.98
N GLN D 233 16.84 48.91 -11.99
CA GLN D 233 15.47 48.41 -11.94
C GLN D 233 14.81 48.69 -10.60
N ALA D 234 15.58 48.64 -9.52
CA ALA D 234 15.04 49.03 -8.22
C ALA D 234 14.58 50.48 -8.24
N GLU D 235 15.36 51.35 -8.89
CA GLU D 235 14.96 52.75 -9.01
C GLU D 235 13.71 52.89 -9.87
N LYS D 236 13.59 52.10 -10.93
CA LYS D 236 12.37 52.15 -11.75
C LYS D 236 11.16 51.74 -10.94
N VAL D 237 11.28 50.69 -10.14
CA VAL D 237 10.15 50.24 -9.33
C VAL D 237 9.83 51.28 -8.25
N ALA D 238 10.86 51.92 -7.70
CA ALA D 238 10.62 53.00 -6.74
C ALA D 238 9.89 54.17 -7.40
N LYS D 239 10.22 54.45 -8.66
CA LYS D 239 9.49 55.47 -9.40
C LYS D 239 8.03 55.08 -9.55
N ILE D 240 7.76 53.82 -9.86
CA ILE D 240 6.38 53.36 -9.97
C ILE D 240 5.65 53.55 -8.63
N ILE D 241 6.31 53.17 -7.53
CA ILE D 241 5.68 53.27 -6.23
C ILE D 241 5.38 54.72 -5.87
N ALA D 242 6.35 55.61 -6.10
CA ALA D 242 6.20 57.00 -5.66
C ALA D 242 5.03 57.67 -6.37
N ALA D 243 4.88 57.42 -7.68
CA ALA D 243 3.84 58.07 -8.47
C ALA D 243 2.43 57.65 -8.06
N ASN D 244 2.28 56.61 -7.25
CA ASN D 244 0.97 56.09 -6.87
C ASN D 244 0.60 56.45 -5.43
N SER D 245 1.45 56.11 -4.47
CA SER D 245 1.16 56.40 -3.06
C SER D 245 1.88 57.67 -2.62
N TYR E 31 22.03 24.57 7.37
CA TYR E 31 20.89 23.92 7.98
C TYR E 31 19.90 23.66 6.86
N ARG E 32 19.80 24.68 6.02
CA ARG E 32 18.87 24.78 4.90
C ARG E 32 19.42 24.08 3.66
N PRO E 33 18.57 23.82 2.67
CA PRO E 33 19.03 23.28 1.39
C PRO E 33 19.72 24.35 0.57
N ASP E 34 20.11 23.98 -0.64
CA ASP E 34 20.80 24.88 -1.54
C ASP E 34 19.80 25.79 -2.24
N ILE E 35 20.10 27.08 -2.32
CA ILE E 35 19.23 28.06 -2.96
C ILE E 35 19.90 28.45 -4.28
N ASN E 36 19.22 28.14 -5.39
CA ASN E 36 19.72 28.44 -6.72
C ASN E 36 18.71 29.31 -7.45
N GLN E 37 19.20 30.25 -8.25
CA GLN E 37 18.31 31.19 -8.94
C GLN E 37 18.92 31.61 -10.27
N GLY E 38 18.05 31.77 -11.26
CA GLY E 38 18.45 32.35 -12.53
C GLY E 38 19.11 31.36 -13.46
N ASN E 39 19.51 31.89 -14.62
CA ASN E 39 20.13 31.07 -15.65
C ASN E 39 21.46 30.51 -15.17
N TYR E 40 21.84 29.36 -15.74
CA TYR E 40 23.13 28.76 -15.47
C TYR E 40 24.11 29.20 -16.55
N LEU E 41 25.10 29.99 -16.16
CA LEU E 41 26.13 30.48 -17.07
C LEU E 41 27.37 29.62 -16.89
N THR E 42 27.81 28.98 -17.98
CA THR E 42 28.91 28.03 -17.92
C THR E 42 30.28 28.69 -18.01
N ALA E 43 30.34 30.02 -18.20
CA ALA E 43 31.60 30.73 -18.35
C ALA E 43 32.21 30.49 -19.73
N ASN E 44 31.56 29.63 -20.53
CA ASN E 44 31.95 29.40 -21.92
C ASN E 44 30.97 30.02 -22.89
N ASP E 45 29.67 29.83 -22.66
CA ASP E 45 28.66 30.46 -23.50
C ASP E 45 28.74 31.98 -23.40
N VAL E 46 28.96 32.50 -22.19
CA VAL E 46 29.01 33.95 -22.00
C VAL E 46 30.09 34.58 -22.87
N SER E 47 31.16 33.84 -23.13
CA SER E 47 32.23 34.30 -24.01
C SER E 47 31.94 34.02 -25.48
N LYS E 48 30.86 33.31 -25.79
CA LYS E 48 30.51 32.97 -27.16
C LYS E 48 29.61 33.99 -27.83
N ILE E 49 29.21 35.04 -27.14
CA ILE E 49 28.30 36.06 -27.69
C ILE E 49 29.06 37.36 -27.83
N ARG E 50 29.22 37.81 -29.08
CA ARG E 50 29.78 39.11 -29.37
C ARG E 50 28.64 40.12 -29.52
N VAL E 51 28.95 41.31 -30.02
CA VAL E 51 27.96 42.36 -30.22
C VAL E 51 27.65 42.44 -31.71
N GLY E 52 26.37 42.31 -32.05
CA GLY E 52 25.94 42.42 -33.43
C GLY E 52 25.03 41.30 -33.89
N MET E 53 24.57 40.47 -32.97
CA MET E 53 23.68 39.36 -33.28
C MET E 53 22.26 39.68 -32.84
N THR E 54 21.34 38.83 -33.25
CA THR E 54 19.92 39.00 -32.96
C THR E 54 19.53 38.22 -31.72
N GLN E 55 18.27 38.38 -31.29
CA GLN E 55 17.80 37.69 -30.10
C GLN E 55 17.86 36.18 -30.26
N GLN E 56 17.64 35.68 -31.48
CA GLN E 56 17.62 34.23 -31.68
C GLN E 56 18.97 33.61 -31.33
N GLN E 57 20.07 34.23 -31.77
CA GLN E 57 21.38 33.65 -31.54
C GLN E 57 21.73 33.64 -30.05
N VAL E 58 21.45 34.73 -29.34
CA VAL E 58 21.76 34.77 -27.91
C VAL E 58 20.88 33.78 -27.16
N ALA E 59 19.62 33.66 -27.55
CA ALA E 59 18.75 32.68 -26.92
C ALA E 59 19.26 31.26 -27.14
N TYR E 60 19.73 30.99 -28.36
CA TYR E 60 20.28 29.66 -28.64
C TYR E 60 21.53 29.40 -27.83
N ALA E 61 22.39 30.40 -27.67
CA ALA E 61 23.66 30.21 -26.97
C ALA E 61 23.44 30.01 -25.48
N LEU E 62 22.83 31.00 -24.81
CA LEU E 62 22.66 30.96 -23.37
C LEU E 62 21.33 30.34 -22.96
N GLY E 63 20.25 30.67 -23.65
CA GLY E 63 18.92 30.19 -23.35
C GLY E 63 17.94 31.33 -23.24
N THR E 64 16.77 31.04 -22.71
CA THR E 64 15.75 32.06 -22.50
C THR E 64 15.91 32.63 -21.09
N PRO E 65 16.12 33.93 -20.93
CA PRO E 65 16.38 34.47 -19.59
C PRO E 65 15.17 34.31 -18.69
N LEU E 66 15.44 34.09 -17.40
CA LEU E 66 14.38 34.03 -16.41
C LEU E 66 13.88 35.41 -16.01
N MET E 67 14.59 36.47 -16.37
CA MET E 67 14.18 37.83 -16.09
C MET E 67 14.37 38.69 -17.32
N SER E 68 13.60 39.76 -17.40
CA SER E 68 13.66 40.70 -18.50
C SER E 68 13.49 42.11 -17.91
N ASP E 69 13.21 43.09 -18.78
CA ASP E 69 12.95 44.46 -18.34
C ASP E 69 11.58 44.85 -18.87
N PRO E 70 10.50 44.49 -18.17
CA PRO E 70 9.16 44.79 -18.69
C PRO E 70 8.86 46.27 -18.81
N PHE E 71 9.58 47.14 -18.10
CA PHE E 71 9.28 48.56 -18.07
C PHE E 71 9.82 49.25 -19.33
N GLY E 72 9.29 48.82 -20.47
CA GLY E 72 9.56 49.47 -21.73
C GLY E 72 10.83 49.02 -22.42
N THR E 73 11.98 49.47 -21.93
CA THR E 73 13.24 49.20 -22.61
C THR E 73 13.51 47.70 -22.67
N ASN E 74 14.12 47.27 -23.77
CA ASN E 74 14.42 45.86 -23.99
C ASN E 74 15.77 45.54 -23.36
N THR E 75 15.79 44.54 -22.48
CA THR E 75 17.01 44.15 -21.78
C THR E 75 16.80 42.77 -21.17
N TRP E 76 17.85 41.96 -21.19
CA TRP E 76 17.82 40.60 -20.67
C TRP E 76 18.85 40.47 -19.56
N PHE E 77 18.41 40.02 -18.39
CA PHE E 77 19.28 39.85 -17.22
C PHE E 77 19.49 38.36 -16.98
N TYR E 78 20.65 37.86 -17.37
CA TYR E 78 21.06 36.51 -17.03
C TYR E 78 21.73 36.56 -15.66
N VAL E 79 21.02 36.10 -14.64
CA VAL E 79 21.54 36.02 -13.28
C VAL E 79 21.85 34.57 -12.97
N PHE E 80 23.04 34.31 -12.45
CA PHE E 80 23.45 32.98 -12.02
C PHE E 80 23.79 33.13 -10.55
N ARG E 81 22.81 32.83 -9.69
CA ARG E 81 22.94 33.04 -8.25
C ARG E 81 22.86 31.69 -7.56
N GLN E 82 23.77 31.44 -6.62
CA GLN E 82 23.73 30.20 -5.86
C GLN E 82 24.18 30.47 -4.43
N GLN E 83 23.65 29.66 -3.52
CA GLN E 83 23.86 29.87 -2.08
C GLN E 83 23.68 28.51 -1.41
N PRO E 84 24.76 27.75 -1.27
CA PRO E 84 24.63 26.43 -0.61
C PRO E 84 24.63 26.53 0.90
N GLY E 85 24.60 25.39 1.58
CA GLY E 85 24.47 25.37 3.03
C GLY E 85 25.56 26.12 3.75
N HIS E 86 25.22 27.29 4.30
CA HIS E 86 26.15 28.14 5.04
C HIS E 86 27.48 28.29 4.29
N GLU E 87 27.39 28.86 3.09
CA GLU E 87 28.58 29.17 2.32
C GLU E 87 28.49 30.52 1.63
N GLY E 88 27.56 31.38 2.02
CA GLY E 88 27.42 32.67 1.38
C GLY E 88 26.68 32.59 0.07
N VAL E 89 26.66 33.72 -0.64
CA VAL E 89 25.95 33.85 -1.91
C VAL E 89 26.96 34.23 -2.98
N THR E 90 26.97 33.49 -4.08
CA THR E 90 27.82 33.79 -5.23
C THR E 90 26.93 34.05 -6.42
N GLN E 91 27.13 35.20 -7.07
CA GLN E 91 26.27 35.64 -8.17
C GLN E 91 27.11 36.15 -9.31
N GLN E 92 26.69 35.80 -10.53
CA GLN E 92 27.26 36.37 -11.76
C GLN E 92 26.12 36.98 -12.56
N THR E 93 26.24 38.27 -12.88
CA THR E 93 25.19 38.99 -13.60
C THR E 93 25.66 39.30 -15.00
N LEU E 94 24.75 39.20 -15.96
CA LEU E 94 25.05 39.49 -17.37
C LEU E 94 23.85 40.22 -17.95
N THR E 95 24.01 41.52 -18.21
CA THR E 95 22.94 42.35 -18.74
C THR E 95 23.18 42.58 -20.23
N LEU E 96 22.24 42.13 -21.06
CA LEU E 96 22.27 42.34 -22.49
C LEU E 96 21.24 43.40 -22.85
N THR E 97 21.68 44.46 -23.53
CA THR E 97 20.80 45.51 -23.99
C THR E 97 20.70 45.44 -25.50
N PHE E 98 19.49 45.16 -26.00
CA PHE E 98 19.23 45.08 -27.43
C PHE E 98 18.81 46.47 -27.93
N ASN E 99 18.38 46.54 -29.19
CA ASN E 99 17.90 47.76 -29.80
C ASN E 99 16.45 47.56 -30.25
N SER E 100 15.92 48.56 -30.95
CA SER E 100 14.51 48.50 -31.36
C SER E 100 14.25 47.34 -32.31
N SER E 101 15.24 46.92 -33.09
CA SER E 101 15.09 45.87 -34.08
C SER E 101 15.53 44.51 -33.57
N GLY E 102 15.70 44.36 -32.26
CA GLY E 102 16.13 43.09 -31.70
C GLY E 102 17.53 42.69 -32.09
N VAL E 103 18.48 43.62 -32.05
CA VAL E 103 19.89 43.36 -32.32
C VAL E 103 20.69 43.74 -31.09
N LEU E 104 21.53 42.83 -30.62
CA LEU E 104 22.31 43.09 -29.41
C LEU E 104 23.15 44.35 -29.59
N THR E 105 23.11 45.22 -28.58
CA THR E 105 23.82 46.49 -28.61
C THR E 105 24.88 46.59 -27.53
N ASN E 106 24.60 46.14 -26.31
CA ASN E 106 25.54 46.26 -25.21
C ASN E 106 25.53 44.99 -24.37
N ILE E 107 26.70 44.62 -23.85
CA ILE E 107 26.84 43.51 -22.92
C ILE E 107 27.58 44.02 -21.69
N ASP E 108 27.06 43.71 -20.51
CA ASP E 108 27.65 44.16 -19.25
C ASP E 108 27.76 42.96 -18.32
N ASN E 109 28.99 42.58 -18.00
CA ASN E 109 29.26 41.39 -17.18
C ASN E 109 29.77 41.81 -15.82
N LYS E 110 29.15 41.27 -14.77
CA LYS E 110 29.60 41.46 -13.40
C LYS E 110 29.88 40.09 -12.79
N PRO E 111 31.15 39.67 -12.70
CA PRO E 111 31.43 38.29 -12.26
C PRO E 111 31.14 38.03 -10.79
N ALA E 112 30.95 39.08 -9.98
CA ALA E 112 30.65 38.88 -8.57
C ALA E 112 29.92 40.11 -8.05
N LEU E 113 29.20 39.93 -6.95
CA LEU E 113 28.40 40.98 -6.36
C LEU E 113 29.19 41.65 -5.23
N SER E 114 29.24 42.97 -5.25
CA SER E 114 29.96 43.72 -4.24
C SER E 114 29.20 43.74 -2.92
N TRP F 1 -1.13 -2.65 22.40
CA TRP F 1 -2.11 -2.72 21.27
C TRP F 1 -2.16 -1.40 20.51
N ASN F 2 -2.86 -0.42 21.06
CA ASN F 2 -2.94 0.91 20.46
C ASN F 2 -3.78 0.97 19.18
C UX8 F 3 -5.87 2.96 17.78
CA UX8 F 3 -5.97 1.50 18.22
CG UX8 F 3 -8.34 1.40 17.45
CE2 UX8 F 3 -9.80 2.31 16.02
CB UX8 F 3 -7.41 1.16 18.63
CD1 UX8 F 3 -8.57 0.52 16.39
CD2 UX8 F 3 -9.14 2.55 17.19
CE3 UX8 F 3 -9.35 3.76 17.88
CZ3 UX8 F 3 -10.23 4.72 17.38
CH2 UX8 F 3 -10.90 4.49 16.17
CZ2 UX8 F 3 -10.70 3.29 15.50
N UX8 F 3 -5.06 1.29 19.34
NE1 UX8 F 3 -9.43 1.09 15.56
O UX8 F 3 -5.58 3.87 18.80
O9 UX8 F 3 -7.46 -0.18 19.03
HA UX8 F 3 -5.68 0.86 17.40
HB2 UX8 F 3 -7.71 1.80 19.46
HD1 UX8 F 3 -8.12 -0.45 16.25
HE3 UX8 F 3 -8.83 3.95 18.81
HZ3 UX8 F 3 -10.39 5.64 17.92
HZ2 UX8 F 3 -11.21 3.10 14.58
HE1 UX8 F 3 -9.77 0.68 14.72
N SER F 4 -6.06 3.29 16.50
CA SER F 4 -5.98 4.67 16.05
C SER F 4 -7.03 4.97 14.99
N LYS F 5 -8.12 5.61 15.40
CA LYS F 5 -9.23 5.92 14.53
C LYS F 5 -9.21 7.40 14.18
N SER F 6 -9.26 7.72 12.90
CA SER F 6 -9.22 9.10 12.45
C SER F 6 -10.59 9.75 12.57
N TRP F 7 -10.61 11.07 12.69
CA TRP F 7 -11.87 11.80 12.77
C TRP F 7 -12.68 11.59 11.50
#